data_4CZY
#
_entry.id   4CZY
#
_cell.length_a   56.266
_cell.length_b   139.976
_cell.length_c   157.444
_cell.angle_alpha   90.00
_cell.angle_beta   97.81
_cell.angle_gamma   90.00
#
_symmetry.space_group_name_H-M   'P 1 21 1'
#
loop_
_entity.id
_entity.type
_entity.pdbx_description
1 polymer 'PAB-DEPENDENT POLY(A)-SPECIFIC RIBONUCLEASE SUBUNIT PAN2'
2 polymer 'PAB-DEPENDENT POLY(A)-SPECIFIC RIBONUCLEASE SUBUNIT PAN3'
3 non-polymer '2-(N-MORPHOLINO)-ETHANESULFONIC ACID'
4 non-polymer 'PHOSPHOAMINOPHOSPHONIC ACID-ADENYLATE ESTER'
5 non-polymer 'MAGNESIUM ION'
#
loop_
_entity_poly.entity_id
_entity_poly.type
_entity_poly.pdbx_seq_one_letter_code
_entity_poly.pdbx_strand_id
1 'polypeptide(L)'
;PHMMDSRDWTQLGCVAYPSPIHPDYHAGPASTIAFDNQDELLWIGTQKGFAGSFIGRELKRFTAFRIHPETDGPLRQFLF
VDKGVIFLGSRSVYMAARSGVPIWSIRHESMQDLRAMSFTSKGTSEILVAGWQNKMLVIDVNKGEVVKELPTQDQYSFLK
MSRYICAATNKGTVNILDPITFTIKKQWQAHGAFINDLDTSNDFIVTCGGSHRQTHNTPAILDPYVKVFDLKNMSAMNPV
PFAPLAAHVRMHPRMLTTAIVVNQAGQIHVTDLLNPSNSQVCYTQPQGVVLHFDVSRTGEGKALADNKHNTYVWGSPNKI
QFTEIGIPPRLPDPPQPSLLPPDPDMLEELPLSR
;
A,C
2 'polypeptide(L)'
;GPHMLEIPKDRRENLQKKLFHMQQLLPNSGLPNLDRWHSLFPLDTKATRNSTCFGYPSWMYKAQNNKNGRHFALRRIEGY
RLTNEKAILNVTKEWKKIINANIVTVHEAFTTEFFGDSSLIFVYDFHPLSETLYDHHFPPNNSHNRLRNTNKIPENLLWS
YVCQIANALLAIHNAKLAARCLELSKIIWENNRIRLAACSILDVLHHDSPNRKTIEELQQEDFVKFGRIILALATNTPTL
NFNNIDAALATIVPRYSTQLRGVLEWLIKPSAPGETKTVETLLGGITTHLANFANFVMQESDEKEFHLMRELENGRIARL
MFKLSVVNERGDSCGVHNWSETGERLLLKLFRDYVFHQVDADGKARLDTNHYLNCLSKLDASSEEQILLTSRDNATVFVV
SYRSIRQMLDRAYGELGKESKPSATGATI
;
B,D
#
loop_
_chem_comp.id
_chem_comp.type
_chem_comp.name
_chem_comp.formula
ANP non-polymer 'PHOSPHOAMINOPHOSPHONIC ACID-ADENYLATE ESTER' 'C10 H17 N6 O12 P3'
MES non-polymer '2-(N-MORPHOLINO)-ETHANESULFONIC ACID' 'C6 H13 N O4 S'
MG non-polymer 'MAGNESIUM ION' 'Mg 2'
#
# COMPACT_ATOMS: atom_id res chain seq x y z
N HIS A 2 44.49 -50.68 -4.17
CA HIS A 2 45.34 -49.64 -3.62
C HIS A 2 44.53 -48.67 -2.75
N MET A 3 44.99 -48.44 -1.53
CA MET A 3 44.28 -47.53 -0.64
C MET A 3 44.33 -46.09 -1.19
N MET A 4 43.38 -45.28 -0.76
CA MET A 4 43.31 -43.88 -1.20
C MET A 4 44.01 -42.98 -0.21
N ASP A 5 44.81 -42.08 -0.74
CA ASP A 5 45.50 -41.11 0.09
C ASP A 5 44.42 -40.19 0.64
N SER A 6 44.44 -39.96 1.95
CA SER A 6 43.42 -39.16 2.63
C SER A 6 43.38 -37.73 2.09
N ARG A 7 44.48 -37.33 1.46
CA ARG A 7 44.58 -36.03 0.78
C ARG A 7 43.79 -36.05 -0.53
N ASP A 8 43.25 -37.22 -0.89
CA ASP A 8 42.45 -37.35 -2.11
C ASP A 8 41.02 -37.75 -1.78
N TRP A 9 40.76 -38.09 -0.52
CA TRP A 9 39.47 -38.65 -0.15
C TRP A 9 39.09 -38.27 1.28
N THR A 10 38.07 -37.42 1.40
CA THR A 10 37.56 -36.99 2.70
C THR A 10 36.12 -36.54 2.57
N GLN A 11 35.40 -36.48 3.69
CA GLN A 11 34.04 -35.97 3.69
C GLN A 11 34.04 -34.44 3.64
N LEU A 12 33.42 -33.86 2.62
CA LEU A 12 33.52 -32.41 2.39
C LEU A 12 32.28 -31.71 2.93
N GLY A 13 31.17 -32.44 2.97
CA GLY A 13 29.91 -31.89 3.44
C GLY A 13 28.89 -32.99 3.63
N CYS A 14 27.84 -32.68 4.37
CA CYS A 14 26.77 -33.63 4.64
C CYS A 14 25.46 -32.93 4.98
N VAL A 15 24.33 -33.54 4.63
CA VAL A 15 23.04 -32.98 5.02
C VAL A 15 21.99 -34.07 5.25
N ALA A 16 21.10 -33.83 6.19
CA ALA A 16 19.93 -34.68 6.42
C ALA A 16 18.72 -34.17 5.64
N TYR A 17 18.19 -35.00 4.75
CA TYR A 17 17.05 -34.62 3.93
C TYR A 17 16.25 -35.85 3.50
N PRO A 18 15.00 -35.98 4.00
CA PRO A 18 14.30 -35.07 4.91
C PRO A 18 14.75 -35.16 6.37
N SER A 19 14.93 -33.99 7.00
CA SER A 19 15.30 -33.91 8.41
C SER A 19 14.08 -34.15 9.30
N PRO A 20 14.28 -34.32 10.62
CA PRO A 20 13.13 -34.58 11.50
C PRO A 20 12.03 -33.52 11.47
N ILE A 21 12.37 -32.29 11.09
CA ILE A 21 11.37 -31.23 11.07
C ILE A 21 10.79 -31.06 9.66
N HIS A 22 11.11 -31.99 8.77
CA HIS A 22 10.57 -31.97 7.42
C HIS A 22 9.26 -32.76 7.46
N PRO A 23 8.24 -32.28 6.73
CA PRO A 23 6.93 -32.95 6.75
C PRO A 23 6.95 -34.39 6.22
N ASP A 24 7.98 -34.76 5.46
CA ASP A 24 8.05 -36.11 4.90
C ASP A 24 8.97 -37.08 5.66
N TYR A 25 9.55 -36.61 6.76
CA TYR A 25 10.49 -37.42 7.55
C TYR A 25 9.99 -38.82 7.93
N HIS A 26 8.74 -38.90 8.39
CA HIS A 26 8.14 -40.15 8.83
C HIS A 26 8.09 -41.25 7.75
N ALA A 27 8.10 -40.85 6.49
CA ALA A 27 7.89 -41.78 5.39
C ALA A 27 9.18 -42.47 4.93
N GLY A 28 10.32 -42.00 5.44
CA GLY A 28 11.57 -42.70 5.20
C GLY A 28 12.65 -41.84 4.55
N PRO A 29 13.78 -42.46 4.21
CA PRO A 29 14.95 -41.79 3.60
C PRO A 29 14.74 -41.35 2.16
N ALA A 30 15.77 -40.73 1.59
CA ALA A 30 15.76 -40.28 0.20
C ALA A 30 15.38 -41.38 -0.79
N SER A 31 14.71 -40.97 -1.87
CA SER A 31 14.26 -41.89 -2.90
C SER A 31 15.23 -41.90 -4.08
N THR A 32 15.98 -40.82 -4.22
CA THR A 32 16.98 -40.68 -5.27
C THR A 32 17.86 -39.45 -5.02
N ILE A 33 19.07 -39.47 -5.56
CA ILE A 33 19.91 -38.27 -5.56
C ILE A 33 20.59 -38.10 -6.92
N ALA A 34 20.89 -36.85 -7.28
CA ALA A 34 21.62 -36.58 -8.52
C ALA A 34 22.31 -35.22 -8.52
N PHE A 35 23.57 -35.21 -8.94
CA PHE A 35 24.28 -33.97 -9.23
C PHE A 35 23.65 -33.28 -10.43
N ASP A 36 23.37 -31.99 -10.31
CA ASP A 36 22.97 -31.20 -11.47
C ASP A 36 24.16 -31.13 -12.42
N ASN A 37 23.91 -30.80 -13.69
CA ASN A 37 25.02 -30.53 -14.60
C ASN A 37 25.33 -29.05 -14.78
N GLN A 38 24.75 -28.21 -13.93
CA GLN A 38 25.15 -26.80 -13.86
C GLN A 38 24.93 -26.25 -12.45
N ASP A 39 25.53 -25.09 -12.17
CA ASP A 39 25.24 -24.33 -10.95
C ASP A 39 25.63 -25.01 -9.63
N GLU A 40 26.47 -26.05 -9.71
CA GLU A 40 26.99 -26.71 -8.50
C GLU A 40 25.91 -27.33 -7.61
N LEU A 41 24.82 -27.82 -8.20
CA LEU A 41 23.69 -28.33 -7.41
C LEU A 41 23.69 -29.85 -7.22
N LEU A 42 23.29 -30.29 -6.02
CA LEU A 42 22.92 -31.68 -5.76
C LEU A 42 21.44 -31.79 -5.43
N TRP A 43 20.72 -32.67 -6.13
CA TRP A 43 19.29 -32.83 -5.88
C TRP A 43 18.92 -34.10 -5.11
N ILE A 44 18.02 -33.95 -4.14
CA ILE A 44 17.58 -35.06 -3.30
C ILE A 44 16.06 -35.13 -3.26
N GLY A 45 15.49 -36.31 -3.45
CA GLY A 45 14.04 -36.46 -3.40
C GLY A 45 13.59 -37.15 -2.12
N THR A 46 12.38 -36.86 -1.67
CA THR A 46 11.80 -37.53 -0.51
C THR A 46 10.74 -38.56 -0.91
N GLN A 47 10.29 -39.36 0.06
CA GLN A 47 9.32 -40.42 -0.21
C GLN A 47 7.91 -39.94 -0.51
N LYS A 48 7.70 -38.62 -0.42
CA LYS A 48 6.40 -38.05 -0.72
C LYS A 48 6.51 -36.99 -1.81
N GLY A 49 7.67 -36.95 -2.47
CA GLY A 49 7.88 -36.10 -3.62
C GLY A 49 8.45 -34.70 -3.43
N PHE A 50 9.01 -34.42 -2.26
CA PHE A 50 9.78 -33.19 -2.12
C PHE A 50 11.15 -33.31 -2.78
N ALA A 51 11.54 -32.26 -3.48
CA ALA A 51 12.87 -32.13 -4.05
C ALA A 51 13.67 -31.06 -3.31
N GLY A 52 14.86 -31.39 -2.83
CA GLY A 52 15.75 -30.39 -2.27
C GLY A 52 17.05 -30.29 -3.05
N SER A 53 17.49 -29.07 -3.30
CA SER A 53 18.76 -28.83 -3.97
C SER A 53 19.77 -28.16 -3.04
N PHE A 54 21.05 -28.50 -3.22
CA PHE A 54 22.11 -28.02 -2.35
C PHE A 54 23.35 -27.64 -3.15
N ILE A 55 23.98 -26.53 -2.77
CA ILE A 55 25.07 -25.95 -3.56
C ILE A 55 26.45 -26.32 -3.01
N GLY A 56 27.31 -26.79 -3.91
CA GLY A 56 28.73 -26.95 -3.60
C GLY A 56 29.02 -28.10 -2.65
N ARG A 57 30.29 -28.24 -2.30
CA ARG A 57 30.73 -29.37 -1.49
C ARG A 57 30.23 -29.35 -0.04
N GLU A 58 29.87 -28.18 0.47
CA GLU A 58 29.42 -28.11 1.87
C GLU A 58 27.90 -28.27 2.02
N LEU A 59 27.21 -28.41 0.88
CA LEU A 59 25.77 -28.67 0.80
C LEU A 59 24.90 -27.66 1.56
N LYS A 60 25.15 -26.37 1.36
CA LYS A 60 24.31 -25.30 1.90
C LYS A 60 22.95 -25.37 1.19
N ARG A 61 21.85 -25.37 1.94
CA ARG A 61 20.52 -25.47 1.34
C ARG A 61 20.22 -24.36 0.33
N PHE A 62 19.64 -24.75 -0.81
CA PHE A 62 19.25 -23.80 -1.84
C PHE A 62 17.74 -23.71 -2.04
N THR A 63 17.14 -24.63 -2.79
CA THR A 63 15.70 -24.60 -2.98
C THR A 63 15.02 -25.92 -2.61
N ALA A 64 13.70 -25.86 -2.44
CA ALA A 64 12.90 -27.05 -2.12
C ALA A 64 11.42 -26.85 -2.42
N PHE A 65 10.80 -27.83 -3.06
CA PHE A 65 9.39 -27.72 -3.41
C PHE A 65 8.87 -29.10 -3.79
N ARG A 66 7.57 -29.31 -3.58
CA ARG A 66 6.95 -30.60 -3.90
C ARG A 66 6.56 -30.63 -5.38
N ILE A 67 6.85 -31.74 -6.06
CA ILE A 67 6.65 -31.77 -7.51
C ILE A 67 5.44 -32.58 -7.97
N HIS A 68 4.76 -33.22 -7.00
CA HIS A 68 3.48 -33.88 -7.25
C HIS A 68 2.72 -34.07 -5.93
N PRO A 69 1.42 -34.42 -5.99
CA PRO A 69 0.69 -34.67 -4.74
C PRO A 69 1.37 -35.73 -3.86
N GLU A 70 1.41 -35.50 -2.55
CA GLU A 70 2.20 -36.37 -1.66
C GLU A 70 1.70 -37.82 -1.57
N THR A 71 0.43 -38.04 -1.88
CA THR A 71 -0.11 -39.40 -1.95
C THR A 71 0.42 -40.23 -3.13
N ASP A 72 1.06 -39.55 -4.07
CA ASP A 72 1.69 -40.20 -5.22
C ASP A 72 2.96 -40.98 -4.87
N GLY A 73 3.55 -40.67 -3.72
CA GLY A 73 4.72 -41.38 -3.25
C GLY A 73 6.04 -40.74 -3.63
N PRO A 74 7.07 -41.57 -3.85
CA PRO A 74 8.46 -41.13 -4.00
C PRO A 74 8.77 -40.37 -5.29
N LEU A 75 9.73 -39.47 -5.20
CA LEU A 75 10.34 -38.83 -6.36
C LEU A 75 11.25 -39.87 -6.98
N ARG A 76 10.95 -40.27 -8.21
CA ARG A 76 11.60 -41.42 -8.79
C ARG A 76 12.92 -41.12 -9.50
N GLN A 77 13.03 -39.97 -10.15
CA GLN A 77 14.22 -39.69 -10.95
C GLN A 77 14.30 -38.22 -11.34
N PHE A 78 15.53 -37.73 -11.48
CA PHE A 78 15.78 -36.41 -12.04
C PHE A 78 16.36 -36.50 -13.45
N LEU A 79 16.08 -35.49 -14.26
CA LEU A 79 16.87 -35.24 -15.47
C LEU A 79 17.12 -33.75 -15.56
N PHE A 80 18.19 -33.37 -16.23
CA PHE A 80 18.59 -31.98 -16.22
C PHE A 80 18.77 -31.43 -17.63
N VAL A 81 18.17 -30.27 -17.87
CA VAL A 81 18.36 -29.52 -19.11
C VAL A 81 18.62 -28.06 -18.76
N ASP A 82 18.94 -27.26 -19.77
CA ASP A 82 19.26 -25.85 -19.59
C ASP A 82 18.14 -25.08 -18.90
N LYS A 83 16.90 -25.33 -19.34
CA LYS A 83 15.76 -24.57 -18.87
C LYS A 83 15.35 -24.89 -17.43
N GLY A 84 15.59 -26.12 -16.99
CA GLY A 84 15.23 -26.49 -15.64
C GLY A 84 15.45 -27.95 -15.31
N VAL A 85 14.75 -28.42 -14.28
CA VAL A 85 14.89 -29.78 -13.78
C VAL A 85 13.59 -30.51 -14.13
N ILE A 86 13.71 -31.76 -14.57
CA ILE A 86 12.54 -32.59 -14.82
C ILE A 86 12.32 -33.60 -13.70
N PHE A 87 11.08 -33.68 -13.22
CA PHE A 87 10.79 -34.52 -12.07
C PHE A 87 9.77 -35.58 -12.48
N LEU A 88 10.06 -36.82 -12.14
CA LEU A 88 9.15 -37.92 -12.45
C LEU A 88 8.57 -38.49 -11.17
N GLY A 89 7.25 -38.62 -11.13
CA GLY A 89 6.61 -39.33 -10.04
C GLY A 89 5.82 -40.49 -10.61
N SER A 90 5.29 -41.33 -9.75
CA SER A 90 4.54 -42.49 -10.19
C SER A 90 3.30 -42.17 -11.03
N ARG A 91 2.68 -41.00 -10.79
CA ARG A 91 1.39 -40.73 -11.41
C ARG A 91 1.43 -39.56 -12.40
N SER A 92 2.58 -38.91 -12.53
CA SER A 92 2.67 -37.66 -13.29
C SER A 92 4.11 -37.25 -13.59
N VAL A 93 4.27 -36.30 -14.52
CA VAL A 93 5.58 -35.72 -14.80
C VAL A 93 5.49 -34.20 -14.69
N TYR A 94 6.48 -33.61 -14.02
CA TYR A 94 6.48 -32.19 -13.71
C TYR A 94 7.79 -31.52 -14.12
N MET A 95 7.72 -30.30 -14.63
CA MET A 95 8.93 -29.55 -14.95
C MET A 95 8.89 -28.15 -14.36
N ALA A 96 9.98 -27.77 -13.71
CA ALA A 96 10.11 -26.45 -13.08
C ALA A 96 11.53 -25.91 -13.22
N ALA A 97 11.67 -24.59 -13.17
CA ALA A 97 12.99 -23.97 -13.11
C ALA A 97 13.65 -24.33 -11.79
N ARG A 98 14.97 -24.16 -11.72
CA ARG A 98 15.72 -24.49 -10.51
C ARG A 98 15.32 -23.56 -9.36
N SER A 99 14.78 -22.41 -9.74
CA SER A 99 14.15 -21.48 -8.80
C SER A 99 12.94 -22.09 -8.08
N GLY A 100 12.29 -23.04 -8.74
CA GLY A 100 11.03 -23.56 -8.25
C GLY A 100 9.85 -23.06 -9.07
N VAL A 101 10.12 -22.13 -9.98
CA VAL A 101 9.09 -21.62 -10.88
C VAL A 101 8.60 -22.70 -11.85
N PRO A 102 7.29 -22.99 -11.81
CA PRO A 102 6.68 -24.05 -12.63
C PRO A 102 6.83 -23.76 -14.12
N ILE A 103 7.08 -24.78 -14.93
CA ILE A 103 7.19 -24.58 -16.37
C ILE A 103 6.01 -25.24 -17.07
N TRP A 104 5.83 -26.55 -16.82
CA TRP A 104 4.60 -27.23 -17.20
C TRP A 104 4.36 -28.46 -16.33
N SER A 105 3.16 -29.02 -16.43
CA SER A 105 2.74 -30.15 -15.61
C SER A 105 1.90 -31.12 -16.43
N ILE A 106 2.32 -32.38 -16.45
CA ILE A 106 1.60 -33.40 -17.21
C ILE A 106 1.16 -34.57 -16.34
N ARG A 107 -0.15 -34.79 -16.29
CA ARG A 107 -0.75 -35.86 -15.50
C ARG A 107 -1.71 -36.64 -16.38
N HIS A 108 -1.15 -37.53 -17.18
CA HIS A 108 -1.86 -38.27 -18.22
C HIS A 108 -2.47 -39.55 -17.63
N GLU A 109 -3.63 -39.94 -18.14
CA GLU A 109 -4.33 -41.14 -17.65
C GLU A 109 -3.49 -42.41 -17.77
N SER A 110 -2.59 -42.45 -18.74
CA SER A 110 -1.77 -43.65 -18.94
C SER A 110 -0.54 -43.67 -18.04
N MET A 111 -0.38 -42.63 -17.23
CA MET A 111 0.68 -42.58 -16.22
C MET A 111 0.18 -43.19 -14.91
N GLN A 112 0.35 -44.49 -14.77
CA GLN A 112 -0.17 -45.21 -13.60
C GLN A 112 0.93 -45.57 -12.58
N ASP A 113 2.09 -45.98 -13.06
CA ASP A 113 3.22 -46.25 -12.16
C ASP A 113 4.56 -46.07 -12.87
N LEU A 114 4.86 -44.84 -13.26
CA LEU A 114 6.13 -44.51 -13.90
C LEU A 114 7.29 -44.71 -12.92
N ARG A 115 8.42 -45.18 -13.43
CA ARG A 115 9.58 -45.44 -12.57
C ARG A 115 10.87 -44.84 -13.14
N ALA A 116 10.86 -44.54 -14.43
CA ALA A 116 12.09 -44.19 -15.14
C ALA A 116 11.84 -43.32 -16.35
N MET A 117 12.82 -42.49 -16.69
CA MET A 117 12.76 -41.69 -17.91
C MET A 117 14.13 -41.42 -18.50
N SER A 118 14.18 -41.19 -19.81
CA SER A 118 15.43 -40.88 -20.49
C SER A 118 15.16 -39.98 -21.68
N PHE A 119 16.22 -39.36 -22.19
CA PHE A 119 16.17 -38.66 -23.47
C PHE A 119 16.13 -39.63 -24.65
N THR A 120 15.95 -39.09 -25.87
CA THR A 120 15.81 -39.94 -27.04
C THR A 120 16.75 -39.52 -28.16
N SER A 121 16.24 -39.53 -29.40
CA SER A 121 17.07 -39.21 -30.56
C SER A 121 17.11 -37.73 -30.87
N LYS A 122 16.50 -36.93 -30.00
CA LYS A 122 16.26 -35.52 -30.31
C LYS A 122 16.95 -34.62 -29.29
N GLY A 123 18.11 -35.04 -28.83
CA GLY A 123 18.89 -34.27 -27.88
C GLY A 123 18.16 -34.12 -26.56
N THR A 124 17.97 -32.87 -26.13
CA THR A 124 17.30 -32.62 -24.87
C THR A 124 15.89 -32.10 -25.12
N SER A 125 15.44 -32.19 -26.37
CA SER A 125 14.14 -31.65 -26.78
C SER A 125 13.00 -32.63 -26.49
N GLU A 126 13.34 -33.89 -26.24
CA GLU A 126 12.34 -34.94 -26.09
C GLU A 126 12.74 -36.00 -25.07
N ILE A 127 11.77 -36.49 -24.29
CA ILE A 127 12.05 -37.58 -23.37
C ILE A 127 11.11 -38.78 -23.55
N LEU A 128 11.61 -39.94 -23.15
CA LEU A 128 10.82 -41.16 -23.09
C LEU A 128 10.57 -41.49 -21.62
N VAL A 129 9.32 -41.81 -21.27
CA VAL A 129 9.01 -42.20 -19.90
C VAL A 129 8.30 -43.55 -19.82
N ALA A 130 8.64 -44.31 -18.78
CA ALA A 130 8.11 -45.66 -18.62
C ALA A 130 8.12 -46.06 -17.15
N GLY A 131 7.58 -47.24 -16.85
CA GLY A 131 7.59 -47.77 -15.50
C GLY A 131 6.99 -49.16 -15.41
N TRP A 132 6.37 -49.45 -14.27
CA TRP A 132 5.77 -50.75 -14.03
C TRP A 132 4.33 -50.74 -14.53
N GLN A 133 4.21 -50.72 -15.85
CA GLN A 133 2.95 -50.58 -16.58
C GLN A 133 3.23 -50.94 -18.03
N ASN A 134 2.17 -51.15 -18.81
CA ASN A 134 2.34 -51.66 -20.17
C ASN A 134 2.15 -50.56 -21.19
N LYS A 135 2.28 -49.31 -20.75
CA LYS A 135 2.32 -48.17 -21.65
C LYS A 135 3.61 -47.36 -21.50
N MET A 136 4.06 -46.76 -22.60
CA MET A 136 5.11 -45.75 -22.53
C MET A 136 4.57 -44.44 -23.12
N LEU A 137 5.16 -43.32 -22.70
CA LEU A 137 4.74 -42.05 -23.24
C LEU A 137 5.95 -41.26 -23.74
N VAL A 138 5.79 -40.60 -24.89
CA VAL A 138 6.83 -39.73 -25.40
C VAL A 138 6.43 -38.28 -25.15
N ILE A 139 7.32 -37.51 -24.53
CA ILE A 139 6.98 -36.14 -24.20
C ILE A 139 7.93 -35.16 -24.89
N ASP A 140 7.33 -34.18 -25.57
CA ASP A 140 8.07 -33.06 -26.12
C ASP A 140 8.38 -32.13 -24.94
N VAL A 141 9.66 -32.02 -24.60
CA VAL A 141 10.08 -31.26 -23.42
C VAL A 141 9.90 -29.75 -23.63
N ASN A 142 10.00 -29.32 -24.89
CA ASN A 142 9.83 -27.91 -25.22
C ASN A 142 8.37 -27.48 -25.13
N LYS A 143 7.49 -28.32 -25.65
CA LYS A 143 6.06 -28.01 -25.67
C LYS A 143 5.34 -28.43 -24.38
N GLY A 144 5.89 -29.39 -23.66
CA GLY A 144 5.28 -29.92 -22.46
C GLY A 144 3.98 -30.67 -22.71
N GLU A 145 3.98 -31.56 -23.70
CA GLU A 145 2.82 -32.39 -23.99
C GLU A 145 3.19 -33.81 -24.39
N VAL A 146 2.33 -34.78 -24.08
CA VAL A 146 2.50 -36.12 -24.64
C VAL A 146 2.29 -36.04 -26.14
N VAL A 147 3.25 -36.55 -26.92
CA VAL A 147 3.15 -36.51 -28.38
C VAL A 147 2.97 -37.89 -29.02
N LYS A 148 3.22 -38.95 -28.26
CA LYS A 148 3.11 -40.31 -28.77
C LYS A 148 2.91 -41.32 -27.65
N GLU A 149 2.11 -42.35 -27.92
CA GLU A 149 1.96 -43.46 -27.01
C GLU A 149 2.37 -44.77 -27.68
N LEU A 150 3.20 -45.55 -27.01
CA LEU A 150 3.70 -46.80 -27.58
C LEU A 150 3.41 -47.96 -26.64
N PRO A 151 3.05 -49.13 -27.20
CA PRO A 151 2.92 -50.32 -26.35
C PRO A 151 4.28 -50.89 -25.96
N THR A 152 4.37 -51.48 -24.77
CA THR A 152 5.54 -52.24 -24.37
C THR A 152 5.13 -53.47 -23.57
N GLN A 153 5.80 -54.58 -23.83
CA GLN A 153 5.56 -55.82 -23.10
C GLN A 153 6.36 -55.91 -21.79
N ASP A 154 7.56 -55.33 -21.80
CA ASP A 154 8.43 -55.32 -20.62
C ASP A 154 8.26 -54.06 -19.76
N GLN A 155 8.27 -54.24 -18.45
CA GLN A 155 8.16 -53.13 -17.51
C GLN A 155 9.55 -52.76 -17.00
N TYR A 156 9.78 -51.46 -16.84
CA TYR A 156 11.13 -50.92 -16.62
C TYR A 156 11.40 -50.24 -15.28
N SER A 157 12.62 -50.45 -14.77
CA SER A 157 13.11 -49.75 -13.58
C SER A 157 14.10 -48.62 -13.91
N PHE A 158 14.76 -48.69 -15.06
CA PHE A 158 15.71 -47.66 -15.47
C PHE A 158 15.70 -47.34 -16.95
N LEU A 159 15.95 -46.07 -17.27
CA LEU A 159 16.16 -45.62 -18.64
C LEU A 159 17.30 -44.62 -18.68
N LYS A 160 18.22 -44.80 -19.63
CA LYS A 160 19.24 -43.78 -19.91
C LYS A 160 19.73 -43.83 -21.36
N MET A 161 19.80 -42.66 -21.99
CA MET A 161 20.27 -42.56 -23.36
C MET A 161 21.79 -42.39 -23.42
N SER A 162 22.47 -43.26 -24.16
CA SER A 162 23.88 -43.05 -24.49
C SER A 162 24.07 -43.20 -26.00
N ARG A 163 24.54 -44.37 -26.44
CA ARG A 163 24.56 -44.67 -27.87
C ARG A 163 23.15 -45.13 -28.26
N TYR A 164 22.53 -45.84 -27.32
CA TYR A 164 21.16 -46.33 -27.46
C TYR A 164 20.43 -46.06 -26.14
N ILE A 165 19.12 -46.28 -26.14
CA ILE A 165 18.36 -46.21 -24.90
C ILE A 165 18.47 -47.52 -24.14
N CYS A 166 19.12 -47.48 -22.98
CA CYS A 166 19.29 -48.69 -22.18
C CYS A 166 18.20 -48.80 -21.12
N ALA A 167 17.45 -49.90 -21.20
CA ALA A 167 16.19 -50.03 -20.47
C ALA A 167 16.24 -51.26 -19.56
N ALA A 168 16.36 -51.05 -18.26
CA ALA A 168 16.38 -52.17 -17.32
C ALA A 168 14.98 -52.61 -16.90
N THR A 169 14.64 -53.87 -17.17
CA THR A 169 13.37 -54.45 -16.75
C THR A 169 13.35 -54.81 -15.27
N ASN A 170 12.17 -55.07 -14.72
CA ASN A 170 12.05 -55.46 -13.32
C ASN A 170 12.30 -56.96 -13.12
N LYS A 171 12.78 -57.64 -14.16
CA LYS A 171 13.10 -59.05 -14.06
C LYS A 171 14.61 -59.32 -14.09
N GLY A 172 15.39 -58.25 -14.22
CA GLY A 172 16.84 -58.38 -14.22
C GLY A 172 17.52 -58.41 -15.57
N THR A 173 16.74 -58.27 -16.65
CA THR A 173 17.32 -58.21 -17.98
C THR A 173 17.47 -56.76 -18.44
N VAL A 174 18.36 -56.53 -19.40
CA VAL A 174 18.51 -55.19 -19.99
C VAL A 174 18.16 -55.20 -21.47
N ASN A 175 17.18 -54.37 -21.85
CA ASN A 175 16.88 -54.13 -23.27
C ASN A 175 17.61 -52.91 -23.84
N ILE A 176 18.26 -53.09 -24.98
CA ILE A 176 18.90 -51.97 -25.68
C ILE A 176 17.99 -51.45 -26.81
N LEU A 177 17.46 -50.24 -26.63
CA LEU A 177 16.46 -49.69 -27.53
C LEU A 177 16.98 -48.67 -28.55
N ASP A 178 16.54 -48.81 -29.79
CA ASP A 178 16.81 -47.83 -30.84
C ASP A 178 16.22 -46.49 -30.40
N PRO A 179 17.04 -45.42 -30.39
CA PRO A 179 16.54 -44.15 -29.84
C PRO A 179 15.51 -43.42 -30.72
N ILE A 180 15.41 -43.80 -31.99
CA ILE A 180 14.45 -43.16 -32.89
C ILE A 180 13.09 -43.85 -32.88
N THR A 181 13.10 -45.18 -32.95
CA THR A 181 11.87 -45.97 -33.08
C THR A 181 11.49 -46.68 -31.79
N PHE A 182 12.43 -46.72 -30.85
CA PHE A 182 12.25 -47.41 -29.56
C PHE A 182 12.11 -48.94 -29.65
N THR A 183 12.40 -49.51 -30.82
CA THR A 183 12.40 -50.97 -30.96
C THR A 183 13.66 -51.61 -30.34
N ILE A 184 13.49 -52.81 -29.79
CA ILE A 184 14.58 -53.60 -29.19
C ILE A 184 15.63 -54.22 -30.12
N LYS A 185 16.89 -53.83 -29.97
CA LYS A 185 17.99 -54.41 -30.74
C LYS A 185 18.60 -55.67 -30.11
N LYS A 186 18.57 -55.77 -28.79
CA LYS A 186 19.28 -56.84 -28.10
C LYS A 186 18.84 -56.99 -26.63
N GLN A 187 18.73 -58.23 -26.16
CA GLN A 187 18.42 -58.47 -24.75
C GLN A 187 19.58 -59.13 -24.00
N TRP A 188 19.89 -58.60 -22.82
CA TRP A 188 21.02 -59.09 -22.03
C TRP A 188 20.59 -59.58 -20.64
N GLN A 189 20.92 -60.83 -20.29
CA GLN A 189 20.59 -61.34 -18.96
C GLN A 189 21.62 -60.95 -17.91
N ALA A 190 21.34 -59.88 -17.16
CA ALA A 190 22.30 -59.36 -16.20
C ALA A 190 22.21 -60.08 -14.85
N HIS A 191 21.02 -60.02 -14.25
CA HIS A 191 20.78 -60.66 -12.95
C HIS A 191 19.48 -61.45 -12.94
N GLY A 192 19.32 -62.28 -11.91
CA GLY A 192 18.21 -63.22 -11.83
C GLY A 192 16.79 -62.71 -11.69
N ALA A 193 16.59 -61.67 -10.88
CA ALA A 193 15.24 -61.18 -10.61
C ALA A 193 15.12 -59.66 -10.61
N PHE A 194 16.21 -58.97 -10.30
CA PHE A 194 16.16 -57.51 -10.25
C PHE A 194 17.49 -56.85 -10.56
N ILE A 195 17.41 -55.59 -10.97
CA ILE A 195 18.56 -54.74 -11.21
C ILE A 195 18.47 -53.59 -10.21
N ASN A 196 19.48 -53.45 -9.36
CA ASN A 196 19.47 -52.39 -8.35
C ASN A 196 20.04 -51.06 -8.85
N ASP A 197 20.80 -51.10 -9.94
CA ASP A 197 21.40 -49.88 -10.47
C ASP A 197 21.87 -50.09 -11.91
N LEU A 198 21.81 -49.04 -12.70
CA LEU A 198 22.30 -49.08 -14.07
C LEU A 198 22.95 -47.75 -14.43
N ASP A 199 24.12 -47.81 -15.06
CA ASP A 199 24.70 -46.64 -15.71
C ASP A 199 25.25 -47.02 -17.08
N THR A 200 25.51 -46.04 -17.93
CA THR A 200 26.02 -46.33 -19.26
C THR A 200 26.81 -45.18 -19.90
N SER A 201 27.85 -45.56 -20.65
CA SER A 201 28.58 -44.65 -21.53
C SER A 201 28.33 -45.06 -22.98
N ASN A 202 28.92 -44.34 -23.93
CA ASN A 202 28.73 -44.70 -25.33
C ASN A 202 29.30 -46.07 -25.69
N ASP A 203 30.24 -46.56 -24.88
CA ASP A 203 30.90 -47.83 -25.14
C ASP A 203 30.48 -48.97 -24.19
N PHE A 204 29.89 -48.63 -23.05
CA PHE A 204 29.58 -49.66 -22.06
C PHE A 204 28.22 -49.50 -21.38
N ILE A 205 27.66 -50.63 -20.96
CA ILE A 205 26.63 -50.69 -19.92
C ILE A 205 27.18 -51.39 -18.67
N VAL A 206 26.84 -50.89 -17.49
CA VAL A 206 27.19 -51.56 -16.25
C VAL A 206 25.95 -51.65 -15.36
N THR A 207 25.76 -52.81 -14.71
CA THR A 207 24.58 -52.96 -13.85
C THR A 207 24.90 -53.65 -12.53
N CYS A 208 24.07 -53.36 -11.52
CA CYS A 208 24.06 -54.08 -10.26
C CYS A 208 22.69 -54.72 -10.03
N GLY A 209 22.67 -55.88 -9.37
CA GLY A 209 21.41 -56.56 -9.10
C GLY A 209 21.59 -57.85 -8.32
N GLY A 210 20.57 -58.70 -8.37
CA GLY A 210 20.60 -59.97 -7.66
C GLY A 210 19.66 -61.01 -8.25
N SER A 211 19.72 -62.22 -7.69
CA SER A 211 19.05 -63.37 -8.28
C SER A 211 17.59 -63.53 -7.84
N HIS A 212 17.22 -62.93 -6.71
CA HIS A 212 15.86 -63.04 -6.18
C HIS A 212 15.41 -61.78 -5.45
N ARG A 213 14.19 -61.34 -5.70
CA ARG A 213 13.62 -60.25 -4.92
C ARG A 213 13.22 -60.73 -3.54
N GLN A 214 13.03 -59.78 -2.63
CA GLN A 214 12.81 -60.09 -1.23
C GLN A 214 11.47 -60.81 -1.04
N THR A 215 11.47 -61.85 -0.22
CA THR A 215 10.26 -62.50 0.28
C THR A 215 10.45 -62.71 1.76
N HIS A 216 9.44 -63.20 2.48
CA HIS A 216 9.66 -63.47 3.90
C HIS A 216 10.58 -64.69 4.08
N ASN A 217 10.80 -65.44 3.01
CA ASN A 217 11.72 -66.58 3.04
C ASN A 217 13.17 -66.21 2.72
N THR A 218 13.35 -65.12 1.97
CA THR A 218 14.62 -64.86 1.31
C THR A 218 14.81 -63.36 1.10
N PRO A 219 15.87 -62.77 1.71
CA PRO A 219 16.18 -61.38 1.42
C PRO A 219 16.72 -61.18 0.01
N ALA A 220 16.50 -60.03 -0.60
CA ALA A 220 17.10 -59.78 -1.89
C ALA A 220 18.60 -59.69 -1.67
N ILE A 221 19.38 -60.53 -2.34
CA ILE A 221 20.82 -60.51 -2.17
C ILE A 221 21.45 -59.95 -3.43
N LEU A 222 22.37 -59.02 -3.27
CA LEU A 222 23.05 -58.48 -4.43
C LEU A 222 24.11 -59.46 -4.90
N ASP A 223 24.39 -59.43 -6.20
CA ASP A 223 25.37 -60.33 -6.77
C ASP A 223 26.77 -59.81 -6.46
N PRO A 224 27.75 -60.72 -6.34
CA PRO A 224 29.14 -60.36 -6.03
C PRO A 224 29.94 -59.91 -7.25
N TYR A 225 29.29 -59.18 -8.15
CA TYR A 225 29.95 -58.71 -9.36
C TYR A 225 29.11 -57.64 -10.03
N VAL A 226 29.74 -56.86 -10.91
CA VAL A 226 28.98 -56.00 -11.79
C VAL A 226 28.94 -56.66 -13.16
N LYS A 227 27.75 -56.77 -13.75
CA LYS A 227 27.66 -57.31 -15.09
C LYS A 227 27.96 -56.20 -16.09
N VAL A 228 28.69 -56.55 -17.14
CA VAL A 228 29.18 -55.56 -18.11
C VAL A 228 28.81 -55.98 -19.53
N PHE A 229 28.34 -55.02 -20.32
CA PHE A 229 27.97 -55.31 -21.70
C PHE A 229 28.68 -54.30 -22.61
N ASP A 230 29.23 -54.82 -23.70
CA ASP A 230 29.96 -54.01 -24.67
C ASP A 230 29.01 -53.40 -25.70
N LEU A 231 28.78 -52.09 -25.60
CA LEU A 231 27.83 -51.43 -26.48
C LEU A 231 28.44 -51.19 -27.86
N LYS A 232 29.77 -51.08 -27.88
CA LYS A 232 30.49 -50.84 -29.12
C LYS A 232 30.41 -52.04 -30.05
N ASN A 233 30.72 -53.22 -29.51
CA ASN A 233 30.74 -54.44 -30.31
C ASN A 233 29.53 -55.35 -30.05
N MET A 234 28.56 -54.84 -29.30
CA MET A 234 27.29 -55.51 -29.03
C MET A 234 27.40 -56.96 -28.55
N SER A 235 28.17 -57.19 -27.49
CA SER A 235 28.25 -58.53 -26.90
C SER A 235 28.50 -58.41 -25.40
N ALA A 236 28.13 -59.44 -24.64
CA ALA A 236 28.34 -59.39 -23.20
C ALA A 236 29.83 -59.48 -22.91
N MET A 237 30.26 -58.88 -21.80
CA MET A 237 31.65 -59.00 -21.38
C MET A 237 31.76 -59.74 -20.06
N ASN A 238 33.00 -60.03 -19.66
CA ASN A 238 33.26 -60.63 -18.36
C ASN A 238 32.85 -59.67 -17.26
N PRO A 239 32.24 -60.18 -16.18
CA PRO A 239 31.87 -59.32 -15.06
C PRO A 239 33.08 -58.79 -14.30
N VAL A 240 32.91 -57.66 -13.61
CA VAL A 240 33.93 -57.11 -12.73
C VAL A 240 33.72 -57.65 -11.32
N PRO A 241 34.67 -58.46 -10.82
CA PRO A 241 34.56 -59.05 -9.48
C PRO A 241 34.50 -58.00 -8.35
N PHE A 242 33.54 -58.20 -7.44
CA PHE A 242 33.33 -57.29 -6.32
C PHE A 242 32.78 -58.04 -5.11
N ALA A 243 33.67 -58.68 -4.35
CA ALA A 243 33.28 -59.50 -3.20
C ALA A 243 32.39 -58.83 -2.13
N PRO A 244 32.57 -57.52 -1.87
CA PRO A 244 31.65 -56.89 -0.90
C PRO A 244 30.18 -56.79 -1.33
N LEU A 245 29.84 -57.31 -2.51
CA LEU A 245 28.48 -57.24 -3.08
C LEU A 245 28.21 -55.85 -3.64
N ALA A 246 27.94 -55.78 -4.94
CA ALA A 246 27.86 -54.52 -5.66
C ALA A 246 26.43 -53.96 -5.61
N ALA A 247 26.31 -52.80 -5.00
CA ALA A 247 25.01 -52.16 -4.79
C ALA A 247 24.77 -51.03 -5.78
N HIS A 248 25.80 -50.25 -6.05
CA HIS A 248 25.67 -49.13 -6.98
C HIS A 248 26.89 -48.99 -7.88
N VAL A 249 26.70 -48.38 -9.06
CA VAL A 249 27.78 -48.21 -10.01
C VAL A 249 27.55 -46.96 -10.88
N ARG A 250 28.64 -46.24 -11.16
CA ARG A 250 28.61 -45.13 -12.11
C ARG A 250 29.83 -45.16 -13.02
N MET A 251 29.65 -44.87 -14.30
CA MET A 251 30.80 -44.67 -15.18
C MET A 251 31.50 -43.34 -14.87
N HIS A 252 32.83 -43.35 -14.87
CA HIS A 252 33.59 -42.12 -14.67
C HIS A 252 33.57 -41.24 -15.93
N PRO A 253 33.15 -39.99 -15.78
CA PRO A 253 32.95 -39.07 -16.90
C PRO A 253 34.23 -38.59 -17.60
N ARG A 254 35.40 -38.72 -16.97
CA ARG A 254 36.64 -38.26 -17.60
C ARG A 254 37.54 -39.43 -17.99
N MET A 255 37.70 -40.40 -17.10
CA MET A 255 38.39 -41.64 -17.45
C MET A 255 37.37 -42.56 -18.11
N LEU A 256 37.35 -42.56 -19.44
CA LEU A 256 36.21 -43.09 -20.21
C LEU A 256 36.04 -44.60 -20.10
N THR A 257 37.11 -45.30 -19.73
CA THR A 257 37.04 -46.74 -19.59
C THR A 257 37.03 -47.22 -18.13
N THR A 258 36.72 -46.31 -17.22
CA THR A 258 36.79 -46.60 -15.78
C THR A 258 35.40 -46.62 -15.15
N ALA A 259 35.15 -47.58 -14.24
CA ALA A 259 33.87 -47.62 -13.51
C ALA A 259 34.04 -47.36 -12.01
N ILE A 260 33.02 -46.77 -11.39
CA ILE A 260 33.01 -46.52 -9.95
C ILE A 260 31.98 -47.36 -9.17
N VAL A 261 32.46 -48.26 -8.32
CA VAL A 261 31.58 -49.24 -7.68
C VAL A 261 31.49 -49.10 -6.15
N VAL A 262 30.27 -49.16 -5.63
CA VAL A 262 30.00 -48.85 -4.22
C VAL A 262 29.16 -49.96 -3.56
N ASN A 263 29.55 -50.37 -2.35
CA ASN A 263 28.71 -51.32 -1.61
C ASN A 263 27.91 -50.65 -0.49
N GLN A 264 27.01 -51.41 0.12
CA GLN A 264 26.07 -50.84 1.08
C GLN A 264 26.70 -50.40 2.41
N ALA A 265 27.92 -50.85 2.69
CA ALA A 265 28.61 -50.41 3.90
C ALA A 265 29.43 -49.15 3.63
N GLY A 266 29.33 -48.65 2.40
CA GLY A 266 30.01 -47.45 1.96
C GLY A 266 31.45 -47.64 1.52
N GLN A 267 31.87 -48.88 1.33
CA GLN A 267 33.17 -49.18 0.74
C GLN A 267 33.13 -48.98 -0.78
N ILE A 268 34.13 -48.29 -1.32
CA ILE A 268 34.11 -47.96 -2.74
C ILE A 268 35.38 -48.44 -3.45
N HIS A 269 35.20 -49.10 -4.59
CA HIS A 269 36.31 -49.45 -5.47
C HIS A 269 36.20 -48.69 -6.79
N VAL A 270 37.32 -48.11 -7.23
CA VAL A 270 37.40 -47.47 -8.54
C VAL A 270 38.19 -48.31 -9.54
N THR A 271 37.50 -48.89 -10.53
CA THR A 271 38.12 -49.95 -11.33
C THR A 271 37.99 -49.70 -12.82
N ASP A 272 39.13 -49.77 -13.52
CA ASP A 272 39.19 -49.66 -14.97
C ASP A 272 38.64 -50.92 -15.65
N LEU A 273 37.67 -50.74 -16.55
CA LEU A 273 37.04 -51.88 -17.23
C LEU A 273 38.03 -52.68 -18.07
N LEU A 274 38.99 -51.99 -18.68
CA LEU A 274 39.93 -52.60 -19.62
C LEU A 274 41.00 -53.38 -18.86
N ASN A 275 41.22 -52.98 -17.61
CA ASN A 275 42.08 -53.76 -16.73
C ASN A 275 41.73 -53.64 -15.24
N PRO A 276 41.04 -54.66 -14.70
CA PRO A 276 40.51 -54.65 -13.32
C PRO A 276 41.60 -54.74 -12.27
N SER A 277 42.83 -55.00 -12.70
CA SER A 277 43.97 -55.22 -11.82
C SER A 277 44.26 -53.98 -10.98
N ASN A 278 44.11 -52.82 -11.60
CA ASN A 278 44.29 -51.56 -10.90
C ASN A 278 43.02 -50.90 -10.42
N SER A 279 42.71 -51.11 -9.14
CA SER A 279 41.56 -50.44 -8.54
C SER A 279 41.93 -49.83 -7.20
N GLN A 280 41.44 -48.62 -6.94
CA GLN A 280 41.64 -47.96 -5.65
C GLN A 280 40.56 -48.33 -4.64
N VAL A 281 40.97 -48.66 -3.42
CA VAL A 281 40.00 -48.99 -2.39
C VAL A 281 40.03 -47.85 -1.39
N CYS A 282 38.86 -47.39 -0.98
CA CYS A 282 38.75 -46.43 0.10
C CYS A 282 37.52 -46.69 0.93
N TYR A 283 37.46 -46.07 2.10
CA TYR A 283 36.32 -46.30 2.98
C TYR A 283 35.66 -44.99 3.38
N THR A 284 34.36 -45.06 3.62
CA THR A 284 33.61 -43.94 4.16
C THR A 284 33.02 -44.39 5.48
N GLN A 285 32.44 -43.46 6.22
CA GLN A 285 31.90 -43.79 7.53
C GLN A 285 30.41 -43.46 7.61
N PRO A 286 29.59 -44.14 6.77
CA PRO A 286 28.15 -43.81 6.79
C PRO A 286 27.55 -44.24 8.11
N GLN A 287 26.60 -43.47 8.64
CA GLN A 287 25.95 -43.87 9.87
C GLN A 287 25.10 -45.12 9.61
N GLY A 288 24.37 -45.12 8.51
CA GLY A 288 23.53 -46.26 8.17
C GLY A 288 23.97 -47.01 6.92
N VAL A 289 23.06 -47.81 6.37
CA VAL A 289 23.25 -48.53 5.11
C VAL A 289 23.09 -47.62 3.89
N VAL A 290 24.03 -47.66 2.94
CA VAL A 290 23.97 -46.83 1.73
C VAL A 290 22.83 -47.25 0.79
N LEU A 291 22.03 -46.28 0.34
CA LEU A 291 20.91 -46.56 -0.55
C LEU A 291 21.02 -45.98 -1.97
N HIS A 292 21.71 -44.85 -2.11
CA HIS A 292 21.85 -44.20 -3.41
C HIS A 292 23.22 -43.57 -3.64
N PHE A 293 23.59 -43.43 -4.90
CA PHE A 293 24.91 -42.93 -5.28
C PHE A 293 24.85 -42.19 -6.62
N ASP A 294 25.61 -41.11 -6.73
CA ASP A 294 25.84 -40.48 -8.03
C ASP A 294 27.21 -39.78 -8.08
N VAL A 295 27.66 -39.49 -9.28
CA VAL A 295 28.90 -38.75 -9.50
C VAL A 295 28.63 -37.50 -10.33
N SER A 296 29.36 -36.42 -10.04
CA SER A 296 29.16 -35.17 -10.75
C SER A 296 29.71 -35.27 -12.17
N ARG A 297 29.36 -34.31 -13.01
CA ARG A 297 29.76 -34.31 -14.40
C ARG A 297 31.28 -34.26 -14.57
N THR A 298 31.97 -33.60 -13.65
CA THR A 298 33.42 -33.51 -13.71
C THR A 298 34.08 -34.77 -13.14
N GLY A 299 33.32 -35.56 -12.40
CA GLY A 299 33.86 -36.73 -11.74
C GLY A 299 34.44 -36.45 -10.37
N GLU A 300 34.51 -35.17 -10.01
CA GLU A 300 35.23 -34.77 -8.81
C GLU A 300 34.40 -34.90 -7.53
N GLY A 301 33.07 -34.83 -7.65
CA GLY A 301 32.18 -35.00 -6.52
C GLY A 301 31.46 -36.34 -6.51
N LYS A 302 31.51 -37.04 -5.38
CA LYS A 302 30.76 -38.28 -5.20
C LYS A 302 29.74 -38.15 -4.09
N ALA A 303 28.47 -38.45 -4.38
CA ALA A 303 27.44 -38.30 -3.34
C ALA A 303 26.76 -39.64 -2.99
N LEU A 304 26.51 -39.83 -1.70
CA LEU A 304 25.89 -41.06 -1.20
C LEU A 304 24.83 -40.80 -0.12
N ALA A 305 23.63 -41.35 -0.31
CA ALA A 305 22.59 -41.23 0.71
C ALA A 305 22.35 -42.58 1.39
N ASP A 306 22.17 -42.55 2.71
CA ASP A 306 21.99 -43.78 3.48
C ASP A 306 20.59 -43.87 4.11
N ASN A 307 20.27 -45.01 4.72
CA ASN A 307 18.92 -45.22 5.24
C ASN A 307 18.66 -44.56 6.59
N LYS A 308 19.66 -43.83 7.10
CA LYS A 308 19.45 -43.04 8.32
C LYS A 308 19.18 -41.58 7.98
N HIS A 309 18.85 -41.34 6.71
CA HIS A 309 18.47 -40.05 6.16
C HIS A 309 19.63 -39.07 5.92
N ASN A 310 20.86 -39.55 6.02
CA ASN A 310 22.03 -38.70 5.78
C ASN A 310 22.45 -38.74 4.31
N THR A 311 22.88 -37.60 3.79
CA THR A 311 23.59 -37.58 2.52
C THR A 311 24.98 -36.95 2.64
N TYR A 312 25.99 -37.66 2.15
CA TYR A 312 27.39 -37.23 2.26
C TYR A 312 27.96 -36.93 0.88
N VAL A 313 28.86 -35.94 0.82
CA VAL A 313 29.67 -35.73 -0.37
C VAL A 313 31.12 -36.00 -0.01
N TRP A 314 31.77 -36.86 -0.79
CA TRP A 314 33.17 -37.17 -0.57
C TRP A 314 33.97 -36.77 -1.81
N GLY A 315 35.26 -36.52 -1.61
CA GLY A 315 36.14 -36.12 -2.69
C GLY A 315 37.43 -35.51 -2.17
N SER A 316 38.19 -34.88 -3.05
CA SER A 316 39.43 -34.22 -2.66
C SER A 316 39.18 -32.91 -1.91
N PRO A 317 39.98 -32.64 -0.87
CA PRO A 317 39.95 -31.37 -0.13
C PRO A 317 40.37 -30.16 -0.99
N ASN A 318 41.02 -30.42 -2.12
CA ASN A 318 41.50 -29.36 -2.99
C ASN A 318 40.46 -28.85 -3.99
N LYS A 319 39.86 -27.70 -3.66
CA LYS A 319 38.90 -26.96 -4.48
C LYS A 319 38.28 -27.71 -5.67
N ILE A 320 37.26 -28.52 -5.39
CA ILE A 320 36.57 -29.27 -6.42
C ILE A 320 35.44 -28.45 -7.05
N GLN A 321 35.17 -28.70 -8.33
CA GLN A 321 34.03 -28.08 -9.00
C GLN A 321 33.13 -29.12 -9.66
N PHE A 322 31.82 -28.98 -9.43
CA PHE A 322 30.82 -29.90 -9.96
C PHE A 322 30.68 -29.78 -11.48
N THR A 323 30.71 -28.55 -11.98
CA THR A 323 30.68 -28.34 -13.42
C THR A 323 31.68 -27.27 -13.86
N GLU A 324 31.90 -27.17 -15.16
CA GLU A 324 32.84 -26.24 -15.79
C GLU A 324 32.96 -24.88 -15.10
N ILE B 7 6.59 12.63 -0.65
CA ILE B 7 5.44 13.42 -0.20
C ILE B 7 5.37 13.46 1.32
N PRO B 8 5.59 14.65 1.91
CA PRO B 8 5.60 14.80 3.37
C PRO B 8 4.21 14.72 3.98
N LYS B 9 4.11 15.10 5.26
CA LYS B 9 2.85 15.06 5.97
C LYS B 9 2.02 16.33 5.80
N ASP B 10 2.66 17.49 5.97
CA ASP B 10 1.95 18.76 5.94
C ASP B 10 1.39 19.14 4.57
N ARG B 11 2.18 18.94 3.51
CA ARG B 11 1.69 19.26 2.17
C ARG B 11 0.58 18.32 1.74
N ARG B 12 0.56 17.10 2.29
CA ARG B 12 -0.46 16.12 1.94
C ARG B 12 -1.83 16.59 2.45
N GLU B 13 -1.82 17.25 3.59
CA GLU B 13 -3.04 17.83 4.13
C GLU B 13 -3.34 19.15 3.42
N ASN B 14 -2.30 19.93 3.16
CA ASN B 14 -2.41 21.19 2.41
C ASN B 14 -3.12 21.02 1.08
N LEU B 15 -2.75 19.97 0.34
CA LEU B 15 -3.38 19.67 -0.94
C LEU B 15 -4.76 19.04 -0.77
N GLN B 16 -4.97 18.38 0.36
CA GLN B 16 -6.27 17.80 0.66
C GLN B 16 -7.29 18.89 0.98
N LYS B 17 -6.91 19.83 1.84
CA LYS B 17 -7.77 20.93 2.23
C LYS B 17 -8.19 21.76 1.02
N LYS B 18 -7.30 21.86 0.04
CA LYS B 18 -7.56 22.57 -1.21
C LYS B 18 -8.71 21.94 -1.99
N LEU B 19 -8.84 20.63 -1.89
CA LEU B 19 -9.90 19.90 -2.58
C LEU B 19 -11.22 19.96 -1.82
N PHE B 20 -11.15 19.88 -0.49
CA PHE B 20 -12.34 20.01 0.35
C PHE B 20 -12.95 21.41 0.20
N HIS B 21 -12.08 22.39 0.01
CA HIS B 21 -12.49 23.79 -0.13
C HIS B 21 -13.25 24.04 -1.44
N MET B 22 -12.88 23.33 -2.49
CA MET B 22 -13.49 23.55 -3.80
C MET B 22 -14.96 23.16 -3.85
N GLN B 23 -15.28 21.95 -3.39
CA GLN B 23 -16.64 21.46 -3.46
C GLN B 23 -17.45 21.77 -2.19
N GLN B 24 -16.87 22.58 -1.31
CA GLN B 24 -17.53 23.00 -0.08
C GLN B 24 -18.78 23.81 -0.39
N LEU B 25 -19.90 23.45 0.22
CA LEU B 25 -21.15 24.15 -0.05
C LEU B 25 -21.84 24.63 1.23
N LEU B 26 -22.65 25.68 1.09
CA LEU B 26 -23.51 26.13 2.16
C LEU B 26 -24.98 26.05 1.71
N PRO B 27 -25.76 25.12 2.29
CA PRO B 27 -27.15 24.92 1.90
C PRO B 27 -28.11 25.99 2.43
N ASN B 28 -27.79 26.57 3.57
CA ASN B 28 -28.62 27.59 4.19
C ASN B 28 -28.23 28.99 3.71
N SER B 29 -27.46 29.05 2.63
CA SER B 29 -26.85 30.30 2.17
C SER B 29 -27.86 31.40 1.83
N GLY B 30 -29.01 31.01 1.31
CA GLY B 30 -30.06 31.96 0.98
C GLY B 30 -29.59 32.89 -0.13
N LEU B 31 -28.80 32.32 -1.04
CA LEU B 31 -28.19 33.06 -2.13
C LEU B 31 -28.85 32.59 -3.42
N PRO B 32 -28.83 33.45 -4.44
CA PRO B 32 -29.57 33.09 -5.66
C PRO B 32 -28.77 32.19 -6.60
N ASN B 33 -29.41 31.77 -7.68
CA ASN B 33 -28.72 31.16 -8.79
C ASN B 33 -28.93 32.02 -10.02
N LEU B 34 -27.85 32.53 -10.59
CA LEU B 34 -27.95 33.47 -11.69
C LEU B 34 -28.21 32.74 -13.01
N ASP B 35 -28.18 33.50 -14.09
CA ASP B 35 -28.39 32.95 -15.43
C ASP B 35 -27.40 31.83 -15.72
N ARG B 36 -26.12 32.13 -15.51
CA ARG B 36 -25.03 31.24 -15.92
C ARG B 36 -24.36 30.46 -14.78
N TRP B 37 -24.80 30.67 -13.56
CA TRP B 37 -24.11 30.07 -12.42
C TRP B 37 -25.07 29.44 -11.40
N HIS B 38 -24.51 28.77 -10.40
CA HIS B 38 -25.29 28.17 -9.31
C HIS B 38 -24.38 27.79 -8.15
N SER B 39 -24.94 27.12 -7.15
CA SER B 39 -24.24 26.72 -5.93
C SER B 39 -23.30 27.80 -5.40
N LEU B 40 -23.83 28.99 -5.15
CA LEU B 40 -23.01 30.07 -4.62
C LEU B 40 -22.59 29.77 -3.19
N PHE B 41 -21.48 30.37 -2.79
CA PHE B 41 -20.89 30.10 -1.49
C PHE B 41 -20.19 31.36 -0.97
N PRO B 42 -20.57 31.79 0.24
CA PRO B 42 -19.92 32.98 0.80
C PRO B 42 -18.45 32.73 1.14
N LEU B 43 -17.56 33.49 0.51
CA LEU B 43 -16.13 33.32 0.75
C LEU B 43 -15.62 34.35 1.74
N ASP B 44 -16.48 35.30 2.10
CA ASP B 44 -16.07 36.39 2.97
C ASP B 44 -15.96 35.93 4.41
N THR B 45 -14.79 36.16 4.99
CA THR B 45 -14.52 35.82 6.38
C THR B 45 -15.11 36.90 7.27
N LYS B 46 -14.96 38.14 6.83
CA LYS B 46 -15.33 39.32 7.60
C LYS B 46 -16.76 39.67 7.19
N ALA B 47 -17.72 39.35 8.04
CA ALA B 47 -19.13 39.55 7.73
C ALA B 47 -19.53 41.00 7.47
N THR B 48 -18.97 41.92 8.25
CA THR B 48 -19.21 43.34 8.03
C THR B 48 -18.29 43.84 6.94
N ARG B 49 -18.87 44.56 5.99
CA ARG B 49 -18.14 44.92 4.80
C ARG B 49 -18.03 46.41 4.54
N ASN B 50 -16.79 46.86 4.40
CA ASN B 50 -16.49 48.13 3.77
C ASN B 50 -15.40 47.80 2.78
N SER B 51 -15.52 48.27 1.55
CA SER B 51 -14.57 47.86 0.53
C SER B 51 -13.43 48.84 0.39
N THR B 52 -12.23 48.31 0.61
CA THR B 52 -10.99 49.08 0.66
C THR B 52 -10.78 50.07 -0.50
N CYS B 53 -11.11 49.66 -1.72
CA CYS B 53 -10.84 50.51 -2.88
C CYS B 53 -12.02 50.80 -3.80
N PHE B 54 -13.11 50.05 -3.65
CA PHE B 54 -14.21 50.16 -4.60
C PHE B 54 -15.01 51.43 -4.34
N GLY B 55 -15.28 51.69 -3.06
CA GLY B 55 -16.12 52.81 -2.66
C GLY B 55 -17.56 52.36 -2.57
N TYR B 56 -17.76 51.05 -2.62
CA TYR B 56 -19.07 50.44 -2.51
C TYR B 56 -18.91 49.30 -1.51
N PRO B 57 -19.96 48.50 -1.28
CA PRO B 57 -19.67 47.27 -0.53
C PRO B 57 -19.37 46.09 -1.46
N SER B 58 -18.50 45.18 -1.03
CA SER B 58 -18.11 44.04 -1.85
C SER B 58 -18.36 42.70 -1.17
N TRP B 59 -18.82 41.73 -1.94
CA TRP B 59 -19.06 40.38 -1.46
C TRP B 59 -18.28 39.39 -2.32
N MET B 60 -17.75 38.33 -1.72
CA MET B 60 -16.99 37.34 -2.49
C MET B 60 -17.70 36.01 -2.49
N TYR B 61 -17.93 35.46 -3.68
CA TYR B 61 -18.64 34.19 -3.81
C TYR B 61 -17.87 33.15 -4.62
N LYS B 62 -17.89 31.91 -4.16
CA LYS B 62 -17.49 30.79 -4.99
C LYS B 62 -18.74 30.22 -5.66
N ALA B 63 -18.65 29.91 -6.95
CA ALA B 63 -19.80 29.38 -7.68
C ALA B 63 -19.38 28.50 -8.85
N GLN B 64 -20.22 27.52 -9.18
CA GLN B 64 -19.98 26.64 -10.31
C GLN B 64 -20.61 27.20 -11.58
N ASN B 65 -19.86 27.18 -12.68
CA ASN B 65 -20.45 27.52 -13.98
C ASN B 65 -21.49 26.47 -14.38
N ASN B 66 -22.40 26.85 -15.26
CA ASN B 66 -23.43 25.92 -15.70
C ASN B 66 -22.96 25.13 -16.90
N LYS B 67 -22.25 25.81 -17.80
CA LYS B 67 -21.79 25.19 -19.04
C LYS B 67 -20.73 24.13 -18.75
N ASN B 68 -19.68 24.49 -18.01
CA ASN B 68 -18.57 23.57 -17.82
C ASN B 68 -18.42 23.02 -16.38
N GLY B 69 -19.17 23.56 -15.43
CA GLY B 69 -19.23 22.99 -14.09
C GLY B 69 -18.00 23.18 -13.21
N ARG B 70 -17.01 23.89 -13.70
CA ARG B 70 -15.81 24.19 -12.92
C ARG B 70 -16.04 25.41 -12.05
N HIS B 71 -15.32 25.51 -10.94
CA HIS B 71 -15.56 26.60 -9.99
C HIS B 71 -14.83 27.89 -10.37
N PHE B 72 -15.48 29.01 -10.10
CA PHE B 72 -14.92 30.33 -10.32
C PHE B 72 -15.15 31.23 -9.11
N ALA B 73 -14.32 32.25 -8.96
CA ALA B 73 -14.48 33.21 -7.90
C ALA B 73 -15.25 34.41 -8.42
N LEU B 74 -16.34 34.76 -7.74
CA LEU B 74 -17.15 35.90 -8.13
C LEU B 74 -16.91 37.06 -7.18
N ARG B 75 -16.67 38.24 -7.75
CA ARG B 75 -16.54 39.46 -6.97
C ARG B 75 -17.76 40.36 -7.22
N ARG B 76 -18.60 40.47 -6.21
CA ARG B 76 -19.87 41.20 -6.32
C ARG B 76 -19.75 42.63 -5.81
N ILE B 77 -20.01 43.57 -6.70
CA ILE B 77 -20.10 44.95 -6.30
C ILE B 77 -21.56 45.27 -6.01
N GLU B 78 -21.87 45.42 -4.73
CA GLU B 78 -23.24 45.66 -4.28
C GLU B 78 -23.66 47.09 -4.62
N GLY B 79 -24.79 47.23 -5.31
CA GLY B 79 -25.33 48.53 -5.64
C GLY B 79 -24.53 49.38 -6.62
N TYR B 80 -24.31 48.87 -7.83
CA TYR B 80 -23.73 49.72 -8.87
C TYR B 80 -24.71 49.89 -10.02
N ARG B 81 -24.64 51.04 -10.66
CA ARG B 81 -25.55 51.41 -11.73
C ARG B 81 -24.83 51.30 -13.07
N LEU B 82 -25.28 50.41 -13.95
CA LEU B 82 -24.58 50.25 -15.22
C LEU B 82 -24.96 51.36 -16.19
N THR B 83 -24.38 52.53 -15.99
CA THR B 83 -24.71 53.71 -16.78
C THR B 83 -24.29 53.53 -18.24
N ASN B 84 -23.14 52.89 -18.46
CA ASN B 84 -22.65 52.67 -19.80
C ASN B 84 -22.29 51.21 -20.05
N GLU B 85 -22.84 50.63 -21.12
CA GLU B 85 -22.47 49.27 -21.50
C GLU B 85 -21.10 49.26 -22.16
N LYS B 86 -20.74 50.40 -22.73
CA LYS B 86 -19.41 50.59 -23.30
C LYS B 86 -18.33 50.39 -22.24
N ALA B 87 -18.63 50.85 -21.03
CA ALA B 87 -17.66 50.82 -19.94
C ALA B 87 -17.12 49.41 -19.64
N ILE B 88 -18.03 48.45 -19.49
CA ILE B 88 -17.66 47.09 -19.12
C ILE B 88 -16.85 46.38 -20.21
N LEU B 89 -17.41 46.30 -21.41
CA LEU B 89 -16.82 45.51 -22.47
C LEU B 89 -15.52 46.13 -22.98
N ASN B 90 -15.35 47.44 -22.75
CA ASN B 90 -14.11 48.14 -23.07
C ASN B 90 -12.90 47.63 -22.30
N VAL B 91 -13.14 46.99 -21.16
CA VAL B 91 -12.05 46.66 -20.26
C VAL B 91 -11.93 45.16 -20.01
N THR B 92 -13.04 44.45 -20.08
CA THR B 92 -12.99 43.00 -19.94
C THR B 92 -12.23 42.38 -21.11
N LYS B 93 -12.33 43.01 -22.28
CA LYS B 93 -11.61 42.54 -23.46
C LYS B 93 -10.10 42.63 -23.24
N GLU B 94 -9.64 43.76 -22.72
CA GLU B 94 -8.22 43.98 -22.54
C GLU B 94 -7.59 43.15 -21.42
N TRP B 95 -8.27 43.08 -20.28
CA TRP B 95 -7.71 42.39 -19.12
C TRP B 95 -7.79 40.87 -19.27
N LYS B 96 -8.75 40.40 -20.05
CA LYS B 96 -8.89 38.97 -20.30
C LYS B 96 -7.67 38.44 -21.05
N LYS B 97 -7.04 39.32 -21.83
CA LYS B 97 -5.86 38.95 -22.61
C LYS B 97 -4.61 38.78 -21.72
N ILE B 98 -4.57 39.51 -20.61
CA ILE B 98 -3.41 39.45 -19.73
C ILE B 98 -3.46 38.20 -18.86
N ILE B 99 -2.56 37.27 -19.10
CA ILE B 99 -2.41 36.12 -18.23
C ILE B 99 -1.02 36.08 -17.61
N ASN B 100 -0.98 36.20 -16.30
CA ASN B 100 0.26 36.30 -15.54
C ASN B 100 0.15 35.38 -14.34
N ALA B 101 1.30 35.00 -13.78
CA ALA B 101 1.31 34.07 -12.64
C ALA B 101 1.00 34.78 -11.34
N ASN B 102 1.05 36.10 -11.37
CA ASN B 102 0.80 36.89 -10.18
C ASN B 102 -0.35 37.87 -10.39
N ILE B 103 -1.29 37.49 -11.25
CA ILE B 103 -2.45 38.31 -11.53
C ILE B 103 -3.64 37.38 -11.70
N VAL B 104 -4.63 37.49 -10.81
CA VAL B 104 -5.78 36.61 -10.86
C VAL B 104 -6.58 36.90 -12.11
N THR B 105 -6.63 35.93 -13.02
CA THR B 105 -7.17 36.14 -14.34
C THR B 105 -8.65 36.47 -14.31
N VAL B 106 -9.02 37.56 -14.97
CA VAL B 106 -10.41 37.99 -15.04
C VAL B 106 -11.04 37.55 -16.36
N HIS B 107 -12.29 37.10 -16.29
CA HIS B 107 -12.92 36.46 -17.44
C HIS B 107 -13.96 37.35 -18.14
N GLU B 108 -15.13 37.54 -17.51
CA GLU B 108 -16.12 38.50 -18.00
C GLU B 108 -16.61 39.42 -16.87
N ALA B 109 -17.57 40.28 -17.18
CA ALA B 109 -18.24 41.10 -16.15
C ALA B 109 -19.66 41.45 -16.58
N PHE B 110 -20.65 41.06 -15.78
CA PHE B 110 -22.04 41.28 -16.14
C PHE B 110 -22.83 41.93 -14.99
N THR B 111 -24.04 42.36 -15.29
CA THR B 111 -24.92 42.96 -14.28
C THR B 111 -26.09 42.02 -13.96
N THR B 112 -26.35 41.82 -12.67
CA THR B 112 -27.44 40.94 -12.25
C THR B 112 -28.24 41.59 -11.13
N GLU B 113 -29.52 41.23 -11.08
CA GLU B 113 -30.43 41.85 -10.13
C GLU B 113 -30.99 40.87 -9.10
N PHE B 114 -30.58 39.61 -9.20
CA PHE B 114 -31.15 38.55 -8.37
C PHE B 114 -30.89 38.70 -6.88
N PHE B 115 -29.76 39.32 -6.53
CA PHE B 115 -29.39 39.47 -5.13
C PHE B 115 -30.45 40.22 -4.32
N GLY B 116 -31.34 40.90 -5.03
CA GLY B 116 -32.37 41.74 -4.44
C GLY B 116 -32.06 43.20 -4.69
N ASP B 117 -30.90 43.46 -5.27
CA ASP B 117 -30.52 44.81 -5.67
C ASP B 117 -29.71 44.76 -6.95
N SER B 118 -29.48 45.93 -7.55
CA SER B 118 -28.59 46.01 -8.71
C SER B 118 -27.14 45.78 -8.28
N SER B 119 -26.48 44.82 -8.92
CA SER B 119 -25.09 44.53 -8.60
C SER B 119 -24.26 44.37 -9.87
N LEU B 120 -22.97 44.74 -9.79
CA LEU B 120 -22.02 44.48 -10.86
C LEU B 120 -21.16 43.29 -10.50
N ILE B 121 -21.06 42.32 -11.40
CA ILE B 121 -20.38 41.07 -11.08
C ILE B 121 -19.13 40.83 -11.92
N PHE B 122 -17.98 40.76 -11.25
CA PHE B 122 -16.75 40.32 -11.87
C PHE B 122 -16.50 38.84 -11.59
N VAL B 123 -16.00 38.11 -12.58
CA VAL B 123 -15.70 36.70 -12.40
C VAL B 123 -14.22 36.40 -12.60
N TYR B 124 -13.64 35.66 -11.66
CA TYR B 124 -12.20 35.50 -11.59
C TYR B 124 -11.81 34.02 -11.58
N ASP B 125 -10.52 33.73 -11.57
CA ASP B 125 -10.06 32.38 -11.27
C ASP B 125 -10.37 32.10 -9.81
N PHE B 126 -10.76 30.87 -9.50
CA PHE B 126 -10.87 30.47 -8.11
C PHE B 126 -9.57 29.80 -7.64
N HIS B 127 -8.93 30.40 -6.65
CA HIS B 127 -7.71 29.87 -6.07
C HIS B 127 -7.96 29.39 -4.64
N PRO B 128 -8.42 28.14 -4.47
CA PRO B 128 -8.79 27.62 -3.15
C PRO B 128 -7.69 27.74 -2.09
N LEU B 129 -8.13 27.96 -0.84
CA LEU B 129 -7.26 28.17 0.33
C LEU B 129 -6.45 29.45 0.28
N SER B 130 -6.81 30.35 -0.64
CA SER B 130 -6.20 31.67 -0.66
C SER B 130 -6.68 32.45 0.55
N GLU B 131 -5.74 32.98 1.31
CA GLU B 131 -6.06 33.99 2.32
C GLU B 131 -5.52 35.30 1.78
N THR B 132 -6.06 36.42 2.22
CA THR B 132 -5.52 37.68 1.73
C THR B 132 -4.16 37.85 2.36
N LEU B 133 -3.39 38.78 1.83
CA LEU B 133 -2.05 39.03 2.33
C LEU B 133 -2.18 39.61 3.73
N TYR B 134 -3.24 40.39 3.92
CA TYR B 134 -3.57 41.00 5.21
C TYR B 134 -3.95 39.92 6.23
N ASP B 135 -4.97 39.12 5.91
CA ASP B 135 -5.45 38.04 6.78
C ASP B 135 -4.38 37.03 7.17
N HIS B 136 -3.24 37.08 6.49
CA HIS B 136 -2.20 36.08 6.72
C HIS B 136 -1.14 36.56 7.70
N HIS B 137 -0.63 37.77 7.47
CA HIS B 137 0.50 38.26 8.25
C HIS B 137 0.03 39.01 9.48
N PHE B 138 -1.28 39.27 9.54
CA PHE B 138 -1.89 39.89 10.69
C PHE B 138 -3.29 39.33 10.92
N PRO B 139 -3.40 38.10 11.43
CA PRO B 139 -4.76 37.59 11.59
C PRO B 139 -5.39 38.09 12.89
N PRO B 140 -6.71 38.32 12.88
CA PRO B 140 -7.39 38.83 14.07
C PRO B 140 -7.58 37.77 15.15
N ASN B 141 -7.80 38.24 16.38
CA ASN B 141 -8.12 37.42 17.57
C ASN B 141 -8.03 38.28 18.82
N ARG B 148 1.46 38.16 22.10
CA ARG B 148 1.38 38.85 20.82
C ARG B 148 2.52 38.42 19.89
N ASN B 149 2.60 39.05 18.72
CA ASN B 149 3.64 38.73 17.75
C ASN B 149 4.53 39.95 17.44
N THR B 150 5.83 39.81 17.68
CA THR B 150 6.79 40.85 17.36
C THR B 150 7.73 40.40 16.26
N ASN B 151 7.55 39.17 15.79
CA ASN B 151 8.43 38.63 14.77
C ASN B 151 8.35 39.47 13.50
N LYS B 152 9.51 39.79 12.95
CA LYS B 152 9.59 40.59 11.74
C LYS B 152 9.57 39.63 10.57
N ILE B 153 8.95 40.04 9.47
CA ILE B 153 8.91 39.21 8.28
C ILE B 153 10.31 39.17 7.68
N PRO B 154 10.86 37.97 7.52
CA PRO B 154 12.26 37.77 7.11
C PRO B 154 12.49 38.39 5.73
N GLU B 155 13.60 39.09 5.57
CA GLU B 155 13.85 39.88 4.38
C GLU B 155 13.67 39.11 3.07
N ASN B 156 14.11 37.85 3.05
CA ASN B 156 13.94 37.01 1.86
C ASN B 156 12.50 36.95 1.36
N LEU B 157 11.56 36.78 2.30
CA LEU B 157 10.15 36.68 1.93
C LEU B 157 9.64 38.04 1.47
N LEU B 158 10.31 39.10 1.92
CA LEU B 158 9.93 40.42 1.46
C LEU B 158 10.36 40.59 0.01
N TRP B 159 11.53 40.05 -0.32
CA TRP B 159 12.07 40.14 -1.68
C TRP B 159 11.26 39.33 -2.69
N SER B 160 10.74 38.18 -2.26
CA SER B 160 9.85 37.38 -3.10
C SER B 160 8.63 38.20 -3.52
N TYR B 161 8.15 39.03 -2.60
CA TYR B 161 6.95 39.84 -2.83
C TYR B 161 7.23 40.96 -3.82
N VAL B 162 8.42 41.57 -3.71
CA VAL B 162 8.85 42.60 -4.65
C VAL B 162 8.87 42.07 -6.07
N CYS B 163 9.40 40.85 -6.22
CA CYS B 163 9.55 40.23 -7.53
C CYS B 163 8.21 39.85 -8.12
N GLN B 164 7.37 39.21 -7.32
CA GLN B 164 6.06 38.78 -7.80
C GLN B 164 5.16 39.95 -8.19
N ILE B 165 5.24 41.06 -7.46
CA ILE B 165 4.45 42.24 -7.81
C ILE B 165 5.09 42.91 -9.04
N ALA B 166 6.42 42.92 -9.09
CA ALA B 166 7.11 43.48 -10.23
C ALA B 166 6.74 42.72 -11.49
N ASN B 167 6.67 41.40 -11.38
CA ASN B 167 6.24 40.54 -12.47
C ASN B 167 4.83 40.87 -12.93
N ALA B 168 3.95 41.12 -11.96
CA ALA B 168 2.56 41.45 -12.26
C ALA B 168 2.42 42.82 -12.88
N LEU B 169 3.21 43.77 -12.38
CA LEU B 169 3.14 45.15 -12.86
C LEU B 169 3.71 45.26 -14.26
N LEU B 170 4.75 44.46 -14.52
CA LEU B 170 5.40 44.42 -15.82
C LEU B 170 4.40 44.03 -16.90
N ALA B 171 3.57 43.05 -16.61
CA ALA B 171 2.52 42.61 -17.52
C ALA B 171 1.46 43.69 -17.72
N ILE B 172 1.01 44.28 -16.61
CA ILE B 172 -0.08 45.24 -16.64
C ILE B 172 0.29 46.53 -17.38
N HIS B 173 1.51 47.00 -17.16
CA HIS B 173 1.97 48.24 -17.80
C HIS B 173 2.20 48.06 -19.30
N ASN B 174 2.52 46.84 -19.71
CA ASN B 174 2.77 46.58 -21.13
C ASN B 174 1.48 46.58 -21.93
N ALA B 175 0.38 46.19 -21.32
CA ALA B 175 -0.91 46.22 -22.00
C ALA B 175 -1.44 47.64 -22.05
N LYS B 176 -0.58 48.58 -21.67
CA LYS B 176 -0.91 49.99 -21.54
C LYS B 176 -2.03 50.20 -20.51
N LEU B 177 -2.00 49.40 -19.45
CA LEU B 177 -2.99 49.49 -18.39
C LEU B 177 -2.32 49.83 -17.06
N ALA B 178 -3.14 49.92 -16.01
CA ALA B 178 -2.66 50.15 -14.67
C ALA B 178 -3.39 49.24 -13.69
N ALA B 179 -2.74 48.97 -12.56
CA ALA B 179 -3.32 48.12 -11.53
C ALA B 179 -4.55 48.76 -10.96
N ARG B 180 -4.45 50.07 -10.69
CA ARG B 180 -5.55 50.83 -10.14
C ARG B 180 -5.81 50.43 -8.68
N CYS B 181 -6.11 49.15 -8.45
CA CYS B 181 -6.29 48.65 -7.09
C CYS B 181 -5.09 47.81 -6.70
N LEU B 182 -4.28 48.32 -5.77
CA LEU B 182 -3.06 47.66 -5.35
C LEU B 182 -2.89 47.78 -3.84
N GLU B 183 -3.54 46.88 -3.10
CA GLU B 183 -3.57 46.98 -1.63
C GLU B 183 -3.42 45.63 -0.92
N LEU B 184 -2.78 45.68 0.25
CA LEU B 184 -2.60 44.53 1.15
C LEU B 184 -3.80 43.61 1.28
N SER B 185 -5.01 44.17 1.19
CA SER B 185 -6.21 43.38 1.37
C SER B 185 -6.70 42.82 0.04
N LYS B 186 -6.17 43.36 -1.06
CA LYS B 186 -6.62 42.98 -2.39
C LYS B 186 -5.55 42.20 -3.13
N ILE B 187 -4.82 41.38 -2.37
CA ILE B 187 -3.78 40.51 -2.88
C ILE B 187 -3.91 39.18 -2.17
N ILE B 188 -4.31 38.12 -2.87
CA ILE B 188 -4.41 36.83 -2.20
C ILE B 188 -3.04 36.18 -2.01
N TRP B 189 -2.99 35.17 -1.16
CA TRP B 189 -1.75 34.53 -0.76
C TRP B 189 -1.98 33.03 -0.63
N GLU B 190 -1.08 32.24 -1.20
CA GLU B 190 -1.16 30.79 -1.11
C GLU B 190 0.23 30.17 -1.10
N ASN B 191 0.62 29.63 0.04
CA ASN B 191 1.93 29.02 0.22
C ASN B 191 3.04 29.96 -0.26
N ASN B 192 2.89 31.25 0.05
CA ASN B 192 3.81 32.34 -0.27
C ASN B 192 3.71 32.80 -1.72
N ARG B 193 2.66 32.39 -2.42
CA ARG B 193 2.40 32.86 -3.78
C ARG B 193 1.34 33.96 -3.82
N ILE B 194 1.76 35.21 -3.97
CA ILE B 194 0.83 36.33 -3.97
C ILE B 194 0.36 36.73 -5.37
N ARG B 195 -0.92 37.03 -5.51
CA ARG B 195 -1.50 37.45 -6.79
C ARG B 195 -2.41 38.67 -6.62
N LEU B 196 -2.42 39.55 -7.60
CA LEU B 196 -3.35 40.67 -7.61
C LEU B 196 -4.76 40.19 -7.93
N ALA B 197 -5.67 40.26 -6.95
CA ALA B 197 -6.97 39.64 -7.10
C ALA B 197 -8.10 40.64 -7.29
N ALA B 198 -7.76 41.91 -7.47
CA ALA B 198 -8.78 42.93 -7.61
C ALA B 198 -8.63 43.76 -8.88
N CYS B 199 -7.89 43.23 -9.85
CA CYS B 199 -7.60 43.97 -11.07
C CYS B 199 -8.82 44.10 -11.98
N SER B 200 -8.93 45.28 -12.63
CA SER B 200 -9.98 45.63 -13.60
C SER B 200 -11.26 46.11 -12.95
N ILE B 201 -11.31 46.06 -11.62
CA ILE B 201 -12.50 46.48 -10.90
C ILE B 201 -12.67 48.01 -10.97
N LEU B 202 -11.58 48.75 -10.81
CA LEU B 202 -11.68 50.20 -10.74
C LEU B 202 -11.68 50.83 -12.12
N ASP B 203 -11.37 50.04 -13.14
CA ASP B 203 -11.37 50.58 -14.49
C ASP B 203 -12.79 50.90 -14.91
N VAL B 204 -13.72 50.05 -14.50
CA VAL B 204 -15.13 50.24 -14.78
C VAL B 204 -15.76 51.32 -13.91
N LEU B 205 -15.42 51.32 -12.62
CA LEU B 205 -16.03 52.21 -11.65
C LEU B 205 -15.61 53.66 -11.85
N HIS B 206 -14.35 53.86 -12.23
CA HIS B 206 -13.86 55.20 -12.50
C HIS B 206 -13.82 55.47 -14.00
N HIS B 207 -14.61 54.70 -14.75
CA HIS B 207 -14.70 54.85 -16.20
C HIS B 207 -15.21 56.24 -16.52
N ASP B 208 -16.29 56.62 -15.83
CA ASP B 208 -16.86 57.95 -15.99
C ASP B 208 -17.03 58.64 -14.63
N SER B 209 -16.02 58.52 -13.78
CA SER B 209 -15.98 59.27 -12.54
C SER B 209 -15.41 60.65 -12.85
N PRO B 210 -15.67 61.66 -12.00
CA PRO B 210 -15.02 62.96 -12.21
C PRO B 210 -13.51 62.90 -11.99
N ASN B 211 -12.79 63.92 -12.45
CA ASN B 211 -11.33 63.96 -12.39
C ASN B 211 -10.61 62.65 -12.74
N ARG B 212 -10.84 62.17 -13.95
CA ARG B 212 -10.16 60.98 -14.46
C ARG B 212 -8.70 61.27 -14.76
N LYS B 213 -7.81 60.33 -14.44
CA LYS B 213 -6.40 60.53 -14.72
C LYS B 213 -5.94 59.77 -15.95
N THR B 214 -4.70 60.03 -16.36
CA THR B 214 -4.07 59.31 -17.45
C THR B 214 -3.69 57.91 -17.02
N ILE B 215 -3.74 56.94 -17.93
CA ILE B 215 -3.20 55.63 -17.62
C ILE B 215 -1.71 55.77 -17.37
N GLU B 216 -1.13 56.83 -17.93
CA GLU B 216 0.29 57.14 -17.73
C GLU B 216 0.54 57.69 -16.33
N GLU B 217 -0.48 58.34 -15.75
CA GLU B 217 -0.36 58.87 -14.40
C GLU B 217 -0.76 57.85 -13.35
N LEU B 218 -1.65 56.95 -13.73
CA LEU B 218 -2.05 55.81 -12.90
C LEU B 218 -0.92 54.82 -12.71
N GLN B 219 -0.17 54.58 -13.78
CA GLN B 219 0.95 53.65 -13.77
C GLN B 219 2.03 54.11 -12.81
N GLN B 220 2.19 55.43 -12.72
CA GLN B 220 3.15 56.02 -11.80
C GLN B 220 2.68 55.88 -10.36
N GLU B 221 1.36 55.92 -10.17
CA GLU B 221 0.76 55.76 -8.85
C GLU B 221 0.90 54.32 -8.37
N ASP B 222 0.93 53.39 -9.32
CA ASP B 222 1.07 51.96 -9.01
C ASP B 222 2.38 51.70 -8.24
N PHE B 223 3.40 52.49 -8.54
CA PHE B 223 4.70 52.36 -7.88
C PHE B 223 4.66 52.81 -6.42
N VAL B 224 3.86 53.83 -6.14
CA VAL B 224 3.80 54.38 -4.78
C VAL B 224 3.04 53.44 -3.86
N LYS B 225 1.88 52.96 -4.34
CA LYS B 225 1.09 51.99 -3.59
C LYS B 225 1.95 50.77 -3.29
N PHE B 226 2.70 50.33 -4.30
CA PHE B 226 3.61 49.19 -4.23
C PHE B 226 4.65 49.38 -3.12
N GLY B 227 5.35 50.51 -3.16
CA GLY B 227 6.35 50.82 -2.15
C GLY B 227 5.77 50.80 -0.75
N ARG B 228 4.55 51.30 -0.63
CA ARG B 228 3.83 51.33 0.64
C ARG B 228 3.46 49.92 1.12
N ILE B 229 2.92 49.09 0.22
CA ILE B 229 2.52 47.72 0.56
C ILE B 229 3.65 46.93 1.21
N ILE B 230 4.88 47.14 0.73
CA ILE B 230 6.02 46.42 1.29
C ILE B 230 6.42 47.06 2.62
N LEU B 231 6.51 48.39 2.63
CA LEU B 231 6.96 49.15 3.80
C LEU B 231 6.09 48.86 5.02
N ALA B 232 4.78 48.78 4.80
CA ALA B 232 3.85 48.30 5.80
C ALA B 232 4.33 46.99 6.44
N LEU B 233 4.55 45.98 5.60
CA LEU B 233 4.94 44.65 6.05
C LEU B 233 6.30 44.62 6.73
N ALA B 234 7.18 45.52 6.32
CA ALA B 234 8.50 45.63 6.92
C ALA B 234 8.38 46.05 8.38
N THR B 235 7.73 47.19 8.60
CA THR B 235 7.53 47.75 9.92
C THR B 235 6.38 47.06 10.66
N ASN B 236 5.77 46.07 10.01
CA ASN B 236 4.70 45.27 10.60
C ASN B 236 3.47 46.11 10.96
N THR B 237 3.22 47.17 10.19
CA THR B 237 2.06 48.04 10.39
C THR B 237 1.07 47.97 9.22
N PRO B 238 0.19 46.96 9.22
CA PRO B 238 -0.82 46.63 8.19
C PRO B 238 -1.55 47.83 7.64
N THR B 239 -1.72 48.84 8.48
CA THR B 239 -2.22 50.13 8.02
C THR B 239 -1.09 51.14 8.05
N LEU B 240 -0.66 51.59 6.88
CA LEU B 240 0.32 52.66 6.86
C LEU B 240 -0.29 53.89 6.21
N ASN B 241 0.39 55.01 6.36
CA ASN B 241 -0.16 56.30 6.03
C ASN B 241 0.97 57.17 5.49
N PHE B 242 0.68 57.96 4.47
CA PHE B 242 1.74 58.76 3.84
C PHE B 242 2.21 59.88 4.75
N ASN B 243 1.53 60.06 5.87
CA ASN B 243 1.87 61.08 6.85
C ASN B 243 3.17 60.82 7.63
N ASN B 244 3.51 59.56 7.83
CA ASN B 244 4.69 59.21 8.62
C ASN B 244 5.72 58.37 7.88
N ILE B 245 5.65 58.34 6.55
CA ILE B 245 6.48 57.44 5.75
C ILE B 245 7.97 57.52 6.10
N ASP B 246 8.50 58.74 6.12
CA ASP B 246 9.92 58.98 6.37
C ASP B 246 10.38 58.48 7.74
N ALA B 247 9.49 58.52 8.71
CA ALA B 247 9.81 58.01 10.04
C ALA B 247 9.86 56.49 10.02
N ALA B 248 8.94 55.89 9.28
CA ALA B 248 8.92 54.45 9.09
C ALA B 248 10.18 53.98 8.37
N LEU B 249 10.62 54.78 7.40
CA LEU B 249 11.78 54.45 6.56
C LEU B 249 13.08 54.33 7.37
N ALA B 250 13.20 55.11 8.42
CA ALA B 250 14.40 55.06 9.25
C ALA B 250 14.42 53.80 10.11
N THR B 251 13.23 53.28 10.41
CA THR B 251 13.08 52.12 11.29
C THR B 251 13.46 50.79 10.63
N ILE B 252 13.62 50.81 9.30
CA ILE B 252 13.93 49.57 8.59
C ILE B 252 15.41 49.37 8.32
N VAL B 253 16.20 50.43 8.41
CA VAL B 253 17.63 50.32 8.15
C VAL B 253 18.39 49.41 9.17
N PRO B 254 17.90 49.30 10.43
CA PRO B 254 18.68 48.32 11.19
C PRO B 254 18.15 46.89 11.07
N ARG B 255 16.84 46.73 10.91
CA ARG B 255 16.23 45.41 10.82
C ARG B 255 16.39 44.80 9.43
N TYR B 256 16.54 45.66 8.42
CA TYR B 256 16.71 45.19 7.05
C TYR B 256 17.95 45.77 6.37
N SER B 257 18.16 45.38 5.12
CA SER B 257 19.32 45.81 4.36
C SER B 257 19.18 47.24 3.86
N THR B 258 20.31 47.90 3.65
CA THR B 258 20.34 49.25 3.09
C THR B 258 19.81 49.25 1.66
N GLN B 259 19.95 48.11 0.99
CA GLN B 259 19.47 47.94 -0.38
C GLN B 259 17.96 48.09 -0.48
N LEU B 260 17.26 47.32 0.34
CA LEU B 260 15.78 47.33 0.39
C LEU B 260 15.23 48.73 0.68
N ARG B 261 15.90 49.46 1.56
CA ARG B 261 15.46 50.80 1.95
C ARG B 261 15.44 51.73 0.74
N GLY B 262 16.44 51.58 -0.12
CA GLY B 262 16.51 52.35 -1.36
C GLY B 262 15.38 52.01 -2.32
N VAL B 263 15.00 50.73 -2.37
CA VAL B 263 13.97 50.27 -3.30
C VAL B 263 12.62 50.88 -2.94
N LEU B 264 12.31 50.85 -1.65
CA LEU B 264 11.09 51.46 -1.11
C LEU B 264 11.10 52.96 -1.33
N GLU B 265 12.23 53.58 -1.00
CA GLU B 265 12.44 55.00 -1.19
C GLU B 265 12.17 55.42 -2.64
N TRP B 266 12.74 54.67 -3.58
CA TRP B 266 12.51 54.88 -5.01
C TRP B 266 11.03 54.71 -5.38
N LEU B 267 10.46 53.60 -4.92
CA LEU B 267 9.08 53.24 -5.23
C LEU B 267 8.06 54.26 -4.70
N ILE B 268 8.32 54.77 -3.50
CA ILE B 268 7.39 55.68 -2.84
C ILE B 268 7.53 57.12 -3.32
N LYS B 269 8.73 57.70 -3.14
CA LYS B 269 9.01 59.06 -3.59
C LYS B 269 8.74 59.25 -5.08
N PRO B 270 8.19 60.41 -5.45
CA PRO B 270 7.98 60.78 -6.86
C PRO B 270 9.32 61.05 -7.58
N SER B 271 9.41 60.64 -8.84
CA SER B 271 10.65 60.75 -9.61
C SER B 271 10.88 62.18 -10.12
N ALA B 272 12.12 62.48 -10.49
CA ALA B 272 12.47 63.76 -11.10
C ALA B 272 11.77 63.92 -12.45
N PRO B 273 11.19 65.10 -12.71
CA PRO B 273 10.24 65.38 -13.81
C PRO B 273 10.68 64.88 -15.19
N GLY B 274 11.98 64.76 -15.42
CA GLY B 274 12.48 64.22 -16.67
C GLY B 274 12.45 62.71 -16.75
N GLU B 275 12.65 62.06 -15.61
CA GLU B 275 12.94 60.63 -15.56
C GLU B 275 11.79 59.69 -15.90
N THR B 276 10.61 59.95 -15.35
CA THR B 276 9.45 59.04 -15.38
C THR B 276 9.78 57.79 -14.59
N LYS B 277 8.94 56.76 -14.69
CA LYS B 277 9.22 55.48 -14.04
C LYS B 277 8.67 54.32 -14.85
N THR B 278 9.38 53.19 -14.79
CA THR B 278 8.98 51.97 -15.45
C THR B 278 9.38 50.77 -14.61
N VAL B 279 8.66 49.67 -14.76
CA VAL B 279 8.99 48.44 -14.07
C VAL B 279 10.40 47.97 -14.43
N GLU B 280 10.78 48.17 -15.69
CA GLU B 280 12.11 47.80 -16.18
C GLU B 280 13.24 48.31 -15.27
N THR B 281 13.14 49.56 -14.87
CA THR B 281 14.21 50.18 -14.08
C THR B 281 14.21 49.68 -12.64
N LEU B 282 13.05 49.21 -12.18
CA LEU B 282 12.96 48.56 -10.89
C LEU B 282 13.68 47.20 -10.93
N LEU B 283 13.46 46.46 -12.01
CA LEU B 283 14.07 45.14 -12.21
C LEU B 283 15.60 45.22 -12.34
N GLY B 284 16.07 46.34 -12.90
CA GLY B 284 17.50 46.58 -13.05
C GLY B 284 18.27 46.57 -11.74
N GLY B 285 17.65 47.11 -10.70
CA GLY B 285 18.27 47.12 -9.39
C GLY B 285 18.30 45.75 -8.74
N ILE B 286 17.18 45.04 -8.81
CA ILE B 286 17.01 43.80 -8.07
C ILE B 286 17.46 42.55 -8.82
N THR B 287 18.35 42.72 -9.79
CA THR B 287 18.83 41.62 -10.65
C THR B 287 19.19 40.35 -9.89
N THR B 288 20.00 40.49 -8.85
CA THR B 288 20.43 39.34 -8.06
C THR B 288 19.25 38.63 -7.42
N HIS B 289 18.28 39.40 -6.94
CA HIS B 289 17.15 38.83 -6.22
C HIS B 289 16.17 38.13 -7.15
N LEU B 290 16.03 38.62 -8.37
CA LEU B 290 15.16 37.99 -9.35
C LEU B 290 15.65 36.58 -9.64
N ALA B 291 16.97 36.46 -9.77
CA ALA B 291 17.61 35.16 -10.04
C ALA B 291 17.39 34.17 -8.91
N ASN B 292 17.48 34.65 -7.68
CA ASN B 292 17.26 33.82 -6.50
C ASN B 292 15.82 33.38 -6.41
N PHE B 293 14.91 34.27 -6.79
CA PHE B 293 13.49 33.95 -6.78
C PHE B 293 13.27 32.86 -7.83
N ALA B 294 13.77 33.11 -9.05
CA ALA B 294 13.75 32.14 -10.16
C ALA B 294 14.30 30.78 -9.76
N ASN B 295 15.44 30.78 -9.09
CA ASN B 295 16.01 29.54 -8.59
C ASN B 295 15.07 28.79 -7.63
N PHE B 296 14.49 29.50 -6.65
CA PHE B 296 13.56 28.89 -5.71
C PHE B 296 12.34 28.31 -6.41
N VAL B 297 11.69 29.10 -7.25
CA VAL B 297 10.52 28.63 -7.99
C VAL B 297 10.81 27.30 -8.68
N MET B 298 11.90 27.26 -9.45
CA MET B 298 12.31 26.05 -10.16
C MET B 298 12.46 24.87 -9.22
N GLN B 299 13.24 25.05 -8.15
CA GLN B 299 13.46 24.00 -7.17
C GLN B 299 12.17 23.51 -6.55
N GLU B 300 11.26 24.43 -6.25
CA GLU B 300 9.93 24.06 -5.79
C GLU B 300 9.20 23.29 -6.88
N SER B 301 9.40 23.70 -8.13
CA SER B 301 8.70 23.08 -9.23
C SER B 301 9.17 21.65 -9.45
N ASP B 302 10.44 21.40 -9.12
CA ASP B 302 11.02 20.07 -9.23
C ASP B 302 10.56 19.20 -8.08
N GLU B 303 10.54 19.79 -6.88
CA GLU B 303 10.03 19.13 -5.70
C GLU B 303 8.62 18.59 -5.92
N LYS B 304 7.80 19.40 -6.60
CA LYS B 304 6.44 18.98 -6.94
C LYS B 304 6.48 17.83 -7.94
N GLU B 305 7.44 17.89 -8.86
CA GLU B 305 7.60 16.87 -9.88
C GLU B 305 7.85 15.49 -9.30
N PHE B 306 8.65 15.42 -8.24
CA PHE B 306 8.94 14.15 -7.57
C PHE B 306 7.62 13.60 -7.03
N HIS B 307 6.91 14.43 -6.28
CA HIS B 307 5.68 14.00 -5.64
C HIS B 307 4.64 13.55 -6.66
N LEU B 308 4.61 14.21 -7.81
CA LEU B 308 3.64 13.85 -8.85
C LEU B 308 3.99 12.47 -9.45
N MET B 309 5.20 12.00 -9.17
CA MET B 309 5.56 10.64 -9.56
C MET B 309 5.15 9.60 -8.52
N ARG B 310 5.66 9.77 -7.30
CA ARG B 310 5.43 8.79 -6.24
C ARG B 310 3.94 8.63 -5.94
N GLU B 311 3.16 9.68 -6.20
CA GLU B 311 1.74 9.64 -5.89
C GLU B 311 0.95 9.15 -7.11
N LEU B 312 1.58 9.16 -8.27
CA LEU B 312 0.96 8.60 -9.46
C LEU B 312 1.26 7.11 -9.47
N GLU B 313 2.45 6.79 -8.97
CA GLU B 313 2.90 5.42 -8.80
C GLU B 313 2.06 4.69 -7.75
N ASN B 314 1.67 5.41 -6.70
CA ASN B 314 0.80 4.86 -5.67
C ASN B 314 -0.51 4.36 -6.27
N GLY B 315 -0.98 5.05 -7.29
CA GLY B 315 -2.19 4.67 -8.00
C GLY B 315 -1.99 3.33 -8.68
N ARG B 316 -0.76 3.12 -9.17
CA ARG B 316 -0.40 1.91 -9.88
C ARG B 316 -0.15 0.79 -8.89
N ILE B 317 0.56 1.14 -7.82
CA ILE B 317 0.79 0.24 -6.69
C ILE B 317 -0.52 -0.34 -6.18
N ALA B 318 -1.57 0.49 -6.16
CA ALA B 318 -2.87 0.09 -5.67
C ALA B 318 -3.59 -0.91 -6.58
N ARG B 319 -3.50 -0.73 -7.90
CA ARG B 319 -4.14 -1.64 -8.83
C ARG B 319 -3.52 -3.04 -8.76
N LEU B 320 -2.25 -3.10 -8.35
CA LEU B 320 -1.57 -4.38 -8.16
C LEU B 320 -1.98 -5.00 -6.83
N MET B 321 -2.06 -4.15 -5.80
CA MET B 321 -2.60 -4.54 -4.50
C MET B 321 -3.93 -5.26 -4.63
N PHE B 322 -4.75 -4.81 -5.59
CA PHE B 322 -6.06 -5.38 -5.85
C PHE B 322 -5.96 -6.80 -6.37
N LYS B 323 -5.26 -6.97 -7.49
CA LYS B 323 -5.13 -8.26 -8.14
C LYS B 323 -4.58 -9.32 -7.19
N LEU B 324 -3.65 -8.91 -6.34
CA LEU B 324 -3.07 -9.82 -5.35
C LEU B 324 -4.10 -10.27 -4.32
N SER B 325 -4.84 -9.31 -3.78
CA SER B 325 -5.86 -9.59 -2.76
C SER B 325 -6.97 -10.51 -3.28
N VAL B 326 -7.17 -10.53 -4.59
CA VAL B 326 -8.23 -11.33 -5.19
C VAL B 326 -7.86 -12.81 -5.23
N VAL B 327 -6.65 -13.09 -5.71
CA VAL B 327 -6.20 -14.48 -5.87
C VAL B 327 -5.87 -15.20 -4.57
N ASN B 328 -5.28 -14.48 -3.60
CA ASN B 328 -4.74 -15.12 -2.40
C ASN B 328 -5.73 -15.57 -1.33
N GLU B 329 -7.03 -15.50 -1.59
CA GLU B 329 -7.99 -16.01 -0.63
C GLU B 329 -9.08 -16.81 -1.36
N ARG B 330 -8.84 -17.06 -2.64
CA ARG B 330 -9.73 -17.87 -3.44
C ARG B 330 -9.08 -19.23 -3.73
N GLY B 331 -9.70 -20.31 -3.24
CA GLY B 331 -9.21 -21.65 -3.46
C GLY B 331 -10.18 -22.58 -4.16
N ASP B 332 -9.79 -23.07 -5.33
CA ASP B 332 -10.64 -23.95 -6.13
C ASP B 332 -9.82 -24.78 -7.12
N SER B 333 -9.59 -26.04 -6.79
CA SER B 333 -8.91 -26.96 -7.73
C SER B 333 -9.17 -28.41 -7.36
N HIS B 337 -6.87 -27.20 -10.97
CA HIS B 337 -6.97 -28.34 -11.88
C HIS B 337 -5.65 -29.10 -11.96
N ASN B 338 -4.66 -28.52 -12.64
CA ASN B 338 -3.36 -29.18 -12.80
C ASN B 338 -2.32 -28.62 -11.83
N TRP B 339 -1.15 -29.24 -11.80
CA TRP B 339 -0.18 -28.96 -10.75
C TRP B 339 0.58 -27.65 -10.89
N SER B 340 0.72 -27.17 -12.12
CA SER B 340 1.37 -25.88 -12.35
C SER B 340 0.65 -24.77 -11.58
N GLU B 341 -0.67 -24.85 -11.56
CA GLU B 341 -1.50 -23.91 -10.81
C GLU B 341 -1.18 -23.94 -9.31
N THR B 342 -0.98 -25.14 -8.78
CA THR B 342 -0.74 -25.34 -7.36
C THR B 342 0.61 -24.76 -6.94
N GLY B 343 1.55 -24.73 -7.88
CA GLY B 343 2.86 -24.13 -7.62
C GLY B 343 2.77 -22.63 -7.54
N GLU B 344 2.11 -22.03 -8.52
CA GLU B 344 1.92 -20.58 -8.59
C GLU B 344 1.13 -20.05 -7.40
N ARG B 345 -0.04 -20.64 -7.15
CA ARG B 345 -0.90 -20.23 -6.04
C ARG B 345 -0.20 -20.22 -4.68
N LEU B 346 0.84 -21.04 -4.53
CA LEU B 346 1.60 -21.09 -3.29
C LEU B 346 2.59 -19.95 -3.21
N LEU B 347 3.26 -19.70 -4.32
CA LEU B 347 4.30 -18.69 -4.40
C LEU B 347 3.76 -17.31 -4.03
N LEU B 348 2.54 -17.03 -4.48
CA LEU B 348 1.89 -15.75 -4.20
C LEU B 348 1.66 -15.53 -2.71
N LYS B 349 1.13 -16.55 -2.04
CA LYS B 349 0.89 -16.47 -0.60
C LYS B 349 2.20 -16.26 0.16
N LEU B 350 3.27 -16.87 -0.33
CA LEU B 350 4.59 -16.73 0.28
C LEU B 350 5.17 -15.36 -0.01
N PHE B 351 4.84 -14.81 -1.18
CA PHE B 351 5.28 -13.47 -1.54
C PHE B 351 4.56 -12.45 -0.66
N ARG B 352 3.27 -12.68 -0.46
CA ARG B 352 2.43 -11.83 0.38
C ARG B 352 2.94 -11.76 1.82
N ASP B 353 3.45 -12.88 2.31
CA ASP B 353 3.97 -12.97 3.68
C ASP B 353 5.30 -12.26 3.80
N TYR B 354 6.09 -12.30 2.73
CA TYR B 354 7.41 -11.69 2.72
C TYR B 354 7.32 -10.18 2.90
N VAL B 355 6.24 -9.59 2.42
CA VAL B 355 6.07 -8.14 2.47
C VAL B 355 5.28 -7.66 3.68
N PHE B 356 4.03 -8.13 3.77
CA PHE B 356 3.08 -7.59 4.73
C PHE B 356 3.11 -8.26 6.09
N HIS B 357 3.61 -9.49 6.14
CA HIS B 357 3.60 -10.27 7.38
C HIS B 357 5.00 -10.42 7.95
N GLN B 358 5.88 -9.48 7.62
CA GLN B 358 7.22 -9.46 8.20
C GLN B 358 7.17 -9.45 9.72
N VAL B 359 7.82 -10.44 10.32
CA VAL B 359 7.93 -10.54 11.77
C VAL B 359 9.36 -10.85 12.17
N ASP B 360 9.81 -10.27 13.28
CA ASP B 360 11.13 -10.55 13.80
C ASP B 360 11.12 -11.90 14.51
N ALA B 361 12.23 -12.26 15.13
CA ALA B 361 12.23 -13.37 16.06
C ALA B 361 11.27 -13.04 17.18
N ASP B 362 10.44 -14.01 17.56
CA ASP B 362 9.39 -13.89 18.59
C ASP B 362 8.10 -13.30 18.02
N GLY B 363 8.06 -13.10 16.70
CA GLY B 363 6.82 -12.83 16.00
C GLY B 363 6.16 -11.47 16.19
N LYS B 364 6.90 -10.50 16.71
CA LYS B 364 6.36 -9.14 16.79
C LYS B 364 6.26 -8.56 15.38
N ALA B 365 5.18 -7.83 15.11
CA ALA B 365 4.93 -7.30 13.77
C ALA B 365 5.95 -6.24 13.37
N ARG B 366 6.78 -6.56 12.36
CA ARG B 366 7.67 -5.57 11.80
C ARG B 366 6.92 -4.69 10.82
N LEU B 367 6.33 -3.62 11.33
CA LEU B 367 5.66 -2.67 10.47
C LEU B 367 6.72 -1.82 9.80
N ASP B 368 6.65 -1.70 8.49
CA ASP B 368 7.65 -0.99 7.72
C ASP B 368 7.04 -0.55 6.39
N THR B 369 6.49 0.67 6.39
CA THR B 369 5.77 1.15 5.22
C THR B 369 6.71 1.46 4.07
N ASN B 370 7.98 1.72 4.40
CA ASN B 370 9.01 1.82 3.36
C ASN B 370 9.22 0.45 2.71
N HIS B 371 9.18 -0.60 3.52
CA HIS B 371 9.35 -1.96 3.02
C HIS B 371 8.19 -2.39 2.12
N TYR B 372 6.96 -2.05 2.54
CA TYR B 372 5.78 -2.37 1.75
C TYR B 372 5.86 -1.71 0.37
N LEU B 373 6.36 -0.47 0.36
CA LEU B 373 6.52 0.29 -0.88
C LEU B 373 7.60 -0.28 -1.78
N ASN B 374 8.79 -0.47 -1.23
CA ASN B 374 9.95 -0.96 -1.98
C ASN B 374 9.62 -2.17 -2.85
N CYS B 375 8.98 -3.16 -2.23
CA CYS B 375 8.62 -4.40 -2.90
C CYS B 375 7.60 -4.20 -4.01
N LEU B 376 6.64 -3.31 -3.76
CA LEU B 376 5.56 -3.11 -4.71
C LEU B 376 6.01 -2.30 -5.92
N SER B 377 7.00 -1.45 -5.73
CA SER B 377 7.61 -0.72 -6.84
C SER B 377 8.41 -1.70 -7.69
N LYS B 378 9.19 -2.52 -7.02
CA LYS B 378 9.95 -3.58 -7.68
C LYS B 378 9.04 -4.50 -8.47
N LEU B 379 7.82 -4.72 -7.96
CA LEU B 379 6.83 -5.50 -8.69
C LEU B 379 6.22 -4.69 -9.83
N ASP B 380 6.16 -3.37 -9.64
CA ASP B 380 5.56 -2.47 -10.62
C ASP B 380 6.41 -2.37 -11.87
N ALA B 381 7.73 -2.42 -11.69
CA ALA B 381 8.66 -2.26 -12.79
C ALA B 381 9.20 -3.60 -13.27
N SER B 382 8.75 -4.67 -12.63
CA SER B 382 9.22 -6.03 -12.91
C SER B 382 10.72 -6.12 -12.69
N SER B 383 11.17 -5.67 -11.52
CA SER B 383 12.59 -5.66 -11.17
C SER B 383 13.23 -7.05 -11.26
N GLU B 384 14.45 -7.09 -11.77
CA GLU B 384 15.14 -8.36 -11.95
C GLU B 384 15.81 -8.82 -10.66
N GLU B 385 15.57 -8.09 -9.58
CA GLU B 385 16.06 -8.47 -8.27
C GLU B 385 15.34 -9.73 -7.77
N GLN B 386 16.08 -10.64 -7.13
CA GLN B 386 15.51 -11.89 -6.64
C GLN B 386 15.41 -11.90 -5.11
N ILE B 387 14.31 -12.42 -4.59
CA ILE B 387 14.10 -12.50 -3.15
C ILE B 387 13.91 -13.93 -2.63
N LEU B 388 14.06 -14.10 -1.32
CA LEU B 388 13.90 -15.39 -0.66
C LEU B 388 12.48 -15.60 -0.13
N LEU B 389 11.78 -16.60 -0.67
CA LEU B 389 10.47 -16.97 -0.18
C LEU B 389 10.53 -18.26 0.64
N THR B 390 9.88 -18.26 1.80
CA THR B 390 9.93 -19.40 2.70
C THR B 390 8.53 -19.78 3.16
N SER B 391 8.32 -21.08 3.36
CA SER B 391 7.04 -21.58 3.84
C SER B 391 6.96 -21.52 5.35
N ARG B 392 5.80 -21.88 5.90
CA ARG B 392 5.61 -21.91 7.34
C ARG B 392 6.51 -22.96 7.99
N ASP B 393 6.46 -24.18 7.46
CA ASP B 393 7.26 -25.30 7.95
C ASP B 393 8.71 -25.27 7.45
N ASN B 394 9.05 -24.25 6.67
CA ASN B 394 10.36 -24.10 6.05
C ASN B 394 10.66 -25.20 5.04
N ALA B 395 9.63 -25.93 4.63
CA ALA B 395 9.78 -27.01 3.66
C ALA B 395 10.02 -26.43 2.27
N THR B 396 9.18 -25.49 1.88
CA THR B 396 9.28 -24.89 0.55
C THR B 396 10.17 -23.65 0.55
N VAL B 397 11.06 -23.55 -0.43
CA VAL B 397 11.96 -22.41 -0.56
C VAL B 397 12.12 -21.96 -2.01
N PHE B 398 11.76 -20.71 -2.30
CA PHE B 398 11.89 -20.16 -3.64
C PHE B 398 13.00 -19.12 -3.73
N VAL B 399 13.60 -19.01 -4.91
CA VAL B 399 14.50 -17.91 -5.23
C VAL B 399 14.02 -17.31 -6.55
N VAL B 400 13.22 -16.25 -6.47
CA VAL B 400 12.49 -15.76 -7.63
C VAL B 400 12.57 -14.24 -7.75
N SER B 401 12.63 -13.74 -8.98
CA SER B 401 12.67 -12.30 -9.24
C SER B 401 11.28 -11.70 -9.30
N TYR B 402 11.20 -10.39 -9.04
CA TYR B 402 9.93 -9.66 -9.10
C TYR B 402 9.28 -9.77 -10.47
N ARG B 403 10.09 -9.76 -11.52
CA ARG B 403 9.59 -9.88 -12.89
C ARG B 403 8.78 -11.15 -13.06
N SER B 404 9.25 -12.24 -12.46
CA SER B 404 8.56 -13.52 -12.56
C SER B 404 7.25 -13.51 -11.78
N ILE B 405 7.31 -13.04 -10.53
CA ILE B 405 6.13 -13.02 -9.65
C ILE B 405 4.99 -12.21 -10.25
N ARG B 406 5.31 -11.02 -10.77
CA ARG B 406 4.33 -10.16 -11.43
C ARG B 406 3.58 -10.86 -12.56
N GLN B 407 4.34 -11.58 -13.38
CA GLN B 407 3.77 -12.31 -14.50
C GLN B 407 2.86 -13.44 -14.01
N MET B 408 3.26 -14.06 -12.90
CA MET B 408 2.46 -15.11 -12.28
C MET B 408 1.14 -14.55 -11.75
N LEU B 409 1.20 -13.34 -11.21
CA LEU B 409 0.02 -12.66 -10.68
C LEU B 409 -0.95 -12.26 -11.78
N ASP B 410 -0.43 -11.59 -12.81
CA ASP B 410 -1.25 -11.13 -13.92
C ASP B 410 -1.95 -12.29 -14.62
N ARG B 411 -1.29 -13.45 -14.64
CA ARG B 411 -1.85 -14.65 -15.24
C ARG B 411 -3.00 -15.22 -14.39
N ALA B 412 -2.74 -15.34 -13.09
CA ALA B 412 -3.74 -15.86 -12.16
C ALA B 412 -5.02 -15.03 -12.16
N TYR B 413 -4.85 -13.71 -12.04
CA TYR B 413 -5.97 -12.77 -12.08
C TYR B 413 -6.69 -12.85 -13.43
N GLY B 414 -5.93 -13.04 -14.50
CA GLY B 414 -6.48 -13.12 -15.84
C GLY B 414 -7.41 -14.30 -16.05
N GLU B 415 -7.03 -15.46 -15.52
CA GLU B 415 -7.80 -16.69 -15.70
C GLU B 415 -9.10 -16.68 -14.89
N LEU B 416 -9.13 -15.90 -13.82
CA LEU B 416 -10.33 -15.78 -13.00
C LEU B 416 -11.49 -15.15 -13.78
N GLY B 417 -11.15 -14.30 -14.74
CA GLY B 417 -12.13 -13.57 -15.52
C GLY B 417 -12.72 -14.33 -16.69
N LYS B 418 -12.16 -15.49 -17.01
CA LYS B 418 -12.61 -16.25 -18.16
C LYS B 418 -13.79 -17.16 -17.78
N HIS C 2 -63.71 -6.76 30.62
CA HIS C 2 -64.23 -6.41 29.30
C HIS C 2 -63.27 -6.82 28.20
N MET C 3 -63.77 -7.56 27.21
CA MET C 3 -62.94 -8.01 26.10
C MET C 3 -62.44 -6.86 25.24
N MET C 4 -61.35 -7.12 24.51
CA MET C 4 -60.75 -6.11 23.66
C MET C 4 -61.23 -6.23 22.22
N ASP C 5 -61.60 -5.08 21.65
CA ASP C 5 -62.02 -5.00 20.26
C ASP C 5 -60.80 -5.27 19.37
N SER C 6 -60.97 -6.16 18.39
CA SER C 6 -59.87 -6.58 17.51
C SER C 6 -59.23 -5.45 16.70
N ARG C 7 -59.93 -4.33 16.56
CA ARG C 7 -59.35 -3.15 15.91
C ARG C 7 -58.32 -2.44 16.80
N ASP C 8 -58.17 -2.90 18.04
CA ASP C 8 -57.19 -2.33 18.95
C ASP C 8 -56.14 -3.36 19.36
N TRP C 9 -56.38 -4.62 19.01
CA TRP C 9 -55.56 -5.71 19.50
C TRP C 9 -55.48 -6.85 18.46
N THR C 10 -54.32 -7.06 17.86
CA THR C 10 -54.14 -8.15 16.88
C THR C 10 -52.69 -8.61 16.77
N GLN C 11 -52.47 -9.79 16.21
CA GLN C 11 -51.11 -10.26 15.99
C GLN C 11 -50.52 -9.58 14.75
N LEU C 12 -49.42 -8.86 14.94
CA LEU C 12 -48.88 -8.02 13.87
C LEU C 12 -47.71 -8.67 13.14
N GLY C 13 -46.99 -9.54 13.84
CA GLY C 13 -45.83 -10.20 13.29
C GLY C 13 -45.33 -11.33 14.16
N CYS C 14 -44.48 -12.17 13.59
CA CYS C 14 -43.93 -13.32 14.32
C CYS C 14 -42.60 -13.72 13.70
N VAL C 15 -41.71 -14.24 14.53
CA VAL C 15 -40.43 -14.76 14.06
C VAL C 15 -39.95 -15.92 14.94
N ALA C 16 -39.28 -16.88 14.30
CA ALA C 16 -38.62 -17.95 15.03
C ALA C 16 -37.16 -17.62 15.31
N TYR C 17 -36.80 -17.58 16.60
CA TYR C 17 -35.42 -17.26 16.98
C TYR C 17 -35.14 -17.88 18.33
N PRO C 18 -34.23 -18.87 18.37
CA PRO C 18 -33.48 -19.42 17.24
C PRO C 18 -34.27 -20.34 16.32
N SER C 19 -34.11 -20.14 15.00
CA SER C 19 -34.77 -20.98 14.01
C SER C 19 -34.00 -22.31 13.83
N PRO C 20 -34.60 -23.29 13.13
CA PRO C 20 -33.93 -24.60 12.94
C PRO C 20 -32.55 -24.58 12.28
N ILE C 21 -32.25 -23.55 11.50
CA ILE C 21 -30.97 -23.47 10.81
C ILE C 21 -29.98 -22.62 11.59
N HIS C 22 -30.35 -22.27 12.82
CA HIS C 22 -29.48 -21.51 13.70
C HIS C 22 -28.63 -22.49 14.49
N PRO C 23 -27.34 -22.17 14.71
CA PRO C 23 -26.41 -23.05 15.41
C PRO C 23 -26.81 -23.35 16.86
N ASP C 24 -27.68 -22.53 17.43
CA ASP C 24 -28.10 -22.71 18.82
C ASP C 24 -29.46 -23.39 19.00
N TYR C 25 -30.08 -23.81 17.90
CA TYR C 25 -31.41 -24.43 17.94
C TYR C 25 -31.52 -25.58 18.95
N HIS C 26 -30.51 -26.45 18.95
CA HIS C 26 -30.48 -27.62 19.82
C HIS C 26 -30.54 -27.27 21.31
N ALA C 27 -30.11 -26.05 21.66
CA ALA C 27 -29.97 -25.65 23.06
C ALA C 27 -31.24 -25.09 23.69
N GLY C 28 -32.26 -24.83 22.88
CA GLY C 28 -33.55 -24.45 23.43
C GLY C 28 -34.10 -23.13 22.94
N PRO C 29 -35.24 -22.70 23.52
CA PRO C 29 -35.96 -21.46 23.17
C PRO C 29 -35.23 -20.20 23.62
N ALA C 30 -35.83 -19.05 23.34
CA ALA C 30 -35.25 -17.77 23.77
C ALA C 30 -34.95 -17.73 25.26
N SER C 31 -33.89 -17.03 25.64
CA SER C 31 -33.49 -16.93 27.03
C SER C 31 -34.02 -15.66 27.66
N THR C 32 -34.29 -14.65 26.82
CA THR C 32 -34.82 -13.36 27.24
C THR C 32 -35.25 -12.56 26.02
N ILE C 33 -36.20 -11.64 26.20
CA ILE C 33 -36.51 -10.67 25.17
C ILE C 33 -36.69 -9.28 25.79
N ALA C 34 -36.41 -8.25 25.00
CA ALA C 34 -36.62 -6.88 25.45
C ALA C 34 -36.76 -5.93 24.28
N PHE C 35 -37.77 -5.07 24.34
CA PHE C 35 -37.88 -3.95 23.41
C PHE C 35 -36.75 -2.97 23.62
N ASP C 36 -36.08 -2.58 22.54
CA ASP C 36 -35.13 -1.48 22.63
C ASP C 36 -35.92 -0.20 22.95
N ASN C 37 -35.23 0.82 23.46
CA ASN C 37 -35.86 2.12 23.59
C ASN C 37 -35.54 3.10 22.47
N GLN C 38 -34.93 2.59 21.40
CA GLN C 38 -34.79 3.37 20.18
C GLN C 38 -34.76 2.52 18.91
N ASP C 39 -34.95 3.17 17.76
CA ASP C 39 -34.75 2.56 16.44
C ASP C 39 -35.72 1.41 16.11
N GLU C 40 -36.80 1.29 16.86
CA GLU C 40 -37.86 0.31 16.59
C GLU C 40 -37.40 -1.16 16.62
N LEU C 41 -36.44 -1.47 17.49
CA LEU C 41 -35.84 -2.81 17.55
C LEU C 41 -36.46 -3.69 18.64
N LEU C 42 -36.63 -4.97 18.33
CA LEU C 42 -36.90 -5.99 19.35
C LEU C 42 -35.71 -6.94 19.46
N TRP C 43 -35.22 -7.13 20.69
CA TRP C 43 -34.07 -8.00 20.92
C TRP C 43 -34.43 -9.34 21.56
N ILE C 44 -33.82 -10.41 21.05
CA ILE C 44 -34.08 -11.77 21.52
C ILE C 44 -32.77 -12.49 21.86
N GLY C 45 -32.67 -13.13 23.01
CA GLY C 45 -31.45 -13.85 23.34
C GLY C 45 -31.63 -15.35 23.25
N THR C 46 -30.55 -16.07 22.94
CA THR C 46 -30.56 -17.54 22.91
C THR C 46 -29.86 -18.19 24.10
N GLN C 47 -30.01 -19.52 24.20
CA GLN C 47 -29.46 -20.30 25.31
C GLN C 47 -27.94 -20.41 25.26
N LYS C 48 -27.33 -19.90 24.20
CA LYS C 48 -25.88 -19.94 24.07
C LYS C 48 -25.30 -18.53 23.89
N GLY C 49 -26.12 -17.52 24.12
CA GLY C 49 -25.64 -16.14 24.11
C GLY C 49 -25.73 -15.39 22.80
N PHE C 50 -26.47 -15.92 21.83
CA PHE C 50 -26.76 -15.14 20.64
C PHE C 50 -27.81 -14.07 20.89
N ALA C 51 -27.56 -12.87 20.36
CA ALA C 51 -28.53 -11.78 20.37
C ALA C 51 -29.06 -11.55 18.95
N GLY C 52 -30.38 -11.55 18.78
CA GLY C 52 -30.94 -11.16 17.50
C GLY C 52 -31.83 -9.95 17.62
N SER C 53 -31.70 -9.03 16.68
CA SER C 53 -32.55 -7.84 16.65
C SER C 53 -33.47 -7.83 15.43
N PHE C 54 -34.67 -7.29 15.61
CA PHE C 54 -35.71 -7.29 14.58
C PHE C 54 -36.44 -5.96 14.54
N ILE C 55 -36.72 -5.44 13.34
CA ILE C 55 -37.25 -4.10 13.18
C ILE C 55 -38.77 -4.09 13.00
N GLY C 56 -39.43 -3.23 13.78
CA GLY C 56 -40.84 -2.92 13.55
C GLY C 56 -41.81 -4.02 13.91
N ARG C 57 -43.09 -3.75 13.66
CA ARG C 57 -44.16 -4.66 14.05
C ARG C 57 -44.15 -5.96 13.24
N GLU C 58 -43.54 -5.93 12.06
CA GLU C 58 -43.50 -7.11 11.21
C GLU C 58 -42.25 -7.95 11.49
N LEU C 59 -41.43 -7.46 12.41
CA LEU C 59 -40.22 -8.14 12.91
C LEU C 59 -39.26 -8.52 11.78
N LYS C 60 -38.98 -7.57 10.91
CA LYS C 60 -37.98 -7.71 9.84
C LYS C 60 -36.57 -7.79 10.46
N ARG C 61 -35.78 -8.79 10.06
CA ARG C 61 -34.42 -9.00 10.60
C ARG C 61 -33.46 -7.82 10.41
N PHE C 62 -32.72 -7.49 11.46
CA PHE C 62 -31.73 -6.42 11.38
C PHE C 62 -30.29 -6.95 11.56
N THR C 63 -29.88 -7.15 12.81
CA THR C 63 -28.54 -7.69 13.12
C THR C 63 -28.57 -8.91 14.03
N ALA C 64 -27.46 -9.63 14.11
CA ALA C 64 -27.36 -10.80 14.98
C ALA C 64 -25.90 -11.18 15.27
N PHE C 65 -25.58 -11.46 16.53
CA PHE C 65 -24.21 -11.80 16.94
C PHE C 65 -24.12 -12.43 18.33
N ARG C 66 -23.10 -13.25 18.55
CA ARG C 66 -22.88 -13.91 19.84
C ARG C 66 -22.13 -12.98 20.78
N ILE C 67 -22.56 -12.87 22.04
CA ILE C 67 -21.98 -11.85 22.93
C ILE C 67 -21.02 -12.40 24.00
N HIS C 68 -20.86 -13.71 24.05
CA HIS C 68 -19.84 -14.35 24.90
C HIS C 68 -19.58 -15.76 24.36
N PRO C 69 -18.51 -16.43 24.83
CA PRO C 69 -18.28 -17.82 24.38
C PRO C 69 -19.50 -18.69 24.64
N GLU C 70 -19.84 -19.56 23.69
CA GLU C 70 -21.11 -20.30 23.75
C GLU C 70 -21.16 -21.23 24.97
N THR C 71 -19.98 -21.59 25.49
CA THR C 71 -19.90 -22.36 26.72
C THR C 71 -20.33 -21.58 27.97
N ASP C 72 -20.45 -20.26 27.84
CA ASP C 72 -20.93 -19.43 28.94
C ASP C 72 -22.43 -19.60 29.21
N GLY C 73 -23.14 -20.14 28.21
CA GLY C 73 -24.56 -20.42 28.36
C GLY C 73 -25.46 -19.31 27.86
N PRO C 74 -26.64 -19.16 28.50
CA PRO C 74 -27.72 -18.29 28.01
C PRO C 74 -27.43 -16.80 28.08
N LEU C 75 -28.01 -16.05 27.15
CA LEU C 75 -28.05 -14.59 27.25
C LEU C 75 -29.09 -14.23 28.30
N ARG C 76 -28.63 -13.59 29.37
CA ARG C 76 -29.46 -13.40 30.56
C ARG C 76 -30.33 -12.14 30.53
N GLN C 77 -29.83 -11.07 29.94
CA GLN C 77 -30.54 -9.79 29.99
C GLN C 77 -30.01 -8.76 29.00
N PHE C 78 -30.90 -7.88 28.55
CA PHE C 78 -30.51 -6.72 27.76
C PHE C 78 -30.63 -5.46 28.61
N LEU C 79 -29.80 -4.47 28.33
CA LEU C 79 -30.05 -3.11 28.77
C LEU C 79 -29.73 -2.16 27.62
N PHE C 80 -30.36 -0.99 27.62
CA PHE C 80 -30.22 -0.10 26.47
C PHE C 80 -29.75 1.29 26.87
N VAL C 81 -28.75 1.78 26.16
CA VAL C 81 -28.28 3.16 26.31
C VAL C 81 -28.08 3.78 24.95
N ASP C 82 -27.79 5.07 24.93
CA ASP C 82 -27.62 5.82 23.68
C ASP C 82 -26.54 5.23 22.77
N LYS C 83 -25.41 4.88 23.36
CA LYS C 83 -24.25 4.42 22.61
C LYS C 83 -24.37 3.01 22.02
N GLY C 84 -25.14 2.16 22.67
CA GLY C 84 -25.33 0.80 22.19
C GLY C 84 -26.12 -0.04 23.16
N VAL C 85 -26.00 -1.35 23.04
CA VAL C 85 -26.75 -2.29 23.86
C VAL C 85 -25.78 -2.95 24.82
N ILE C 86 -26.18 -3.10 26.08
CA ILE C 86 -25.37 -3.84 27.04
C ILE C 86 -25.93 -5.24 27.28
N PHE C 87 -25.04 -6.24 27.24
CA PHE C 87 -25.43 -7.64 27.35
C PHE C 87 -24.79 -8.31 28.56
N LEU C 88 -25.60 -9.02 29.34
CA LEU C 88 -25.07 -9.72 30.51
C LEU C 88 -25.18 -11.22 30.28
N GLY C 89 -24.07 -11.92 30.51
CA GLY C 89 -24.03 -13.36 30.55
C GLY C 89 -23.54 -13.85 31.90
N SER C 90 -23.59 -15.16 32.11
CA SER C 90 -23.16 -15.72 33.38
C SER C 90 -21.70 -15.45 33.73
N ARG C 91 -20.85 -15.31 32.71
CA ARG C 91 -19.42 -15.23 32.96
C ARG C 91 -18.81 -13.88 32.59
N SER C 92 -19.63 -13.00 32.03
CA SER C 92 -19.12 -11.76 31.46
C SER C 92 -20.20 -10.72 31.17
N VAL C 93 -19.79 -9.48 30.93
CA VAL C 93 -20.71 -8.44 30.51
C VAL C 93 -20.13 -7.85 29.23
N TYR C 94 -20.99 -7.67 28.23
CA TYR C 94 -20.53 -7.23 26.92
C TYR C 94 -21.33 -6.03 26.44
N MET C 95 -20.66 -5.09 25.78
CA MET C 95 -21.35 -3.96 25.17
C MET C 95 -20.94 -3.76 23.71
N ALA C 96 -21.93 -3.57 22.86
CA ALA C 96 -21.69 -3.37 21.44
C ALA C 96 -22.70 -2.36 20.90
N ALA C 97 -22.33 -1.68 19.82
CA ALA C 97 -23.30 -0.84 19.13
C ALA C 97 -24.37 -1.70 18.50
N ARG C 98 -25.50 -1.08 18.16
CA ARG C 98 -26.62 -1.81 17.58
C ARG C 98 -26.24 -2.34 16.19
N SER C 99 -25.22 -1.72 15.60
CA SER C 99 -24.59 -2.21 14.37
C SER C 99 -23.93 -3.58 14.53
N GLY C 100 -23.53 -3.90 15.75
CA GLY C 100 -22.73 -5.10 16.02
C GLY C 100 -21.27 -4.81 16.30
N VAL C 101 -20.88 -3.56 16.12
CA VAL C 101 -19.52 -3.10 16.42
C VAL C 101 -19.20 -3.18 17.92
N PRO C 102 -18.15 -3.95 18.27
CA PRO C 102 -17.79 -4.12 19.68
C PRO C 102 -17.42 -2.78 20.31
N ILE C 103 -17.83 -2.57 21.55
CA ILE C 103 -17.50 -1.33 22.26
C ILE C 103 -16.54 -1.65 23.40
N TRP C 104 -16.94 -2.57 24.28
CA TRP C 104 -16.01 -3.14 25.24
C TRP C 104 -16.44 -4.53 25.71
N SER C 105 -15.53 -5.20 26.40
CA SER C 105 -15.72 -6.56 26.86
C SER C 105 -15.11 -6.70 28.24
N ILE C 106 -15.90 -7.14 29.20
CA ILE C 106 -15.42 -7.30 30.56
C ILE C 106 -15.61 -8.72 31.06
N ARG C 107 -14.51 -9.37 31.40
CA ARG C 107 -14.59 -10.73 31.90
C ARG C 107 -13.78 -10.78 33.18
N HIS C 108 -14.41 -10.32 34.25
CA HIS C 108 -13.75 -10.14 35.53
C HIS C 108 -13.87 -11.45 36.28
N GLU C 109 -12.87 -11.80 37.08
CA GLU C 109 -12.87 -13.06 37.83
C GLU C 109 -14.06 -13.27 38.78
N SER C 110 -14.63 -12.18 39.29
CA SER C 110 -15.75 -12.30 40.23
C SER C 110 -17.09 -12.46 39.51
N MET C 111 -17.07 -12.48 38.19
CA MET C 111 -18.28 -12.74 37.41
C MET C 111 -18.38 -14.25 37.17
N GLN C 112 -19.01 -14.95 38.10
CA GLN C 112 -19.09 -16.41 38.03
C GLN C 112 -20.45 -16.94 37.56
N ASP C 113 -21.53 -16.33 38.03
CA ASP C 113 -22.85 -16.72 37.56
C ASP C 113 -23.83 -15.56 37.67
N LEU C 114 -23.57 -14.51 36.89
CA LEU C 114 -24.43 -13.34 36.85
C LEU C 114 -25.80 -13.69 36.26
N ARG C 115 -26.85 -13.07 36.78
CA ARG C 115 -28.21 -13.35 36.32
C ARG C 115 -28.96 -12.07 36.02
N ALA C 116 -28.49 -10.94 36.57
CA ALA C 116 -29.26 -9.71 36.54
C ALA C 116 -28.38 -8.47 36.64
N MET C 117 -28.85 -7.38 36.03
CA MET C 117 -28.20 -6.08 36.14
C MET C 117 -29.18 -4.91 36.05
N SER C 118 -28.82 -3.78 36.64
CA SER C 118 -29.68 -2.60 36.54
C SER C 118 -28.82 -1.35 36.58
N PHE C 119 -29.42 -0.23 36.17
CA PHE C 119 -28.83 1.09 36.37
C PHE C 119 -28.91 1.57 37.81
N THR C 120 -28.28 2.70 38.10
CA THR C 120 -28.21 3.22 39.46
C THR C 120 -28.62 4.68 39.52
N SER C 121 -27.90 5.47 40.32
CA SER C 121 -28.20 6.88 40.52
C SER C 121 -27.55 7.80 39.50
N LYS C 122 -26.89 7.22 38.51
CA LYS C 122 -26.02 7.98 37.62
C LYS C 122 -26.45 7.93 36.16
N GLY C 123 -27.76 7.90 35.93
CA GLY C 123 -28.30 7.88 34.58
C GLY C 123 -27.91 6.61 33.86
N THR C 124 -27.28 6.76 32.69
CA THR C 124 -26.86 5.61 31.91
C THR C 124 -25.36 5.40 32.01
N SER C 125 -24.72 6.12 32.94
CA SER C 125 -23.27 6.07 33.07
C SER C 125 -22.78 4.88 33.89
N GLU C 126 -23.68 4.27 34.64
CA GLU C 126 -23.26 3.22 35.57
C GLU C 126 -24.30 2.10 35.71
N ILE C 127 -23.83 0.86 35.81
CA ILE C 127 -24.73 -0.25 36.07
C ILE C 127 -24.27 -1.05 37.29
N LEU C 128 -25.21 -1.72 37.93
CA LEU C 128 -24.90 -2.66 39.01
C LEU C 128 -25.15 -4.07 38.47
N VAL C 129 -24.22 -5.00 38.71
CA VAL C 129 -24.43 -6.38 38.27
C VAL C 129 -24.27 -7.41 39.39
N ALA C 130 -25.11 -8.44 39.34
CA ALA C 130 -25.16 -9.47 40.37
C ALA C 130 -25.71 -10.78 39.82
N GLY C 131 -25.72 -11.82 40.65
CA GLY C 131 -26.30 -13.10 40.27
C GLY C 131 -26.28 -14.13 41.39
N TRP C 132 -26.16 -15.39 41.01
CA TRP C 132 -26.16 -16.48 41.99
C TRP C 132 -24.72 -16.70 42.44
N GLN C 133 -24.24 -15.74 43.22
CA GLN C 133 -22.85 -15.68 43.67
C GLN C 133 -22.79 -14.63 44.76
N ASN C 134 -21.70 -14.57 45.54
CA ASN C 134 -21.71 -13.69 46.70
C ASN C 134 -20.91 -12.41 46.52
N LYS C 135 -20.66 -12.04 45.27
CA LYS C 135 -20.11 -10.73 44.94
C LYS C 135 -20.99 -9.96 43.97
N MET C 136 -20.98 -8.63 44.08
CA MET C 136 -21.58 -7.77 43.06
C MET C 136 -20.50 -6.86 42.50
N LEU C 137 -20.71 -6.39 41.28
CA LEU C 137 -19.75 -5.49 40.67
C LEU C 137 -20.46 -4.24 40.14
N VAL C 138 -19.80 -3.10 40.31
CA VAL C 138 -20.30 -1.84 39.78
C VAL C 138 -19.47 -1.50 38.55
N ILE C 139 -20.15 -1.21 37.44
CA ILE C 139 -19.46 -0.95 36.19
C ILE C 139 -19.75 0.45 35.64
N ASP C 140 -18.67 1.16 35.31
CA ASP C 140 -18.73 2.42 34.60
C ASP C 140 -19.01 2.08 33.13
N VAL C 141 -20.20 2.45 32.66
CA VAL C 141 -20.64 2.11 31.30
C VAL C 141 -19.85 2.88 30.24
N ASN C 142 -19.40 4.07 30.61
CA ASN C 142 -18.63 4.90 29.70
C ASN C 142 -17.20 4.38 29.51
N LYS C 143 -16.57 3.98 30.61
CA LYS C 143 -15.19 3.51 30.55
C LYS C 143 -15.06 2.02 30.22
N GLY C 144 -16.12 1.26 30.50
CA GLY C 144 -16.11 -0.18 30.29
C GLY C 144 -15.15 -0.91 31.22
N GLU C 145 -15.20 -0.57 32.50
CA GLU C 145 -14.38 -1.22 33.51
C GLU C 145 -15.12 -1.42 34.82
N VAL C 146 -14.79 -2.48 35.55
CA VAL C 146 -15.29 -2.61 36.91
C VAL C 146 -14.66 -1.48 37.75
N VAL C 147 -15.50 -0.74 38.45
CA VAL C 147 -15.01 0.37 39.27
C VAL C 147 -15.18 0.08 40.75
N LYS C 148 -15.97 -0.93 41.06
CA LYS C 148 -16.24 -1.31 42.45
C LYS C 148 -16.69 -2.76 42.55
N GLU C 149 -16.25 -3.40 43.62
CA GLU C 149 -16.71 -4.74 43.96
C GLU C 149 -17.35 -4.76 45.34
N LEU C 150 -18.52 -5.37 45.46
CA LEU C 150 -19.19 -5.38 46.75
C LEU C 150 -19.47 -6.83 47.09
N PRO C 151 -19.31 -7.20 48.36
CA PRO C 151 -19.72 -8.54 48.81
C PRO C 151 -21.23 -8.58 48.91
N THR C 152 -21.87 -9.73 48.68
CA THR C 152 -23.28 -9.82 48.99
C THR C 152 -23.72 -11.16 49.56
N GLN C 153 -24.59 -11.08 50.56
CA GLN C 153 -25.17 -12.25 51.19
C GLN C 153 -26.42 -12.70 50.44
N ASP C 154 -27.15 -11.77 49.85
CA ASP C 154 -28.33 -12.17 49.13
C ASP C 154 -27.92 -12.34 47.67
N GLN C 155 -28.42 -13.40 47.05
CA GLN C 155 -28.14 -13.67 45.64
C GLN C 155 -29.31 -13.25 44.79
N TYR C 156 -29.06 -12.68 43.61
CA TYR C 156 -30.14 -12.04 42.88
C TYR C 156 -30.46 -12.68 41.53
N SER C 157 -31.76 -12.74 41.22
CA SER C 157 -32.24 -13.16 39.91
C SER C 157 -32.70 -11.95 39.10
N PHE C 158 -33.05 -10.87 39.79
CA PHE C 158 -33.50 -9.64 39.10
C PHE C 158 -33.01 -8.35 39.78
N LEU C 159 -32.75 -7.35 38.95
CA LEU C 159 -32.45 -5.98 39.38
C LEU C 159 -33.15 -4.98 38.45
N LYS C 160 -33.79 -3.96 39.02
CA LYS C 160 -34.28 -2.85 38.20
C LYS C 160 -34.37 -1.53 38.96
N MET C 161 -33.86 -0.47 38.35
CA MET C 161 -33.89 0.87 38.93
C MET C 161 -35.15 1.67 38.60
N SER C 162 -35.83 2.15 39.64
CA SER C 162 -36.90 3.14 39.49
C SER C 162 -36.65 4.31 40.43
N ARG C 163 -37.33 4.31 41.58
CA ARG C 163 -37.03 5.28 42.64
C ARG C 163 -35.82 4.74 43.39
N TYR C 164 -35.78 3.42 43.52
CA TYR C 164 -34.68 2.72 44.16
C TYR C 164 -34.31 1.52 43.29
N ILE C 165 -33.21 0.85 43.62
CA ILE C 165 -32.87 -0.40 42.95
C ILE C 165 -33.63 -1.54 43.61
N CYS C 166 -34.54 -2.14 42.85
CA CYS C 166 -35.34 -3.25 43.36
C CYS C 166 -34.71 -4.58 43.01
N ALA C 167 -34.39 -5.36 44.03
CA ALA C 167 -33.52 -6.52 43.87
C ALA C 167 -34.22 -7.80 44.32
N ALA C 168 -34.61 -8.63 43.37
CA ALA C 168 -35.26 -9.89 43.68
C ALA C 168 -34.26 -11.02 43.92
N THR C 169 -34.32 -11.61 45.12
CA THR C 169 -33.47 -12.75 45.46
C THR C 169 -34.01 -14.05 44.84
N ASN C 170 -33.20 -15.10 44.85
CA ASN C 170 -33.63 -16.38 44.31
C ASN C 170 -34.45 -17.20 45.31
N LYS C 171 -34.82 -16.58 46.41
CA LYS C 171 -35.65 -17.21 47.44
C LYS C 171 -37.06 -16.66 47.47
N GLY C 172 -37.34 -15.69 46.61
CA GLY C 172 -38.68 -15.12 46.55
C GLY C 172 -38.86 -13.83 47.31
N THR C 173 -37.78 -13.34 47.92
CA THR C 173 -37.84 -12.06 48.64
C THR C 173 -37.35 -10.92 47.75
N VAL C 174 -37.77 -9.70 48.07
CA VAL C 174 -37.28 -8.51 47.37
C VAL C 174 -36.51 -7.57 48.29
N ASN C 175 -35.25 -7.29 47.93
CA ASN C 175 -34.50 -6.25 48.62
C ASN C 175 -34.64 -4.92 47.88
N ILE C 176 -34.97 -3.85 48.61
CA ILE C 176 -35.00 -2.52 48.02
C ILE C 176 -33.70 -1.80 48.34
N LEU C 177 -32.86 -1.57 47.33
CA LEU C 177 -31.53 -1.05 47.58
C LEU C 177 -31.41 0.45 47.26
N ASP C 178 -30.78 1.19 48.17
CA ASP C 178 -30.44 2.59 47.94
C ASP C 178 -29.51 2.66 46.73
N PRO C 179 -29.85 3.48 45.73
CA PRO C 179 -29.09 3.53 44.47
C PRO C 179 -27.71 4.19 44.60
N ILE C 180 -27.49 4.93 45.69
CA ILE C 180 -26.24 5.63 45.92
C ILE C 180 -25.20 4.79 46.69
N THR C 181 -25.66 4.12 47.75
CA THR C 181 -24.77 3.39 48.65
C THR C 181 -24.86 1.88 48.44
N PHE C 182 -25.89 1.45 47.71
CA PHE C 182 -26.20 0.05 47.43
C PHE C 182 -26.62 -0.75 48.68
N THR C 183 -26.87 -0.05 49.78
CA THR C 183 -27.38 -0.64 51.02
C THR C 183 -28.89 -0.98 50.98
N ILE C 184 -29.29 -2.04 51.66
CA ILE C 184 -30.69 -2.45 51.76
C ILE C 184 -31.60 -1.54 52.60
N LYS C 185 -32.62 -0.96 51.99
CA LYS C 185 -33.59 -0.14 52.71
C LYS C 185 -34.76 -0.91 53.30
N LYS C 186 -35.16 -2.00 52.66
CA LYS C 186 -36.38 -2.72 53.03
C LYS C 186 -36.47 -4.11 52.38
N GLN C 187 -36.96 -5.10 53.12
CA GLN C 187 -37.19 -6.42 52.52
C GLN C 187 -38.68 -6.74 52.48
N TRP C 188 -39.11 -7.23 51.33
CA TRP C 188 -40.52 -7.53 51.10
C TRP C 188 -40.69 -9.00 50.74
N GLN C 189 -41.54 -9.73 51.47
CA GLN C 189 -41.77 -11.12 51.15
C GLN C 189 -42.83 -11.27 50.07
N ALA C 190 -42.38 -11.43 48.84
CA ALA C 190 -43.30 -11.47 47.70
C ALA C 190 -43.86 -12.87 47.47
N HIS C 191 -42.98 -13.84 47.27
CA HIS C 191 -43.42 -15.21 47.05
C HIS C 191 -42.61 -16.21 47.89
N GLY C 192 -43.10 -17.45 47.96
CA GLY C 192 -42.54 -18.45 48.85
C GLY C 192 -41.15 -18.98 48.59
N ALA C 193 -40.80 -19.20 47.33
CA ALA C 193 -39.50 -19.81 47.03
C ALA C 193 -38.78 -19.16 45.86
N PHE C 194 -39.53 -18.58 44.92
CA PHE C 194 -38.90 -17.96 43.76
C PHE C 194 -39.70 -16.82 43.17
N ILE C 195 -39.01 -15.96 42.45
CA ILE C 195 -39.63 -14.87 41.71
C ILE C 195 -39.34 -15.10 40.23
N ASN C 196 -40.41 -15.25 39.44
CA ASN C 196 -40.27 -15.50 38.01
C ASN C 196 -40.17 -14.22 37.19
N ASP C 197 -40.58 -13.11 37.78
CA ASP C 197 -40.56 -11.83 37.07
C ASP C 197 -40.66 -10.65 38.03
N LEU C 198 -40.03 -9.54 37.65
CA LEU C 198 -40.10 -8.30 38.42
C LEU C 198 -40.15 -7.09 37.51
N ASP C 199 -41.04 -6.17 37.83
CA ASP C 199 -41.02 -4.84 37.22
C ASP C 199 -41.25 -3.79 38.29
N THR C 200 -40.91 -2.54 37.99
CA THR C 200 -41.10 -1.46 38.94
C THR C 200 -41.22 -0.09 38.28
N SER C 201 -42.06 0.75 38.85
CA SER C 201 -42.11 2.16 38.48
C SER C 201 -41.61 2.89 39.70
N ASN C 202 -41.55 4.23 39.65
CA ASN C 202 -41.08 4.99 40.81
C ASN C 202 -41.99 4.83 42.02
N ASP C 203 -43.23 4.42 41.77
CA ASP C 203 -44.21 4.29 42.84
C ASP C 203 -44.58 2.86 43.25
N PHE C 204 -44.29 1.88 42.40
CA PHE C 204 -44.71 0.51 42.69
C PHE C 204 -43.67 -0.55 42.37
N ILE C 205 -43.73 -1.66 43.09
CA ILE C 205 -43.15 -2.94 42.68
C ILE C 205 -44.23 -3.98 42.39
N VAL C 206 -44.03 -4.76 41.33
CA VAL C 206 -44.91 -5.90 41.04
C VAL C 206 -44.08 -7.15 40.78
N THR C 207 -44.52 -8.29 41.32
CA THR C 207 -43.80 -9.55 41.14
C THR C 207 -44.71 -10.73 40.83
N CYS C 208 -44.15 -11.73 40.16
CA CYS C 208 -44.79 -13.04 39.95
C CYS C 208 -43.96 -14.16 40.55
N GLY C 209 -44.60 -15.20 41.07
CA GLY C 209 -43.86 -16.32 41.63
C GLY C 209 -44.66 -17.48 42.18
N GLY C 210 -44.02 -18.30 43.03
CA GLY C 210 -44.64 -19.47 43.61
C GLY C 210 -43.97 -19.92 44.91
N SER C 211 -44.55 -20.93 45.54
CA SER C 211 -44.15 -21.34 46.88
C SER C 211 -42.99 -22.34 46.95
N HIS C 212 -42.73 -23.04 45.86
CA HIS C 212 -41.66 -24.05 45.81
C HIS C 212 -41.01 -24.17 44.43
N ARG C 213 -39.68 -24.27 44.41
CA ARG C 213 -38.99 -24.56 43.17
C ARG C 213 -39.16 -26.02 42.79
N GLN C 214 -38.90 -26.32 41.52
CA GLN C 214 -39.19 -27.65 41.01
C GLN C 214 -38.28 -28.70 41.66
N THR C 215 -38.88 -29.82 42.04
CA THR C 215 -38.16 -31.02 42.44
C THR C 215 -38.86 -32.16 41.73
N HIS C 216 -38.35 -33.38 41.84
CA HIS C 216 -39.06 -34.51 41.23
C HIS C 216 -40.35 -34.80 42.03
N ASN C 217 -40.46 -34.20 43.22
CA ASN C 217 -41.66 -34.33 44.04
C ASN C 217 -42.72 -33.29 43.71
N THR C 218 -42.31 -32.13 43.18
CA THR C 218 -43.18 -30.95 43.14
C THR C 218 -42.82 -30.04 41.98
N PRO C 219 -43.77 -29.84 41.05
CA PRO C 219 -43.49 -28.86 39.99
C PRO C 219 -43.50 -27.44 40.55
N ALA C 220 -42.72 -26.54 39.96
CA ALA C 220 -42.82 -25.15 40.39
C ALA C 220 -44.21 -24.66 40.00
N ILE C 221 -45.00 -24.22 40.96
CA ILE C 221 -46.34 -23.74 40.62
C ILE C 221 -46.39 -22.23 40.79
N LEU C 222 -46.92 -21.52 39.80
CA LEU C 222 -47.03 -20.08 39.94
C LEU C 222 -48.22 -19.71 40.83
N ASP C 223 -48.12 -18.57 41.50
CA ASP C 223 -49.17 -18.13 42.40
C ASP C 223 -50.34 -17.50 41.62
N PRO C 224 -51.57 -17.61 42.16
CA PRO C 224 -52.75 -17.06 41.51
C PRO C 224 -52.92 -15.56 41.77
N TYR C 225 -51.84 -14.82 41.83
CA TYR C 225 -51.91 -13.39 42.11
C TYR C 225 -50.58 -12.69 41.82
N VAL C 226 -50.63 -11.38 41.67
CA VAL C 226 -49.43 -10.59 41.66
C VAL C 226 -49.26 -9.90 43.01
N LYS C 227 -48.08 -10.01 43.61
CA LYS C 227 -47.82 -9.31 44.85
C LYS C 227 -47.45 -7.88 44.49
N VAL C 228 -47.94 -6.93 45.28
CA VAL C 228 -47.76 -5.53 44.98
C VAL C 228 -47.20 -4.80 46.19
N PHE C 229 -46.21 -3.95 45.94
CA PHE C 229 -45.59 -3.19 47.00
C PHE C 229 -45.59 -1.71 46.65
N ASP C 230 -45.97 -0.89 47.64
CA ASP C 230 -46.03 0.55 47.48
C ASP C 230 -44.65 1.14 47.76
N LEU C 231 -43.97 1.58 46.70
CA LEU C 231 -42.60 2.08 46.85
C LEU C 231 -42.61 3.50 47.39
N LYS C 232 -43.70 4.21 47.14
CA LYS C 232 -43.86 5.58 47.57
C LYS C 232 -43.97 5.66 49.09
N ASN C 233 -44.84 4.83 49.66
CA ASN C 233 -45.06 4.86 51.11
C ASN C 233 -44.41 3.68 51.83
N MET C 234 -43.59 2.93 51.09
CA MET C 234 -42.80 1.82 51.62
C MET C 234 -43.56 0.80 52.48
N SER C 235 -44.65 0.25 51.93
CA SER C 235 -45.40 -0.79 52.63
C SER C 235 -46.05 -1.74 51.63
N ALA C 236 -46.33 -2.96 52.06
CA ALA C 236 -46.94 -3.94 51.16
C ALA C 236 -48.39 -3.52 50.86
N MET C 237 -48.87 -3.90 49.68
CA MET C 237 -50.25 -3.65 49.32
C MET C 237 -51.01 -4.97 49.14
N ASN C 238 -52.33 -4.86 48.95
CA ASN C 238 -53.13 -6.04 48.65
C ASN C 238 -52.68 -6.62 47.32
N PRO C 239 -52.59 -7.95 47.23
CA PRO C 239 -52.23 -8.55 45.95
C PRO C 239 -53.31 -8.33 44.90
N VAL C 240 -52.93 -8.36 43.63
CA VAL C 240 -53.89 -8.33 42.53
C VAL C 240 -54.27 -9.75 42.13
N PRO C 241 -55.54 -10.12 42.34
CA PRO C 241 -56.01 -11.47 42.00
C PRO C 241 -55.85 -11.78 40.51
N PHE C 242 -55.30 -12.95 40.22
CA PHE C 242 -55.06 -13.37 38.85
C PHE C 242 -55.15 -14.90 38.75
N ALA C 243 -56.36 -15.40 38.67
CA ALA C 243 -56.63 -16.85 38.66
C ALA C 243 -55.91 -17.69 37.59
N PRO C 244 -55.65 -17.16 36.38
CA PRO C 244 -54.88 -17.96 35.42
C PRO C 244 -53.43 -18.25 35.82
N LEU C 245 -52.99 -17.78 36.99
CA LEU C 245 -51.62 -17.92 37.48
C LEU C 245 -50.70 -16.93 36.80
N ALA C 246 -50.09 -16.05 37.58
CA ALA C 246 -49.34 -14.92 37.04
C ALA C 246 -47.88 -15.28 36.78
N ALA C 247 -47.49 -15.25 35.51
CA ALA C 247 -46.16 -15.63 35.09
C ALA C 247 -45.30 -14.40 34.82
N HIS C 248 -45.90 -13.39 34.20
CA HIS C 248 -45.18 -12.16 33.86
C HIS C 248 -46.02 -10.91 34.10
N VAL C 249 -45.33 -9.79 34.32
CA VAL C 249 -45.96 -8.51 34.59
C VAL C 249 -45.07 -7.37 34.10
N ARG C 250 -45.70 -6.34 33.52
CA ARG C 250 -45.01 -5.13 33.15
C ARG C 250 -45.86 -3.93 33.56
N MET C 251 -45.22 -2.88 34.06
CA MET C 251 -45.96 -1.62 34.26
C MET C 251 -46.26 -1.00 32.90
N HIS C 252 -47.48 -0.48 32.75
CA HIS C 252 -47.85 0.21 31.53
C HIS C 252 -47.16 1.57 31.53
N PRO C 253 -46.40 1.87 30.47
CA PRO C 253 -45.58 3.10 30.42
C PRO C 253 -46.37 4.39 30.28
N ARG C 254 -47.64 4.33 29.87
CA ARG C 254 -48.42 5.55 29.71
C ARG C 254 -49.53 5.61 30.75
N MET C 255 -50.22 4.49 30.98
CA MET C 255 -51.16 4.41 32.08
C MET C 255 -50.37 4.04 33.35
N LEU C 256 -50.01 5.05 34.12
CA LEU C 256 -48.95 4.92 35.14
C LEU C 256 -49.32 4.04 36.33
N THR C 257 -50.60 3.85 36.58
CA THR C 257 -51.03 3.00 37.69
C THR C 257 -51.58 1.67 37.19
N THR C 258 -51.27 1.33 35.94
CA THR C 258 -51.84 0.15 35.32
C THR C 258 -50.75 -0.89 35.09
N ALA C 259 -51.06 -2.16 35.34
CA ALA C 259 -50.13 -3.26 35.07
C ALA C 259 -50.62 -4.18 33.95
N ILE C 260 -49.66 -4.77 33.23
CA ILE C 260 -49.99 -5.74 32.18
C ILE C 260 -49.54 -7.14 32.61
N VAL C 261 -50.48 -8.05 32.82
CA VAL C 261 -50.21 -9.36 33.42
C VAL C 261 -50.48 -10.52 32.48
N VAL C 262 -49.54 -11.48 32.43
CA VAL C 262 -49.59 -12.55 31.42
C VAL C 262 -49.41 -13.93 32.06
N ASN C 263 -50.24 -14.89 31.65
CA ASN C 263 -50.09 -16.27 32.08
C ASN C 263 -49.44 -17.17 31.01
N GLN C 264 -49.12 -18.40 31.37
CA GLN C 264 -48.35 -19.29 30.50
C GLN C 264 -49.11 -19.76 29.26
N ALA C 265 -50.43 -19.61 29.26
CA ALA C 265 -51.21 -19.96 28.08
C ALA C 265 -51.33 -18.77 27.13
N GLY C 266 -50.67 -17.66 27.46
CA GLY C 266 -50.68 -16.47 26.64
C GLY C 266 -51.87 -15.56 26.83
N GLN C 267 -52.62 -15.79 27.90
CA GLN C 267 -53.70 -14.90 28.32
C GLN C 267 -53.17 -13.65 29.02
N ILE C 268 -53.67 -12.48 28.61
CA ILE C 268 -53.17 -11.21 29.14
C ILE C 268 -54.29 -10.36 29.73
N HIS C 269 -54.06 -9.82 30.93
CA HIS C 269 -54.95 -8.83 31.56
C HIS C 269 -54.33 -7.44 31.74
N VAL C 270 -55.07 -6.39 31.38
CA VAL C 270 -54.66 -5.02 31.65
C VAL C 270 -55.45 -4.40 32.81
N THR C 271 -54.80 -4.21 33.96
CA THR C 271 -55.51 -3.91 35.21
C THR C 271 -54.94 -2.70 35.97
N ASP C 272 -55.81 -1.77 36.35
CA ASP C 272 -55.42 -0.64 37.19
C ASP C 272 -55.14 -1.07 38.63
N LEU C 273 -53.95 -0.76 39.14
CA LEU C 273 -53.54 -1.17 40.49
C LEU C 273 -54.41 -0.60 41.62
N LEU C 274 -54.88 0.62 41.43
CA LEU C 274 -55.61 1.36 42.46
C LEU C 274 -57.04 0.84 42.56
N ASN C 275 -57.52 0.26 41.47
CA ASN C 275 -58.79 -0.43 41.50
C ASN C 275 -58.87 -1.57 40.48
N PRO C 276 -58.69 -2.81 40.97
CA PRO C 276 -58.58 -4.03 40.15
C PRO C 276 -59.90 -4.41 39.48
N SER C 277 -60.96 -3.72 39.90
CA SER C 277 -62.33 -4.01 39.46
C SER C 277 -62.45 -3.80 37.96
N ASN C 278 -61.77 -2.76 37.47
CA ASN C 278 -61.73 -2.46 36.05
C ASN C 278 -60.50 -2.98 35.32
N SER C 279 -60.65 -4.13 34.67
CA SER C 279 -59.58 -4.66 33.85
C SER C 279 -60.07 -5.12 32.49
N GLN C 280 -59.29 -4.83 31.46
CA GLN C 280 -59.56 -5.29 30.10
C GLN C 280 -58.95 -6.68 29.89
N VAL C 281 -59.71 -7.61 29.33
CA VAL C 281 -59.17 -8.95 29.10
C VAL C 281 -58.96 -9.21 27.60
N CYS C 282 -57.82 -9.80 27.26
CA CYS C 282 -57.55 -10.27 25.90
C CYS C 282 -56.73 -11.55 25.84
N TYR C 283 -56.71 -12.18 24.66
CA TYR C 283 -55.99 -13.43 24.44
C TYR C 283 -55.00 -13.40 23.28
N THR C 284 -53.95 -14.20 23.38
CA THR C 284 -52.99 -14.41 22.30
C THR C 284 -52.99 -15.88 21.89
N GLN C 285 -52.29 -16.21 20.81
CA GLN C 285 -52.31 -17.59 20.31
C GLN C 285 -50.93 -18.26 20.22
N PRO C 286 -50.25 -18.44 21.37
CA PRO C 286 -48.92 -19.04 21.33
C PRO C 286 -48.94 -20.51 20.91
N GLN C 287 -47.96 -20.96 20.13
CA GLN C 287 -47.89 -22.37 19.77
C GLN C 287 -47.57 -23.20 21.02
N GLY C 288 -46.61 -22.72 21.80
CA GLY C 288 -46.18 -23.38 23.01
C GLY C 288 -46.50 -22.59 24.28
N VAL C 289 -45.80 -22.94 25.36
CA VAL C 289 -45.93 -22.23 26.63
C VAL C 289 -45.15 -20.91 26.59
N VAL C 290 -45.77 -19.81 27.01
CA VAL C 290 -45.11 -18.51 27.02
C VAL C 290 -44.00 -18.49 28.08
N LEU C 291 -42.81 -18.04 27.69
CA LEU C 291 -41.68 -17.99 28.62
C LEU C 291 -41.22 -16.58 28.94
N HIS C 292 -41.40 -15.64 28.00
CA HIS C 292 -40.97 -14.27 28.22
C HIS C 292 -41.93 -13.24 27.61
N PHE C 293 -41.91 -12.04 28.19
CA PHE C 293 -42.82 -10.97 27.80
C PHE C 293 -42.18 -9.60 28.00
N ASP C 294 -42.43 -8.66 27.09
CA ASP C 294 -42.08 -7.26 27.33
C ASP C 294 -43.02 -6.28 26.61
N VAL C 295 -43.00 -5.03 27.05
CA VAL C 295 -43.75 -3.96 26.41
C VAL C 295 -42.83 -2.82 25.98
N SER C 296 -43.15 -2.20 24.85
CA SER C 296 -42.35 -1.09 24.31
C SER C 296 -42.55 0.18 25.14
N ARG C 297 -41.68 1.16 24.93
CA ARG C 297 -41.73 2.40 25.70
C ARG C 297 -43.06 3.15 25.54
N THR C 298 -43.68 3.04 24.36
CA THR C 298 -44.95 3.71 24.14
C THR C 298 -46.14 2.92 24.69
N GLY C 299 -45.93 1.64 24.97
CA GLY C 299 -47.01 0.79 25.44
C GLY C 299 -47.81 0.12 24.34
N GLU C 300 -47.54 0.50 23.10
CA GLU C 300 -48.36 0.09 21.97
C GLU C 300 -48.00 -1.29 21.44
N GLY C 301 -46.74 -1.70 21.63
CA GLY C 301 -46.30 -3.03 21.22
C GLY C 301 -46.10 -4.00 22.37
N LYS C 302 -46.70 -5.20 22.25
CA LYS C 302 -46.49 -6.28 23.22
C LYS C 302 -45.85 -7.52 22.60
N ALA C 303 -44.75 -8.00 23.19
CA ALA C 303 -44.04 -9.17 22.66
C ALA C 303 -44.02 -10.35 23.63
N LEU C 304 -44.20 -11.56 23.07
CA LEU C 304 -44.24 -12.79 23.87
C LEU C 304 -43.45 -13.91 23.21
N ALA C 305 -42.55 -14.54 23.97
CA ALA C 305 -41.80 -15.69 23.46
C ALA C 305 -42.26 -16.99 24.12
N ASP C 306 -42.34 -18.05 23.30
CA ASP C 306 -42.81 -19.36 23.76
C ASP C 306 -41.75 -20.45 23.66
N ASN C 307 -42.05 -21.63 24.20
CA ASN C 307 -41.07 -22.71 24.28
C ASN C 307 -40.92 -23.47 22.95
N LYS C 308 -41.64 -23.02 21.92
CA LYS C 308 -41.48 -23.57 20.57
C LYS C 308 -40.58 -22.68 19.71
N HIS C 309 -39.86 -21.78 20.38
CA HIS C 309 -38.87 -20.88 19.78
C HIS C 309 -39.47 -19.69 19.04
N ASN C 310 -40.78 -19.48 19.18
CA ASN C 310 -41.45 -18.36 18.53
C ASN C 310 -41.49 -17.10 19.39
N THR C 311 -41.34 -15.94 18.75
CA THR C 311 -41.64 -14.65 19.37
C THR C 311 -42.70 -13.89 18.57
N TYR C 312 -43.75 -13.42 19.25
CA TYR C 312 -44.88 -12.75 18.61
C TYR C 312 -44.97 -11.28 19.01
N VAL C 313 -45.41 -10.43 18.10
CA VAL C 313 -45.77 -9.06 18.44
C VAL C 313 -47.26 -8.74 18.28
N TRP C 314 -47.85 -8.21 19.34
CA TRP C 314 -49.26 -7.81 19.35
C TRP C 314 -49.41 -6.30 19.63
N GLY C 315 -50.53 -5.73 19.20
CA GLY C 315 -50.81 -4.31 19.38
C GLY C 315 -51.94 -3.86 18.45
N SER C 316 -52.15 -2.55 18.33
CA SER C 316 -53.18 -2.06 17.43
C SER C 316 -52.72 -2.16 15.97
N PRO C 317 -53.63 -2.55 15.05
CA PRO C 317 -53.20 -2.51 13.65
C PRO C 317 -52.91 -1.09 13.11
N ASN C 318 -53.43 -0.07 13.80
CA ASN C 318 -53.28 1.34 13.41
C ASN C 318 -52.01 1.97 13.96
N LYS C 319 -51.04 2.08 13.05
CA LYS C 319 -49.73 2.69 13.22
C LYS C 319 -49.25 2.96 14.64
N ILE C 320 -48.75 1.90 15.25
CA ILE C 320 -48.18 1.91 16.58
C ILE C 320 -46.68 2.23 16.42
N GLN C 321 -46.07 2.89 17.39
CA GLN C 321 -44.63 3.12 17.39
C GLN C 321 -43.94 2.65 18.66
N PHE C 322 -42.82 1.93 18.56
CA PHE C 322 -42.18 1.46 19.77
C PHE C 322 -41.57 2.63 20.55
N THR C 323 -40.93 3.55 19.84
CA THR C 323 -40.40 4.77 20.44
C THR C 323 -40.66 5.98 19.55
N GLU C 324 -40.44 7.17 20.09
CA GLU C 324 -40.64 8.45 19.41
C GLU C 324 -40.29 8.44 17.92
N ILE D 7 -4.47 15.83 -15.79
CA ILE D 7 -3.22 15.28 -16.29
C ILE D 7 -3.46 14.58 -17.63
N PRO D 8 -2.88 15.12 -18.71
CA PRO D 8 -3.06 14.64 -20.09
C PRO D 8 -2.40 13.29 -20.33
N LYS D 9 -2.22 12.90 -21.58
CA LYS D 9 -1.67 11.59 -21.90
C LYS D 9 -0.15 11.55 -21.79
N ASP D 10 0.50 12.52 -22.42
CA ASP D 10 1.96 12.56 -22.47
C ASP D 10 2.57 12.87 -21.11
N ARG D 11 1.92 13.74 -20.35
CA ARG D 11 2.43 14.11 -19.02
C ARG D 11 2.37 12.90 -18.10
N ARG D 12 1.40 12.01 -18.34
CA ARG D 12 1.31 10.77 -17.59
C ARG D 12 2.43 9.82 -18.00
N GLU D 13 2.84 9.93 -19.27
CA GLU D 13 3.91 9.10 -19.80
C GLU D 13 5.28 9.55 -19.34
N ASN D 14 5.52 10.86 -19.35
CA ASN D 14 6.79 11.43 -18.89
C ASN D 14 7.12 10.97 -17.47
N LEU D 15 6.10 10.97 -16.60
CA LEU D 15 6.27 10.56 -15.22
C LEU D 15 6.38 9.04 -15.10
N GLN D 16 5.76 8.35 -16.06
CA GLN D 16 5.81 6.89 -16.10
C GLN D 16 7.21 6.43 -16.51
N LYS D 17 7.70 6.98 -17.61
CA LYS D 17 9.03 6.65 -18.12
C LYS D 17 10.13 7.04 -17.13
N LYS D 18 9.92 8.12 -16.38
CA LYS D 18 10.89 8.58 -15.39
C LYS D 18 11.11 7.57 -14.26
N LEU D 19 10.06 6.86 -13.88
CA LEU D 19 10.17 5.84 -12.82
C LEU D 19 10.72 4.55 -13.42
N PHE D 20 10.30 4.26 -14.65
CA PHE D 20 10.80 3.12 -15.40
C PHE D 20 12.30 3.24 -15.65
N HIS D 21 12.75 4.46 -15.89
CA HIS D 21 14.15 4.71 -16.20
C HIS D 21 15.02 4.47 -14.96
N MET D 22 14.47 4.73 -13.78
CA MET D 22 15.20 4.58 -12.52
C MET D 22 15.55 3.14 -12.21
N GLN D 23 14.57 2.25 -12.32
CA GLN D 23 14.80 0.84 -11.98
C GLN D 23 15.21 0.02 -13.20
N GLN D 24 15.48 0.69 -14.32
CA GLN D 24 15.93 -0.03 -15.51
C GLN D 24 17.27 -0.69 -15.23
N LEU D 25 17.34 -1.98 -15.53
CA LEU D 25 18.55 -2.76 -15.28
C LEU D 25 19.04 -3.52 -16.50
N LEU D 26 20.34 -3.78 -16.53
CA LEU D 26 20.91 -4.68 -17.51
C LEU D 26 21.55 -5.86 -16.80
N PRO D 27 20.95 -7.06 -16.93
CA PRO D 27 21.44 -8.28 -16.30
C PRO D 27 22.66 -8.83 -17.03
N ASN D 28 22.77 -8.49 -18.31
CA ASN D 28 23.86 -8.97 -19.15
C ASN D 28 25.11 -8.07 -19.06
N SER D 29 25.10 -7.13 -18.13
CA SER D 29 26.16 -6.14 -18.00
C SER D 29 27.50 -6.77 -17.64
N GLY D 30 28.53 -6.46 -18.42
CA GLY D 30 29.88 -6.88 -18.11
C GLY D 30 30.51 -5.89 -17.15
N LEU D 31 29.70 -5.38 -16.24
CA LEU D 31 30.10 -4.31 -15.33
C LEU D 31 30.19 -4.79 -13.88
N PRO D 32 31.04 -4.12 -13.06
CA PRO D 32 31.39 -4.51 -11.68
C PRO D 32 30.47 -4.00 -10.56
N ASN D 33 30.80 -4.39 -9.33
CA ASN D 33 30.24 -3.80 -8.13
C ASN D 33 31.35 -3.18 -7.28
N LEU D 34 31.27 -1.87 -7.04
CA LEU D 34 32.33 -1.18 -6.31
C LEU D 34 32.18 -1.35 -4.81
N ASP D 35 33.00 -0.62 -4.05
CA ASP D 35 32.98 -0.66 -2.59
C ASP D 35 31.60 -0.36 -2.02
N ARG D 36 31.04 0.77 -2.43
CA ARG D 36 29.82 1.30 -1.82
C ARG D 36 28.60 1.16 -2.72
N TRP D 37 28.78 0.58 -3.90
CA TRP D 37 27.72 0.58 -4.90
C TRP D 37 27.49 -0.78 -5.53
N HIS D 38 26.45 -0.86 -6.35
CA HIS D 38 26.13 -2.09 -7.09
C HIS D 38 25.12 -1.76 -8.19
N SER D 39 24.64 -2.81 -8.87
CA SER D 39 23.71 -2.69 -9.99
C SER D 39 24.00 -1.50 -10.90
N LEU D 40 25.22 -1.46 -11.44
CA LEU D 40 25.59 -0.39 -12.35
C LEU D 40 24.84 -0.53 -13.66
N PHE D 41 24.68 0.59 -14.36
CA PHE D 41 23.87 0.61 -15.56
C PHE D 41 24.46 1.59 -16.56
N PRO D 42 24.77 1.11 -17.78
CA PRO D 42 25.34 1.95 -18.83
C PRO D 42 24.35 2.98 -19.35
N LEU D 43 24.70 4.25 -19.22
CA LEU D 43 23.86 5.35 -19.66
C LEU D 43 24.29 5.89 -21.02
N ASP D 44 25.43 5.43 -21.51
CA ASP D 44 26.02 5.97 -22.73
C ASP D 44 25.36 5.52 -24.03
N THR D 45 25.01 6.49 -24.87
CA THR D 45 24.39 6.24 -26.15
C THR D 45 25.43 5.83 -27.21
N LYS D 46 26.55 6.54 -27.22
CA LYS D 46 27.59 6.33 -28.23
C LYS D 46 28.71 5.39 -27.80
N ALA D 47 28.75 4.21 -28.43
CA ALA D 47 29.76 3.20 -28.16
C ALA D 47 31.15 3.79 -28.43
N THR D 48 31.22 4.70 -29.39
CA THR D 48 32.46 5.41 -29.69
C THR D 48 32.66 6.55 -28.69
N ARG D 49 33.87 6.67 -28.12
CA ARG D 49 34.08 7.63 -27.05
C ARG D 49 35.16 8.68 -27.29
N ASN D 50 34.69 9.93 -27.15
CA ASN D 50 35.51 11.11 -27.03
C ASN D 50 34.98 12.03 -25.91
N SER D 51 35.87 12.57 -25.08
CA SER D 51 35.41 13.43 -23.98
C SER D 51 35.47 14.89 -24.43
N THR D 52 34.31 15.53 -24.45
CA THR D 52 34.17 16.90 -24.92
C THR D 52 35.18 17.85 -24.27
N CYS D 53 35.39 17.73 -22.96
CA CYS D 53 36.31 18.63 -22.28
C CYS D 53 37.36 17.98 -21.37
N PHE D 54 37.22 16.71 -21.06
CA PHE D 54 38.06 16.09 -20.04
C PHE D 54 39.49 15.84 -20.53
N GLY D 55 39.60 15.32 -21.76
CA GLY D 55 40.88 14.93 -22.30
C GLY D 55 41.23 13.48 -22.04
N TYR D 56 40.23 12.71 -21.60
CA TYR D 56 40.36 11.28 -21.35
C TYR D 56 39.17 10.57 -21.98
N PRO D 57 39.03 9.25 -21.78
CA PRO D 57 37.74 8.70 -22.20
C PRO D 57 36.76 8.72 -21.04
N SER D 58 35.47 8.88 -21.32
CA SER D 58 34.48 8.97 -20.25
C SER D 58 33.36 7.93 -20.36
N TRP D 59 32.96 7.37 -19.22
CA TRP D 59 31.85 6.43 -19.15
C TRP D 59 30.83 6.90 -18.11
N MET D 60 29.54 6.70 -18.41
CA MET D 60 28.46 7.15 -17.53
C MET D 60 27.61 5.98 -16.99
N TYR D 61 27.46 5.92 -15.67
CA TYR D 61 26.68 4.86 -15.04
C TYR D 61 25.62 5.36 -14.07
N LYS D 62 24.47 4.70 -14.11
CA LYS D 62 23.48 4.81 -13.05
C LYS D 62 23.75 3.67 -12.06
N ALA D 63 23.68 3.95 -10.76
CA ALA D 63 23.97 2.91 -9.79
C ALA D 63 23.23 3.11 -8.47
N GLN D 64 22.94 2.00 -7.80
CA GLN D 64 22.31 2.04 -6.50
C GLN D 64 23.35 2.09 -5.41
N ASN D 65 23.17 2.98 -4.44
CA ASN D 65 24.01 2.95 -3.25
C ASN D 65 23.66 1.69 -2.47
N ASN D 66 24.59 1.24 -1.63
CA ASN D 66 24.36 0.02 -0.85
C ASN D 66 23.68 0.37 0.47
N LYS D 67 24.11 1.48 1.06
CA LYS D 67 23.63 1.92 2.36
C LYS D 67 22.17 2.35 2.35
N ASN D 68 21.81 3.26 1.45
CA ASN D 68 20.48 3.87 1.44
C ASN D 68 19.61 3.42 0.28
N GLY D 69 20.18 2.70 -0.68
CA GLY D 69 19.41 2.10 -1.74
C GLY D 69 18.89 3.02 -2.81
N ARG D 70 19.22 4.31 -2.72
CA ARG D 70 18.80 5.26 -3.74
C ARG D 70 19.78 5.29 -4.93
N HIS D 71 19.26 5.66 -6.09
CA HIS D 71 20.06 5.66 -7.32
C HIS D 71 20.86 6.96 -7.49
N PHE D 72 22.06 6.83 -8.03
CA PHE D 72 22.91 7.99 -8.30
C PHE D 72 23.53 7.89 -9.69
N ALA D 73 23.94 9.02 -10.24
CA ALA D 73 24.63 9.03 -11.52
C ALA D 73 26.14 9.06 -11.30
N LEU D 74 26.84 8.09 -11.89
CA LEU D 74 28.29 8.00 -11.77
C LEU D 74 28.99 8.44 -13.04
N ARG D 75 30.01 9.29 -12.89
CA ARG D 75 30.84 9.71 -14.00
C ARG D 75 32.22 9.06 -13.90
N ARG D 76 32.50 8.14 -14.82
CA ARG D 76 33.76 7.40 -14.78
C ARG D 76 34.82 7.99 -15.69
N ILE D 77 35.93 8.41 -15.11
CA ILE D 77 37.09 8.84 -15.87
C ILE D 77 38.03 7.66 -16.02
N GLU D 78 38.13 7.15 -17.25
CA GLU D 78 38.91 5.96 -17.57
C GLU D 78 40.41 6.20 -17.52
N GLY D 79 41.12 5.37 -16.77
CA GLY D 79 42.57 5.47 -16.71
C GLY D 79 43.08 6.75 -16.07
N TYR D 80 42.75 6.99 -14.81
CA TYR D 80 43.32 8.13 -14.10
C TYR D 80 44.16 7.64 -12.92
N ARG D 81 45.18 8.41 -12.55
CA ARG D 81 46.18 7.96 -11.57
C ARG D 81 46.06 8.47 -10.12
N LEU D 82 45.27 9.50 -9.88
CA LEU D 82 45.14 10.07 -8.54
C LEU D 82 46.49 10.43 -7.94
N THR D 83 47.11 11.49 -8.46
CA THR D 83 48.44 11.90 -8.02
C THR D 83 48.44 12.51 -6.62
N ASN D 84 47.40 13.26 -6.31
CA ASN D 84 47.30 13.97 -5.03
C ASN D 84 45.98 13.68 -4.31
N GLU D 85 46.07 13.30 -3.04
CA GLU D 85 44.87 13.13 -2.23
C GLU D 85 44.33 14.50 -1.84
N LYS D 86 45.23 15.49 -1.84
CA LYS D 86 44.86 16.89 -1.66
C LYS D 86 43.88 17.31 -2.74
N ALA D 87 44.11 16.83 -3.96
CA ALA D 87 43.31 17.22 -5.13
C ALA D 87 41.81 16.97 -4.95
N ILE D 88 41.45 15.75 -4.54
CA ILE D 88 40.04 15.39 -4.44
C ILE D 88 39.31 16.17 -3.34
N LEU D 89 39.80 16.06 -2.11
CA LEU D 89 39.09 16.63 -0.96
C LEU D 89 39.12 18.16 -0.92
N ASN D 90 40.12 18.77 -1.56
CA ASN D 90 40.14 20.22 -1.68
C ASN D 90 38.98 20.75 -2.51
N VAL D 91 38.38 19.87 -3.33
CA VAL D 91 37.40 20.32 -4.31
C VAL D 91 36.01 19.68 -4.15
N THR D 92 35.93 18.44 -3.67
CA THR D 92 34.61 17.84 -3.47
C THR D 92 33.85 18.54 -2.35
N LYS D 93 34.59 19.02 -1.35
CA LYS D 93 33.99 19.73 -0.23
C LYS D 93 33.34 21.03 -0.67
N GLU D 94 34.03 21.79 -1.51
CA GLU D 94 33.54 23.10 -1.93
C GLU D 94 32.34 23.00 -2.88
N TRP D 95 32.41 22.09 -3.83
CA TRP D 95 31.36 21.94 -4.83
C TRP D 95 30.13 21.25 -4.27
N LYS D 96 30.32 20.45 -3.22
CA LYS D 96 29.21 19.77 -2.56
C LYS D 96 28.25 20.79 -1.93
N LYS D 97 28.80 21.96 -1.60
CA LYS D 97 28.04 23.05 -0.99
C LYS D 97 27.10 23.75 -1.96
N ILE D 98 27.46 23.78 -3.23
CA ILE D 98 26.68 24.50 -4.23
C ILE D 98 25.43 23.73 -4.66
N ILE D 99 24.27 24.27 -4.31
CA ILE D 99 23.01 23.72 -4.78
C ILE D 99 22.26 24.74 -5.63
N ASN D 100 22.02 24.37 -6.88
CA ASN D 100 21.38 25.23 -7.84
C ASN D 100 20.37 24.40 -8.61
N ALA D 101 19.39 25.06 -9.21
CA ALA D 101 18.34 24.38 -9.94
C ALA D 101 18.85 23.99 -11.31
N ASN D 102 20.00 24.55 -11.67
CA ASN D 102 20.61 24.30 -12.96
C ASN D 102 22.03 23.74 -12.87
N ILE D 103 22.32 23.03 -11.79
CA ILE D 103 23.64 22.46 -11.58
C ILE D 103 23.51 21.09 -10.95
N VAL D 104 23.98 20.07 -11.66
CA VAL D 104 23.87 18.71 -11.18
C VAL D 104 24.80 18.52 -9.98
N THR D 105 24.20 18.31 -8.82
CA THR D 105 24.93 18.33 -7.55
C THR D 105 25.94 17.20 -7.47
N VAL D 106 27.17 17.54 -7.14
CA VAL D 106 28.23 16.56 -6.99
C VAL D 106 28.43 16.25 -5.49
N HIS D 107 28.62 14.98 -5.18
CA HIS D 107 28.63 14.53 -3.79
C HIS D 107 30.03 14.22 -3.27
N GLU D 108 30.61 13.12 -3.74
CA GLU D 108 32.01 12.78 -3.44
C GLU D 108 32.75 12.46 -4.73
N ALA D 109 34.01 12.05 -4.59
CA ALA D 109 34.79 11.54 -5.70
C ALA D 109 35.83 10.57 -5.19
N PHE D 110 35.77 9.32 -5.67
CA PHE D 110 36.66 8.28 -5.20
C PHE D 110 37.31 7.57 -6.39
N THR D 111 38.34 6.78 -6.10
CA THR D 111 39.04 6.01 -7.12
C THR D 111 38.81 4.51 -6.96
N THR D 112 38.51 3.85 -8.07
CA THR D 112 38.28 2.41 -8.06
C THR D 112 39.00 1.75 -9.24
N GLU D 113 39.44 0.51 -9.02
CA GLU D 113 40.18 -0.24 -10.01
C GLU D 113 39.43 -1.48 -10.47
N PHE D 114 38.23 -1.67 -9.93
CA PHE D 114 37.45 -2.88 -10.20
C PHE D 114 37.12 -3.06 -11.68
N PHE D 115 36.96 -1.94 -12.38
CA PHE D 115 36.60 -1.97 -13.80
C PHE D 115 37.59 -2.75 -14.66
N GLY D 116 38.78 -3.02 -14.12
CA GLY D 116 39.82 -3.68 -14.86
C GLY D 116 40.94 -2.72 -15.20
N ASP D 117 40.72 -1.46 -14.84
CA ASP D 117 41.73 -0.42 -14.97
C ASP D 117 41.64 0.51 -13.78
N SER D 118 42.65 1.35 -13.59
CA SER D 118 42.56 2.39 -12.58
C SER D 118 41.58 3.46 -13.10
N SER D 119 40.56 3.77 -12.31
CA SER D 119 39.58 4.78 -12.72
C SER D 119 39.24 5.76 -11.59
N LEU D 120 38.92 6.99 -11.97
CA LEU D 120 38.40 8.01 -11.05
C LEU D 120 36.90 8.18 -11.23
N ILE D 121 36.16 8.12 -10.12
CA ILE D 121 34.70 8.13 -10.15
C ILE D 121 34.09 9.37 -9.48
N PHE D 122 33.38 10.18 -10.25
CA PHE D 122 32.56 11.24 -9.70
C PHE D 122 31.12 10.77 -9.54
N VAL D 123 30.48 11.15 -8.44
CA VAL D 123 29.10 10.74 -8.20
C VAL D 123 28.17 11.95 -8.13
N TYR D 124 27.06 11.85 -8.86
CA TYR D 124 26.17 12.98 -9.08
C TYR D 124 24.74 12.63 -8.68
N ASP D 125 23.86 13.61 -8.78
CA ASP D 125 22.43 13.33 -8.71
C ASP D 125 22.03 12.60 -9.98
N PHE D 126 21.12 11.65 -9.85
CA PHE D 126 20.55 11.01 -11.03
C PHE D 126 19.29 11.73 -11.49
N HIS D 127 19.32 12.26 -12.71
CA HIS D 127 18.18 12.94 -13.29
C HIS D 127 17.59 12.17 -14.47
N PRO D 128 16.69 11.22 -14.19
CA PRO D 128 16.09 10.32 -15.18
C PRO D 128 15.46 11.03 -16.38
N LEU D 129 15.51 10.35 -17.53
CA LEU D 129 15.03 10.82 -18.82
C LEU D 129 15.85 11.99 -19.38
N SER D 130 17.03 12.20 -18.82
CA SER D 130 17.97 13.20 -19.34
C SER D 130 18.56 12.84 -20.68
N GLU D 131 18.45 13.76 -21.63
CA GLU D 131 19.24 13.74 -22.86
C GLU D 131 20.20 14.92 -22.78
N THR D 132 21.32 14.89 -23.51
CA THR D 132 22.21 16.05 -23.48
C THR D 132 21.60 17.19 -24.28
N LEU D 133 22.16 18.38 -24.12
CA LEU D 133 21.66 19.54 -24.85
C LEU D 133 22.01 19.33 -26.33
N TYR D 134 23.15 18.70 -26.57
CA TYR D 134 23.59 18.34 -27.91
C TYR D 134 22.70 17.30 -28.56
N ASP D 135 22.60 16.13 -27.94
CA ASP D 135 21.78 15.02 -28.44
C ASP D 135 20.31 15.36 -28.60
N HIS D 136 19.88 16.52 -28.10
CA HIS D 136 18.47 16.87 -28.16
C HIS D 136 18.18 17.77 -29.35
N HIS D 137 19.00 18.81 -29.53
CA HIS D 137 18.75 19.79 -30.58
C HIS D 137 19.47 19.41 -31.86
N PHE D 138 20.32 18.40 -31.77
CA PHE D 138 21.05 17.87 -32.92
C PHE D 138 21.19 16.37 -32.77
N PRO D 139 20.12 15.63 -33.10
CA PRO D 139 20.05 14.18 -32.92
C PRO D 139 20.78 13.41 -34.02
N PRO D 140 21.28 12.21 -33.70
CA PRO D 140 22.06 11.37 -34.62
C PRO D 140 21.26 10.73 -35.76
N ASN D 141 20.01 11.12 -35.95
CA ASN D 141 19.22 10.60 -37.06
C ASN D 141 19.34 11.43 -38.34
N ASN D 142 19.12 12.74 -38.23
CA ASN D 142 19.17 13.64 -39.38
C ASN D 142 20.48 13.53 -40.16
N ASN D 149 16.55 17.73 -42.30
CA ASN D 149 16.28 18.27 -40.98
C ASN D 149 15.56 19.62 -41.00
N THR D 150 16.36 20.69 -40.99
CA THR D 150 15.90 22.09 -41.08
C THR D 150 15.20 22.46 -39.76
N ASN D 151 14.47 23.59 -39.74
CA ASN D 151 13.75 24.17 -38.57
C ASN D 151 14.61 25.02 -37.63
N LYS D 152 14.06 26.17 -37.25
CA LYS D 152 14.75 27.08 -36.33
C LYS D 152 14.33 26.89 -34.87
N ILE D 153 15.30 27.00 -33.96
CA ILE D 153 15.02 27.00 -32.54
C ILE D 153 14.42 28.34 -32.13
N PRO D 154 13.21 28.31 -31.54
CA PRO D 154 12.49 29.56 -31.25
C PRO D 154 13.25 30.44 -30.26
N GLU D 155 13.31 31.74 -30.54
CA GLU D 155 14.13 32.65 -29.75
C GLU D 155 13.87 32.58 -28.26
N ASN D 156 12.59 32.49 -27.90
CA ASN D 156 12.16 32.39 -26.51
C ASN D 156 12.87 31.26 -25.78
N LEU D 157 13.00 30.12 -26.44
CA LEU D 157 13.65 28.95 -25.87
C LEU D 157 15.15 29.19 -25.75
N LEU D 158 15.68 30.07 -26.59
CA LEU D 158 17.09 30.42 -26.49
C LEU D 158 17.28 31.27 -25.24
N TRP D 159 16.31 32.14 -24.99
CA TRP D 159 16.34 33.01 -23.82
C TRP D 159 16.21 32.24 -22.52
N SER D 160 15.41 31.17 -22.53
CA SER D 160 15.29 30.31 -21.36
C SER D 160 16.66 29.76 -20.96
N TYR D 161 17.46 29.44 -21.98
CA TYR D 161 18.78 28.83 -21.78
C TYR D 161 19.79 29.84 -21.25
N VAL D 162 19.72 31.07 -21.73
CA VAL D 162 20.60 32.12 -21.25
C VAL D 162 20.44 32.35 -19.77
N CYS D 163 19.18 32.36 -19.33
CA CYS D 163 18.85 32.64 -17.94
C CYS D 163 19.28 31.51 -17.01
N GLN D 164 18.95 30.29 -17.39
CA GLN D 164 19.25 29.12 -16.56
C GLN D 164 20.75 28.94 -16.34
N ILE D 165 21.54 29.24 -17.36
CA ILE D 165 22.99 29.17 -17.25
C ILE D 165 23.54 30.32 -16.41
N ALA D 166 22.96 31.50 -16.61
CA ALA D 166 23.33 32.70 -15.86
C ALA D 166 23.09 32.46 -14.38
N ASN D 167 21.95 31.84 -14.08
CA ASN D 167 21.61 31.44 -12.73
C ASN D 167 22.63 30.45 -12.18
N ALA D 168 23.04 29.51 -13.04
CA ALA D 168 24.01 28.49 -12.69
C ALA D 168 25.41 29.08 -12.52
N LEU D 169 25.75 30.03 -13.38
CA LEU D 169 27.06 30.66 -13.31
C LEU D 169 27.15 31.58 -12.09
N LEU D 170 26.03 32.21 -11.75
CA LEU D 170 25.97 33.11 -10.61
C LEU D 170 26.34 32.43 -9.30
N ALA D 171 25.85 31.22 -9.10
CA ALA D 171 26.17 30.47 -7.91
C ALA D 171 27.66 30.14 -7.86
N ILE D 172 28.18 29.63 -8.98
CA ILE D 172 29.55 29.15 -9.05
C ILE D 172 30.57 30.26 -8.87
N HIS D 173 30.33 31.40 -9.51
CA HIS D 173 31.25 32.52 -9.43
C HIS D 173 31.23 33.17 -8.04
N ASN D 174 30.09 33.12 -7.38
CA ASN D 174 29.97 33.70 -6.04
C ASN D 174 30.71 32.84 -5.02
N ALA D 175 30.77 31.54 -5.29
CA ALA D 175 31.52 30.64 -4.43
C ALA D 175 33.02 30.74 -4.70
N LYS D 176 33.40 31.73 -5.50
CA LYS D 176 34.78 31.92 -5.94
C LYS D 176 35.33 30.69 -6.67
N LEU D 177 34.46 30.07 -7.47
CA LEU D 177 34.84 28.92 -8.29
C LEU D 177 34.64 29.25 -9.77
N ALA D 178 34.89 28.28 -10.63
CA ALA D 178 34.64 28.44 -12.06
C ALA D 178 33.97 27.18 -12.62
N ALA D 179 33.20 27.36 -13.68
CA ALA D 179 32.49 26.25 -14.31
C ALA D 179 33.44 25.24 -14.92
N ARG D 180 34.47 25.75 -15.60
CA ARG D 180 35.53 24.98 -16.26
C ARG D 180 35.01 24.19 -17.47
N CYS D 181 34.04 23.30 -17.24
CA CYS D 181 33.48 22.54 -18.35
C CYS D 181 32.07 23.05 -18.67
N LEU D 182 31.94 23.71 -19.81
CA LEU D 182 30.67 24.30 -20.19
C LEU D 182 30.40 24.11 -21.68
N GLU D 183 29.88 22.95 -22.06
CA GLU D 183 29.67 22.62 -23.47
C GLU D 183 28.35 21.88 -23.72
N LEU D 184 27.80 22.08 -24.91
CA LEU D 184 26.57 21.44 -25.38
C LEU D 184 26.35 19.97 -24.99
N SER D 185 27.43 19.19 -24.92
CA SER D 185 27.30 17.77 -24.59
C SER D 185 27.38 17.56 -23.09
N LYS D 186 27.84 18.60 -22.39
CA LYS D 186 28.07 18.51 -20.95
C LYS D 186 27.03 19.36 -20.21
N ILE D 187 25.83 19.35 -20.79
CA ILE D 187 24.65 19.99 -20.25
C ILE D 187 23.47 19.05 -20.50
N ILE D 188 22.90 18.47 -19.45
CA ILE D 188 21.73 17.63 -19.67
C ILE D 188 20.48 18.49 -19.83
N TRP D 189 19.43 17.88 -20.35
CA TRP D 189 18.21 18.57 -20.73
C TRP D 189 17.04 17.68 -20.37
N GLU D 190 16.04 18.25 -19.72
CA GLU D 190 14.86 17.50 -19.34
C GLU D 190 13.67 18.43 -19.31
N ASN D 191 12.75 18.25 -20.27
CA ASN D 191 11.56 19.09 -20.38
C ASN D 191 11.90 20.58 -20.39
N ASN D 192 12.98 20.92 -21.09
CA ASN D 192 13.50 22.29 -21.24
C ASN D 192 14.23 22.77 -20.00
N ARG D 193 14.55 21.87 -19.10
CA ARG D 193 15.36 22.22 -17.93
C ARG D 193 16.80 21.77 -18.11
N ILE D 194 17.68 22.72 -18.41
CA ILE D 194 19.08 22.41 -18.64
C ILE D 194 19.92 22.57 -17.38
N ARG D 195 20.84 21.63 -17.15
CA ARG D 195 21.74 21.68 -16.00
C ARG D 195 23.19 21.35 -16.37
N LEU D 196 24.13 22.01 -15.69
CA LEU D 196 25.55 21.72 -15.84
C LEU D 196 25.88 20.39 -15.16
N ALA D 197 26.23 19.38 -15.95
CA ALA D 197 26.37 18.01 -15.45
C ALA D 197 27.83 17.54 -15.40
N ALA D 198 28.77 18.45 -15.63
CA ALA D 198 30.18 18.10 -15.68
C ALA D 198 31.00 18.89 -14.66
N CYS D 199 30.34 19.41 -13.65
CA CYS D 199 30.97 20.26 -12.65
C CYS D 199 31.90 19.52 -11.70
N SER D 200 33.02 20.18 -11.37
CA SER D 200 34.06 19.72 -10.44
C SER D 200 35.04 18.72 -11.07
N ILE D 201 34.80 18.33 -12.31
CA ILE D 201 35.65 17.37 -12.98
C ILE D 201 37.01 17.96 -13.36
N LEU D 202 37.02 19.19 -13.87
CA LEU D 202 38.24 19.78 -14.40
C LEU D 202 39.05 20.44 -13.30
N ASP D 203 38.42 20.58 -12.13
CA ASP D 203 39.10 21.13 -10.97
C ASP D 203 40.14 20.12 -10.46
N VAL D 204 39.77 18.84 -10.49
CA VAL D 204 40.65 17.76 -10.03
C VAL D 204 41.77 17.48 -11.04
N LEU D 205 41.42 17.48 -12.32
CA LEU D 205 42.34 17.07 -13.38
C LEU D 205 43.46 18.09 -13.58
N HIS D 206 43.14 19.37 -13.42
CA HIS D 206 44.14 20.42 -13.54
C HIS D 206 44.61 20.96 -12.19
N HIS D 207 44.44 20.18 -11.12
CA HIS D 207 44.80 20.66 -9.78
C HIS D 207 46.28 20.99 -9.68
N ASP D 208 47.14 20.09 -10.16
CA ASP D 208 48.58 20.33 -10.19
C ASP D 208 49.09 20.10 -11.59
N SER D 209 48.36 20.65 -12.56
CA SER D 209 48.77 20.68 -13.96
C SER D 209 49.82 21.79 -14.14
N PRO D 210 50.59 21.74 -15.24
CA PRO D 210 51.58 22.81 -15.43
C PRO D 210 50.99 24.21 -15.63
N ASN D 211 50.14 24.38 -16.62
CA ASN D 211 49.62 25.71 -16.95
C ASN D 211 48.30 26.06 -16.27
N ARG D 212 48.32 26.09 -14.94
CA ARG D 212 47.13 26.52 -14.20
C ARG D 212 46.94 28.01 -14.40
N LYS D 213 45.68 28.42 -14.57
CA LYS D 213 45.34 29.82 -14.76
C LYS D 213 44.80 30.43 -13.46
N THR D 214 44.51 31.73 -13.50
CA THR D 214 43.86 32.38 -12.37
C THR D 214 42.43 31.88 -12.32
N ILE D 215 41.92 31.68 -11.11
CA ILE D 215 40.52 31.32 -10.95
C ILE D 215 39.64 32.47 -11.45
N GLU D 216 40.20 33.68 -11.40
CA GLU D 216 39.53 34.88 -11.87
C GLU D 216 39.48 34.99 -13.39
N GLU D 217 40.49 34.44 -14.07
CA GLU D 217 40.48 34.46 -15.52
C GLU D 217 39.76 33.23 -16.07
N LEU D 218 39.72 32.15 -15.28
CA LEU D 218 38.87 31.03 -15.65
C LEU D 218 37.41 31.47 -15.64
N GLN D 219 37.06 32.30 -14.66
CA GLN D 219 35.70 32.83 -14.55
C GLN D 219 35.37 33.69 -15.76
N GLN D 220 36.36 34.38 -16.27
CA GLN D 220 36.18 35.19 -17.46
C GLN D 220 36.00 34.32 -18.70
N GLU D 221 36.66 33.16 -18.73
CA GLU D 221 36.53 32.23 -19.85
C GLU D 221 35.16 31.59 -19.89
N ASP D 222 34.54 31.45 -18.70
CA ASP D 222 33.20 30.87 -18.58
C ASP D 222 32.15 31.66 -19.36
N PHE D 223 32.34 32.97 -19.48
CA PHE D 223 31.41 33.80 -20.24
C PHE D 223 31.52 33.52 -21.74
N VAL D 224 32.74 33.26 -22.18
CA VAL D 224 33.00 33.04 -23.61
C VAL D 224 32.51 31.69 -24.11
N LYS D 225 32.78 30.62 -23.36
CA LYS D 225 32.26 29.30 -23.70
C LYS D 225 30.74 29.36 -23.79
N PHE D 226 30.17 30.10 -22.84
CA PHE D 226 28.74 30.35 -22.75
C PHE D 226 28.26 30.98 -24.07
N GLY D 227 28.95 32.04 -24.50
CA GLY D 227 28.66 32.70 -25.76
C GLY D 227 28.65 31.73 -26.92
N ARG D 228 29.58 30.76 -26.89
CA ARG D 228 29.65 29.74 -27.94
C ARG D 228 28.43 28.83 -27.93
N ILE D 229 28.07 28.32 -26.75
CA ILE D 229 26.92 27.42 -26.59
C ILE D 229 25.60 27.97 -27.11
N ILE D 230 25.34 29.26 -26.89
CA ILE D 230 24.08 29.84 -27.36
C ILE D 230 24.17 30.11 -28.86
N LEU D 231 25.25 30.75 -29.27
CA LEU D 231 25.46 31.12 -30.67
C LEU D 231 25.45 29.89 -31.56
N ALA D 232 26.07 28.81 -31.08
CA ALA D 232 25.96 27.50 -31.72
C ALA D 232 24.51 27.15 -32.03
N LEU D 233 23.66 27.17 -31.01
CA LEU D 233 22.25 26.83 -31.17
C LEU D 233 21.55 27.86 -32.06
N ALA D 234 22.04 29.10 -31.99
CA ALA D 234 21.49 30.17 -32.82
C ALA D 234 21.74 29.91 -34.30
N THR D 235 23.02 29.75 -34.65
CA THR D 235 23.42 29.52 -36.03
C THR D 235 23.29 28.04 -36.44
N ASN D 236 22.83 27.21 -35.51
CA ASN D 236 22.57 25.79 -35.76
C ASN D 236 23.81 25.01 -36.17
N THR D 237 24.96 25.43 -35.65
CA THR D 237 26.23 24.74 -35.88
C THR D 237 26.79 24.12 -34.60
N PRO D 238 26.35 22.89 -34.26
CA PRO D 238 26.76 22.17 -33.04
C PRO D 238 28.25 22.25 -32.74
N THR D 239 29.06 22.34 -33.79
CA THR D 239 30.47 22.67 -33.66
C THR D 239 30.70 24.06 -34.20
N LEU D 240 30.99 25.02 -33.33
CA LEU D 240 31.34 26.35 -33.81
C LEU D 240 32.74 26.71 -33.37
N ASN D 241 33.27 27.77 -33.97
CA ASN D 241 34.67 28.13 -33.88
C ASN D 241 34.85 29.63 -33.89
N PHE D 242 35.81 30.12 -33.12
CA PHE D 242 36.08 31.55 -33.03
C PHE D 242 36.71 32.06 -34.33
N ASN D 243 36.97 31.11 -35.24
CA ASN D 243 37.59 31.39 -36.53
C ASN D 243 36.70 32.24 -37.42
N ASN D 244 35.38 32.06 -37.31
CA ASN D 244 34.43 32.79 -38.14
C ASN D 244 33.35 33.55 -37.35
N ILE D 245 33.57 33.81 -36.07
CA ILE D 245 32.52 34.35 -35.19
C ILE D 245 31.81 35.61 -35.71
N ASP D 246 32.58 36.61 -36.11
CA ASP D 246 32.03 37.89 -36.54
C ASP D 246 31.11 37.69 -37.73
N ALA D 247 31.45 36.73 -38.57
CA ALA D 247 30.62 36.39 -39.71
C ALA D 247 29.39 35.60 -39.24
N ALA D 248 29.60 34.71 -38.27
CA ALA D 248 28.52 33.95 -37.68
C ALA D 248 27.52 34.86 -36.98
N LEU D 249 28.05 35.89 -36.31
CA LEU D 249 27.23 36.83 -35.55
C LEU D 249 26.26 37.62 -36.41
N ALA D 250 26.68 37.93 -37.64
CA ALA D 250 25.86 38.72 -38.54
C ALA D 250 24.69 37.93 -39.10
N THR D 251 24.82 36.61 -39.16
CA THR D 251 23.81 35.76 -39.76
C THR D 251 22.55 35.62 -38.90
N ILE D 252 22.64 36.04 -37.64
CA ILE D 252 21.50 35.91 -36.73
C ILE D 252 20.72 37.22 -36.57
N VAL D 253 21.29 38.33 -37.03
CA VAL D 253 20.64 39.62 -36.84
C VAL D 253 19.26 39.73 -37.55
N PRO D 254 19.04 39.01 -38.68
CA PRO D 254 17.67 39.05 -39.16
C PRO D 254 16.82 37.91 -38.56
N ARG D 255 17.46 36.79 -38.24
CA ARG D 255 16.75 35.62 -37.74
C ARG D 255 16.31 35.76 -36.28
N TYR D 256 17.07 36.54 -35.51
CA TYR D 256 16.73 36.79 -34.11
C TYR D 256 16.73 38.29 -33.80
N SER D 257 16.46 38.64 -32.55
CA SER D 257 16.36 40.03 -32.13
C SER D 257 17.72 40.71 -32.02
N THR D 258 17.73 42.02 -32.18
CA THR D 258 18.95 42.81 -32.04
C THR D 258 19.49 42.75 -30.62
N GLN D 259 18.60 42.57 -29.66
CA GLN D 259 18.98 42.47 -28.26
C GLN D 259 19.86 41.26 -28.01
N LEU D 260 19.38 40.09 -28.44
CA LEU D 260 20.12 38.83 -28.32
C LEU D 260 21.50 38.89 -28.96
N ARG D 261 21.58 39.57 -30.10
CA ARG D 261 22.84 39.65 -30.84
C ARG D 261 23.93 40.33 -30.01
N GLY D 262 23.56 41.38 -29.30
CA GLY D 262 24.49 42.09 -28.43
C GLY D 262 24.97 41.26 -27.26
N VAL D 263 24.08 40.43 -26.71
CA VAL D 263 24.38 39.64 -25.53
C VAL D 263 25.46 38.60 -25.80
N LEU D 264 25.34 37.92 -26.94
CA LEU D 264 26.35 36.95 -27.37
C LEU D 264 27.68 37.65 -27.58
N GLU D 265 27.60 38.75 -28.31
CA GLU D 265 28.75 39.59 -28.61
C GLU D 265 29.46 40.00 -27.33
N TRP D 266 28.69 40.41 -26.32
CA TRP D 266 29.22 40.78 -25.01
C TRP D 266 29.96 39.62 -24.34
N LEU D 267 29.32 38.45 -24.34
CA LEU D 267 29.86 37.26 -23.71
C LEU D 267 31.15 36.79 -24.38
N ILE D 268 31.18 36.91 -25.70
CA ILE D 268 32.28 36.38 -26.51
C ILE D 268 33.52 37.29 -26.54
N LYS D 269 33.34 38.51 -27.04
CA LYS D 269 34.44 39.47 -27.15
C LYS D 269 35.15 39.67 -25.83
N PRO D 270 36.49 39.81 -25.87
CA PRO D 270 37.21 40.12 -24.63
C PRO D 270 36.84 41.52 -24.14
N SER D 271 36.72 41.69 -22.83
CA SER D 271 36.25 42.96 -22.29
C SER D 271 37.35 44.03 -22.33
N ALA D 272 36.94 45.29 -22.24
CA ALA D 272 37.89 46.40 -22.16
C ALA D 272 38.68 46.27 -20.87
N PRO D 273 40.01 46.44 -20.96
CA PRO D 273 40.99 46.11 -19.91
C PRO D 273 40.63 46.65 -18.52
N GLY D 274 39.87 47.74 -18.47
CA GLY D 274 39.41 48.29 -17.20
C GLY D 274 38.20 47.61 -16.60
N GLU D 275 37.31 47.12 -17.45
CA GLU D 275 35.97 46.67 -17.05
C GLU D 275 35.86 45.41 -16.21
N THR D 276 36.54 44.34 -16.64
CA THR D 276 36.33 42.98 -16.13
C THR D 276 34.93 42.51 -16.54
N LYS D 277 34.48 41.38 -16.01
CA LYS D 277 33.13 40.89 -16.30
C LYS D 277 32.52 40.12 -15.13
N THR D 278 31.20 40.21 -14.99
CA THR D 278 30.48 39.50 -13.95
C THR D 278 29.08 39.09 -14.40
N VAL D 279 28.56 38.02 -13.79
CA VAL D 279 27.23 37.53 -14.08
C VAL D 279 26.19 38.63 -13.84
N GLU D 280 26.42 39.40 -12.77
CA GLU D 280 25.55 40.51 -12.38
C GLU D 280 25.26 41.45 -13.55
N THR D 281 26.30 41.78 -14.30
CA THR D 281 26.21 42.75 -15.38
C THR D 281 25.51 42.16 -16.61
N LEU D 282 25.52 40.84 -16.73
CA LEU D 282 24.76 40.17 -17.78
C LEU D 282 23.28 40.32 -17.50
N LEU D 283 22.94 40.14 -16.23
CA LEU D 283 21.57 40.21 -15.76
C LEU D 283 20.98 41.61 -15.96
N GLY D 284 21.84 42.62 -15.90
CA GLY D 284 21.43 43.98 -16.15
C GLY D 284 20.82 44.15 -17.52
N GLY D 285 21.35 43.44 -18.50
CA GLY D 285 20.83 43.48 -19.86
C GLY D 285 19.52 42.75 -20.01
N ILE D 286 19.47 41.54 -19.46
CA ILE D 286 18.35 40.64 -19.68
C ILE D 286 17.22 40.74 -18.65
N THR D 287 17.11 41.89 -17.98
CA THR D 287 16.10 42.10 -16.92
C THR D 287 14.69 41.63 -17.27
N THR D 288 14.17 42.11 -18.39
CA THR D 288 12.82 41.78 -18.83
C THR D 288 12.64 40.29 -19.07
N HIS D 289 13.68 39.64 -19.59
CA HIS D 289 13.61 38.22 -19.91
C HIS D 289 13.62 37.37 -18.65
N LEU D 290 14.33 37.84 -17.63
CA LEU D 290 14.40 37.12 -16.37
C LEU D 290 13.03 37.01 -15.73
N ALA D 291 12.28 38.11 -15.76
CA ALA D 291 10.94 38.16 -15.21
C ALA D 291 10.00 37.21 -15.95
N ASN D 292 10.17 37.15 -17.26
CA ASN D 292 9.38 36.28 -18.11
C ASN D 292 9.69 34.81 -17.89
N PHE D 293 10.95 34.49 -17.65
CA PHE D 293 11.35 33.11 -17.39
C PHE D 293 10.73 32.62 -16.08
N ALA D 294 10.93 33.39 -15.02
CA ALA D 294 10.30 33.14 -13.72
C ALA D 294 8.80 32.96 -13.87
N ASN D 295 8.17 33.84 -14.63
CA ASN D 295 6.75 33.75 -14.88
C ASN D 295 6.34 32.41 -15.49
N PHE D 296 7.08 31.92 -16.48
CA PHE D 296 6.77 30.63 -17.07
C PHE D 296 6.86 29.51 -16.03
N VAL D 297 8.00 29.44 -15.35
CA VAL D 297 8.24 28.43 -14.33
C VAL D 297 7.08 28.34 -13.36
N MET D 298 6.73 29.50 -12.78
CA MET D 298 5.64 29.59 -11.81
C MET D 298 4.36 28.99 -12.37
N GLN D 299 3.97 29.43 -13.55
CA GLN D 299 2.75 28.93 -14.16
C GLN D 299 2.80 27.43 -14.38
N GLU D 300 3.94 26.92 -14.85
CA GLU D 300 4.13 25.49 -14.99
C GLU D 300 4.13 24.79 -13.62
N SER D 301 4.73 25.45 -12.64
CA SER D 301 4.78 24.93 -11.26
C SER D 301 3.39 24.88 -10.64
N ASP D 302 2.52 25.79 -11.09
CA ASP D 302 1.14 25.81 -10.62
C ASP D 302 0.38 24.68 -11.29
N GLU D 303 0.66 24.47 -12.57
CA GLU D 303 0.09 23.39 -13.35
C GLU D 303 0.28 22.02 -12.68
N LYS D 304 1.47 21.81 -12.14
CA LYS D 304 1.77 20.57 -11.43
C LYS D 304 0.96 20.45 -10.15
N GLU D 305 0.79 21.59 -9.47
CA GLU D 305 0.07 21.64 -8.20
C GLU D 305 -1.37 21.15 -8.38
N PHE D 306 -1.99 21.49 -9.51
CA PHE D 306 -3.32 20.95 -9.82
C PHE D 306 -3.27 19.44 -9.93
N HIS D 307 -2.33 18.93 -10.74
CA HIS D 307 -2.18 17.50 -10.99
C HIS D 307 -1.87 16.75 -9.71
N LEU D 308 -1.08 17.38 -8.85
CA LEU D 308 -0.66 16.78 -7.58
C LEU D 308 -1.85 16.68 -6.60
N MET D 309 -2.95 17.35 -6.93
CA MET D 309 -4.19 17.22 -6.17
C MET D 309 -4.98 15.99 -6.60
N ARG D 310 -5.26 15.89 -7.89
CA ARG D 310 -6.08 14.80 -8.43
C ARG D 310 -5.49 13.42 -8.11
N GLU D 311 -4.17 13.36 -8.01
CA GLU D 311 -3.45 12.10 -7.83
C GLU D 311 -3.05 11.80 -6.39
N LEU D 312 -3.36 12.70 -5.47
CA LEU D 312 -3.02 12.52 -4.06
C LEU D 312 -3.91 11.48 -3.40
N GLU D 313 -5.10 11.29 -3.94
CA GLU D 313 -6.03 10.28 -3.44
C GLU D 313 -5.41 8.89 -3.53
N ASN D 314 -4.62 8.68 -4.57
CA ASN D 314 -3.88 7.44 -4.77
C ASN D 314 -2.97 7.10 -3.58
N GLY D 315 -2.40 8.14 -2.96
CA GLY D 315 -1.49 7.94 -1.85
C GLY D 315 -2.10 7.29 -0.63
N ARG D 316 -3.34 7.65 -0.30
CA ARG D 316 -4.00 7.08 0.88
C ARG D 316 -4.67 5.73 0.61
N ILE D 317 -5.35 5.59 -0.53
CA ILE D 317 -5.94 4.31 -0.93
C ILE D 317 -4.92 3.18 -0.82
N ALA D 318 -3.70 3.46 -1.25
CA ALA D 318 -2.62 2.48 -1.20
C ALA D 318 -2.17 2.28 0.26
N ARG D 319 -2.18 3.37 1.02
CA ARG D 319 -1.77 3.34 2.43
C ARG D 319 -2.73 2.50 3.26
N LEU D 320 -3.98 2.43 2.83
CA LEU D 320 -5.00 1.62 3.48
C LEU D 320 -4.85 0.15 3.10
N MET D 321 -4.63 -0.09 1.81
CA MET D 321 -4.34 -1.43 1.30
C MET D 321 -3.24 -2.12 2.09
N PHE D 322 -2.26 -1.35 2.56
CA PHE D 322 -1.17 -1.89 3.36
C PHE D 322 -1.71 -2.40 4.68
N LYS D 323 -2.37 -1.52 5.44
CA LYS D 323 -2.90 -1.85 6.75
C LYS D 323 -3.85 -3.05 6.73
N LEU D 324 -4.66 -3.14 5.68
CA LEU D 324 -5.59 -4.25 5.53
C LEU D 324 -4.86 -5.59 5.37
N SER D 325 -3.90 -5.62 4.45
CA SER D 325 -3.12 -6.82 4.19
C SER D 325 -2.27 -7.25 5.39
N VAL D 326 -1.92 -6.28 6.23
CA VAL D 326 -1.07 -6.55 7.39
C VAL D 326 -1.82 -7.18 8.57
N VAL D 327 -2.99 -6.65 8.89
CA VAL D 327 -3.73 -7.14 10.06
C VAL D 327 -4.28 -8.54 9.84
N ASN D 328 -4.70 -8.83 8.62
CA ASN D 328 -5.33 -10.11 8.31
C ASN D 328 -4.25 -11.19 8.25
N GLU D 329 -4.66 -12.45 8.41
CA GLU D 329 -3.73 -13.59 8.34
C GLU D 329 -2.66 -13.55 9.45
N ARG D 330 -2.90 -12.75 10.48
CA ARG D 330 -2.00 -12.67 11.63
C ARG D 330 -2.57 -13.41 12.83
N CYS D 334 -2.91 -17.43 16.01
CA CYS D 334 -2.85 -16.33 16.96
C CYS D 334 -4.19 -16.14 17.66
N GLY D 335 -4.28 -16.63 18.89
CA GLY D 335 -5.48 -16.49 19.69
C GLY D 335 -5.69 -15.09 20.20
N VAL D 336 -6.91 -14.79 20.65
CA VAL D 336 -7.26 -13.43 21.07
C VAL D 336 -7.52 -13.34 22.58
N HIS D 337 -6.98 -12.27 23.19
CA HIS D 337 -7.06 -12.10 24.64
C HIS D 337 -8.51 -11.90 25.13
N ASN D 338 -9.10 -10.74 24.87
CA ASN D 338 -10.46 -10.46 25.32
C ASN D 338 -11.47 -10.64 24.18
N TRP D 339 -12.76 -10.58 24.52
CA TRP D 339 -13.80 -10.98 23.56
C TRP D 339 -14.08 -9.94 22.48
N SER D 340 -13.82 -8.67 22.78
CA SER D 340 -13.97 -7.61 21.78
C SER D 340 -13.15 -7.92 20.54
N GLU D 341 -11.96 -8.47 20.75
CA GLU D 341 -11.07 -8.86 19.65
C GLU D 341 -11.72 -9.86 18.70
N THR D 342 -12.45 -10.84 19.23
CA THR D 342 -13.07 -11.85 18.39
C THR D 342 -14.19 -11.21 17.56
N GLY D 343 -14.80 -10.17 18.10
CA GLY D 343 -15.80 -9.41 17.40
C GLY D 343 -15.17 -8.57 16.29
N GLU D 344 -14.14 -7.81 16.65
CA GLU D 344 -13.43 -6.97 15.69
C GLU D 344 -12.76 -7.79 14.59
N ARG D 345 -11.93 -8.76 14.99
CA ARG D 345 -11.23 -9.61 14.03
C ARG D 345 -12.18 -10.29 13.04
N LEU D 346 -13.44 -10.45 13.42
CA LEU D 346 -14.44 -11.06 12.56
C LEU D 346 -14.98 -10.09 11.50
N LEU D 347 -15.30 -8.88 11.92
CA LEU D 347 -15.89 -7.88 11.03
C LEU D 347 -14.98 -7.55 9.86
N LEU D 348 -13.67 -7.43 10.14
CA LEU D 348 -12.68 -7.11 9.12
C LEU D 348 -12.58 -8.22 8.08
N LYS D 349 -12.48 -9.46 8.55
CA LYS D 349 -12.38 -10.61 7.66
C LYS D 349 -13.63 -10.74 6.79
N LEU D 350 -14.79 -10.40 7.33
CA LEU D 350 -16.04 -10.45 6.57
C LEU D 350 -16.12 -9.29 5.57
N PHE D 351 -15.55 -8.15 5.94
CA PHE D 351 -15.52 -6.99 5.08
C PHE D 351 -14.61 -7.23 3.87
N ARG D 352 -13.49 -7.88 4.11
CA ARG D 352 -12.53 -8.22 3.07
C ARG D 352 -13.20 -9.08 2.00
N ASP D 353 -14.15 -9.91 2.43
CA ASP D 353 -14.89 -10.77 1.51
C ASP D 353 -15.92 -10.00 0.68
N TYR D 354 -16.51 -8.95 1.27
CA TYR D 354 -17.51 -8.15 0.56
C TYR D 354 -16.95 -7.42 -0.64
N VAL D 355 -15.67 -7.06 -0.58
CA VAL D 355 -15.06 -6.26 -1.63
C VAL D 355 -14.39 -7.09 -2.72
N PHE D 356 -13.40 -7.88 -2.34
CA PHE D 356 -12.57 -8.58 -3.31
C PHE D 356 -13.10 -9.95 -3.73
N HIS D 357 -13.93 -10.55 -2.89
CA HIS D 357 -14.38 -11.91 -3.13
C HIS D 357 -15.86 -12.03 -3.49
N GLN D 358 -16.40 -10.95 -4.04
CA GLN D 358 -17.75 -10.94 -4.60
C GLN D 358 -17.92 -12.09 -5.57
N VAL D 359 -18.96 -12.89 -5.38
CA VAL D 359 -19.24 -13.99 -6.30
C VAL D 359 -20.68 -13.92 -6.77
N ASP D 360 -20.88 -14.24 -8.04
CA ASP D 360 -22.20 -14.25 -8.66
C ASP D 360 -22.99 -15.47 -8.24
N ALA D 361 -24.18 -15.62 -8.82
CA ALA D 361 -24.91 -16.87 -8.71
C ALA D 361 -24.05 -17.97 -9.34
N ASP D 362 -23.91 -19.09 -8.61
CA ASP D 362 -23.12 -20.26 -9.00
C ASP D 362 -21.62 -20.07 -8.73
N GLY D 363 -21.28 -18.97 -8.08
CA GLY D 363 -19.96 -18.77 -7.50
C GLY D 363 -18.76 -18.48 -8.38
N LYS D 364 -18.98 -18.09 -9.64
CA LYS D 364 -17.87 -17.66 -10.49
C LYS D 364 -17.35 -16.31 -9.99
N ALA D 365 -16.04 -16.11 -10.06
CA ALA D 365 -15.43 -14.89 -9.53
C ALA D 365 -15.90 -13.66 -10.31
N ARG D 366 -16.66 -12.81 -9.64
CA ARG D 366 -17.09 -11.54 -10.21
C ARG D 366 -15.98 -10.50 -10.11
N LEU D 367 -15.13 -10.42 -11.13
CA LEU D 367 -14.06 -9.44 -11.15
C LEU D 367 -14.60 -8.06 -11.50
N ASP D 368 -14.23 -7.07 -10.69
CA ASP D 368 -14.75 -5.72 -10.88
C ASP D 368 -13.81 -4.69 -10.25
N THR D 369 -12.91 -4.14 -11.05
CA THR D 369 -11.89 -3.22 -10.56
C THR D 369 -12.49 -1.87 -10.16
N ASN D 370 -13.68 -1.57 -10.67
CA ASN D 370 -14.44 -0.42 -10.22
C ASN D 370 -14.90 -0.56 -8.77
N HIS D 371 -15.33 -1.76 -8.41
CA HIS D 371 -15.82 -2.05 -7.08
C HIS D 371 -14.71 -1.91 -6.05
N TYR D 372 -13.54 -2.43 -6.39
CA TYR D 372 -12.37 -2.39 -5.50
C TYR D 372 -12.04 -0.94 -5.14
N LEU D 373 -12.14 -0.06 -6.14
CA LEU D 373 -11.88 1.35 -5.95
C LEU D 373 -12.97 2.00 -5.10
N ASN D 374 -14.21 1.81 -5.53
CA ASN D 374 -15.38 2.37 -4.86
C ASN D 374 -15.37 2.17 -3.35
N CYS D 375 -15.12 0.94 -2.93
CA CYS D 375 -15.10 0.62 -1.51
C CYS D 375 -13.97 1.32 -0.77
N LEU D 376 -12.81 1.40 -1.41
CA LEU D 376 -11.64 1.98 -0.77
C LEU D 376 -11.72 3.50 -0.70
N SER D 377 -12.45 4.10 -1.64
CA SER D 377 -12.72 5.53 -1.59
C SER D 377 -13.69 5.82 -0.45
N LYS D 378 -14.75 5.01 -0.38
CA LYS D 378 -15.71 5.09 0.72
C LYS D 378 -15.03 4.87 2.06
N LEU D 379 -14.01 4.01 2.08
CA LEU D 379 -13.21 3.79 3.28
C LEU D 379 -12.27 4.95 3.52
N ASP D 380 -11.87 5.61 2.43
CA ASP D 380 -10.92 6.71 2.51
C ASP D 380 -11.55 7.93 3.17
N ALA D 381 -12.84 8.16 2.91
CA ALA D 381 -13.55 9.32 3.43
C ALA D 381 -14.42 8.99 4.64
N SER D 382 -14.44 7.72 5.03
CA SER D 382 -15.28 7.22 6.12
C SER D 382 -16.75 7.50 5.85
N SER D 383 -17.22 7.08 4.67
CA SER D 383 -18.60 7.26 4.25
C SER D 383 -19.60 6.60 5.20
N GLU D 384 -20.71 7.28 5.44
CA GLU D 384 -21.74 6.78 6.37
C GLU D 384 -22.70 5.77 5.73
N GLU D 385 -22.38 5.34 4.51
CA GLU D 385 -23.16 4.31 3.84
C GLU D 385 -23.00 2.98 4.56
N GLN D 386 -24.09 2.22 4.64
CA GLN D 386 -24.07 0.94 5.33
C GLN D 386 -24.13 -0.21 4.34
N ILE D 387 -23.34 -1.25 4.59
CA ILE D 387 -23.34 -2.43 3.73
C ILE D 387 -23.74 -3.65 4.54
N LEU D 388 -24.12 -4.71 3.84
CA LEU D 388 -24.55 -5.94 4.49
C LEU D 388 -23.39 -6.91 4.66
N LEU D 389 -23.00 -7.17 5.90
CA LEU D 389 -22.00 -8.18 6.20
C LEU D 389 -22.67 -9.41 6.83
N THR D 390 -22.36 -10.58 6.29
CA THR D 390 -22.98 -11.82 6.73
C THR D 390 -21.92 -12.91 6.89
N SER D 391 -22.13 -13.82 7.84
CA SER D 391 -21.21 -14.93 8.05
C SER D 391 -21.54 -16.09 7.09
N ARG D 392 -20.72 -17.12 7.12
CA ARG D 392 -20.92 -18.30 6.28
C ARG D 392 -22.21 -19.06 6.60
N ASP D 393 -22.41 -19.36 7.89
CA ASP D 393 -23.59 -20.09 8.32
C ASP D 393 -24.82 -19.19 8.42
N ASN D 394 -24.64 -17.92 8.06
CA ASN D 394 -25.70 -16.90 8.13
C ASN D 394 -26.16 -16.65 9.56
N ALA D 395 -25.38 -17.12 10.53
CA ALA D 395 -25.71 -16.92 11.94
C ALA D 395 -25.47 -15.48 12.36
N THR D 396 -24.29 -14.96 12.03
CA THR D 396 -23.92 -13.60 12.39
C THR D 396 -24.27 -12.65 11.24
N VAL D 397 -24.88 -11.51 11.58
CA VAL D 397 -25.29 -10.53 10.58
C VAL D 397 -24.99 -9.10 11.04
N PHE D 398 -24.17 -8.39 10.28
CA PHE D 398 -23.82 -7.00 10.59
C PHE D 398 -24.46 -6.00 9.64
N VAL D 399 -24.74 -4.81 10.16
CA VAL D 399 -25.11 -3.66 9.34
C VAL D 399 -24.24 -2.49 9.77
N VAL D 400 -23.16 -2.26 9.02
CA VAL D 400 -22.11 -1.35 9.47
C VAL D 400 -21.66 -0.36 8.38
N SER D 401 -21.34 0.86 8.79
CA SER D 401 -20.84 1.89 7.88
C SER D 401 -19.32 1.81 7.71
N TYR D 402 -18.83 2.33 6.59
CA TYR D 402 -17.40 2.34 6.30
C TYR D 402 -16.58 3.04 7.37
N ARG D 403 -17.14 4.12 7.92
CA ARG D 403 -16.48 4.92 8.95
C ARG D 403 -16.06 4.08 10.15
N SER D 404 -16.92 3.15 10.54
CA SER D 404 -16.64 2.28 11.68
C SER D 404 -15.49 1.34 11.36
N ILE D 405 -15.55 0.71 10.20
CA ILE D 405 -14.54 -0.25 9.77
C ILE D 405 -13.16 0.38 9.75
N ARG D 406 -13.08 1.60 9.21
CA ARG D 406 -11.84 2.36 9.17
C ARG D 406 -11.24 2.51 10.56
N GLN D 407 -12.08 2.82 11.55
CA GLN D 407 -11.64 2.96 12.92
C GLN D 407 -11.12 1.65 13.51
N MET D 408 -11.79 0.55 13.17
CA MET D 408 -11.37 -0.77 13.62
C MET D 408 -10.05 -1.18 12.97
N LEU D 409 -9.86 -0.77 11.73
CA LEU D 409 -8.64 -1.06 11.00
C LEU D 409 -7.46 -0.28 11.57
N ASP D 410 -7.66 1.02 11.76
CA ASP D 410 -6.60 1.89 12.30
C ASP D 410 -6.13 1.43 13.67
N ARG D 411 -7.06 0.92 14.47
CA ARG D 411 -6.73 0.40 15.79
C ARG D 411 -6.00 -0.93 15.68
N ALA D 412 -6.54 -1.83 14.85
CA ALA D 412 -5.95 -3.16 14.66
C ALA D 412 -4.51 -3.05 14.17
N TYR D 413 -4.29 -2.24 13.14
CA TYR D 413 -2.95 -1.99 12.63
C TYR D 413 -2.10 -1.31 13.69
N GLY D 414 -2.71 -0.40 14.44
CA GLY D 414 -2.04 0.33 15.49
C GLY D 414 -1.57 -0.57 16.62
N GLU D 415 -2.42 -1.52 17.00
CA GLU D 415 -2.14 -2.39 18.13
C GLU D 415 -1.06 -3.43 17.81
N LEU D 416 -0.93 -3.77 16.54
CA LEU D 416 0.06 -4.75 16.11
C LEU D 416 1.50 -4.31 16.33
N GLY D 417 1.74 -3.00 16.22
CA GLY D 417 3.10 -2.47 16.35
C GLY D 417 3.52 -2.25 17.79
N LYS D 418 2.56 -2.36 18.71
CA LYS D 418 2.82 -2.09 20.12
C LYS D 418 3.31 -3.33 20.85
O1 MES E . 16.44 -54.73 -3.98
C2 MES E . 15.21 -55.45 -4.07
C3 MES E . 14.68 -55.50 -5.49
N4 MES E . 14.80 -54.20 -6.14
C5 MES E . 16.01 -53.40 -5.93
C6 MES E . 16.27 -53.39 -4.42
C7 MES E . 14.27 -54.14 -7.49
C8 MES E . 13.33 -52.94 -7.59
S MES E . 13.94 -51.94 -8.77
O1S MES E . 15.41 -52.06 -8.77
O2S MES E . 13.56 -50.54 -8.49
O3S MES E . 13.38 -52.34 -10.08
PG ANP F . -13.02 44.16 2.54
O1G ANP F . -12.71 45.26 1.57
O2G ANP F . -12.77 44.55 3.97
O3G ANP F . -14.34 43.47 2.30
PB ANP F . -12.14 41.37 2.98
O1B ANP F . -11.24 41.25 4.19
O2B ANP F . -13.62 41.18 3.17
N3B ANP F . -11.86 42.91 2.25
PA ANP F . -12.31 40.28 0.50
O1A ANP F . -13.67 40.91 0.63
O2A ANP F . -11.30 40.83 -0.48
O3A ANP F . -11.65 40.25 1.95
O5' ANP F . -12.49 38.71 0.20
C5' ANP F . -11.33 37.91 0.02
C4' ANP F . -11.41 36.67 0.90
O4' ANP F . -11.73 35.55 0.08
C3' ANP F . -10.05 36.36 1.48
O3' ANP F . -10.20 35.65 2.70
C2' ANP F . -9.41 35.46 0.46
O2' ANP F . -8.74 34.38 1.13
C1' ANP F . -10.54 34.93 -0.38
N9 ANP F . -10.34 35.32 -1.79
C8 ANP F . -10.07 36.55 -2.24
N7 ANP F . -9.95 36.58 -3.58
C5 ANP F . -10.14 35.32 -4.02
C6 ANP F . -10.15 34.65 -5.33
N6 ANP F . -9.91 35.34 -6.47
N1 ANP F . -10.39 33.33 -5.36
C2 ANP F . -10.61 32.63 -4.23
N3 ANP F . -10.62 33.18 -3.01
C4 ANP F . -10.40 34.50 -2.85
MG MG G . -15.41 41.69 2.29
O1 MES H . -39.65 -21.55 37.86
C2 MES H . -38.84 -22.36 38.70
C3 MES H . -37.97 -21.52 39.63
N4 MES H . -37.37 -20.41 38.92
C5 MES H . -38.16 -19.69 37.91
C6 MES H . -38.83 -20.72 37.04
C7 MES H . -36.51 -19.55 39.73
C8 MES H . -35.22 -19.31 38.97
S MES H . -34.88 -17.68 39.06
O1S MES H . -36.15 -16.93 39.01
O2S MES H . -34.02 -17.30 37.92
O3S MES H . -34.16 -17.41 40.32
PG ANP I . 30.84 12.46 -24.78
O1G ANP I . 30.69 12.67 -26.27
O2G ANP I . 31.18 11.05 -24.39
O3G ANP I . 31.69 13.51 -24.09
PB ANP I . 27.94 11.58 -24.51
O1B ANP I . 27.20 12.07 -25.73
O2B ANP I . 28.55 10.20 -24.54
N3B ANP I . 29.22 12.72 -24.14
PA ANP I . 27.37 11.96 -21.79
O1A ANP I . 28.72 11.30 -21.56
O2A ANP I . 27.23 13.45 -21.60
O3A ANP I . 26.89 11.60 -23.29
O5' ANP I . 26.28 11.21 -20.89
C5' ANP I . 25.75 9.95 -21.27
C4' ANP I . 24.24 10.08 -21.47
O4' ANP I . 23.59 9.99 -20.20
C3' ANP I . 23.87 11.41 -22.10
O3' ANP I . 23.19 11.19 -23.33
C2' ANP I . 22.95 12.10 -21.12
O2' ANP I . 21.67 12.34 -21.72
C1' ANP I . 22.80 11.15 -19.93
N9 ANP I . 23.29 11.82 -18.70
C8 ANP I . 24.38 12.61 -18.61
N7 ANP I . 24.56 13.06 -17.34
C5 ANP I . 23.57 12.56 -16.59
C6 ANP I . 23.15 12.63 -15.17
N6 ANP I . 23.86 13.36 -14.28
N1 ANP I . 22.05 11.96 -14.80
C2 ANP I . 21.33 11.22 -15.68
N3 ANP I . 21.65 11.11 -16.98
C4 ANP I . 22.73 11.74 -17.48
MG MG J . 30.24 9.22 -23.64
#